data_8CUB
#
_entry.id   8CUB
#
_cell.length_a   173.268
_cell.length_b   230.110
_cell.length_c   249.819
_cell.angle_alpha   90.000
_cell.angle_beta   90.000
_cell.angle_gamma   90.000
#
_symmetry.space_group_name_H-M   'I 2 2 2'
#
loop_
_entity.id
_entity.type
_entity.pdbx_description
1 polymer 'ATP-binding cassette sub-family G member 5'
2 polymer 'ATP-binding cassette sub-family G member 8'
3 non-polymer CHOLESTEROL
#
loop_
_entity_poly.entity_id
_entity_poly.type
_entity_poly.pdbx_seq_one_letter_code
_entity_poly.pdbx_strand_id
1 'polypeptide(L)'
;DLSSLTPGGSMGLQVNRGSQSSLEGAPATAPEPHSLGILHASYSVSHRVRPWWDITSCRQQWTRQILKDVSLYVESGQIM
CILGSSGSGKTTLLDAMSGRLGRAGTFLGEVYVNGRALRREQFQDCFSYVLQSDTLLSSLTVRETLHYTALLAIRRGNPG
SFQKKVEAVMAELSLSHVADRLIGNYSLGGISTGERRRVSIAAQLLQDPKVMLFDEPTTGLDCMTANQIVVLLVELARRN
RIVVLTIHQPRSELFQLFDKIAILSFGELIFCGTPAEMLDFFNDCGYPCPEHSNPFDFYMDLTSVDTQSKEREIETSKRV
QMIESAYKKSAICHKTLKNIERMKHLKTLPMVPFKTKDSPGVFSKLGVLLRRVTRNLVRNKLAVITRLLQNLIMGLFLLF
FVLRVRSNVLKGAIQDRVGLLYQFVGATPYTGMLNAVNLFPVLRAVSDQESQDGLYQKWQMMLAYALHVLPFSVVATMIF
SSVCYWTLGLHPEVARFGYFSAALLAPHLIGEFLTLVLLGIVQNPNIVNSVVALLSIAGVLVGSGFLRNIQEMPIPFKII
SYFTFQKYCSEILVVNEFYGLNFTCGSSNVSVTTNPMCAFTQGIQFIEKTCPGATSRFTMNFLILYSFIPALVILGIVVF
KIRDHLISRGSHHHHHHGHHHHHH
;
C,A
2 'polypeptide(L)'
;MGSAGKAAEERGLPKGATPQDTSGLQDRLFSSESDNSLYFTYSGQPNTLEVRDLNYQVDLASQVPWFEQLAQFKMPWTSP
SCQNSCELGIQNLSFKVRSGQMLAIIGSSGCGRASLLDVITGRGHGGKIKSGQIWINGQPSSPQLVRKCVAHVRQHNQLL
PNLTVRETLAFIAQMRLPRTFSQAQRDKRVEDVIAELRLRQCADTRVGNMYVRGLSGGERRRVSIGVQLLWNPGILILDE
PTSGLDSFTAHNLVKTLSRLAKGNRLVLISLHQPRSDIFRLFDLVLLMTSGTPIYLGAAQHMVQYFTAIGYPCPRYSNPA
DFYVDLTSIDRRSREQELATREKAQSLAALFLEKVRDLDDFLWKAETKDLDEDTCVESSVTPLDTNCLPSPTKMPGAVQQ
FTTLIRRQISNDFRDLPTLLIHGAEACLMSMTIGFLYFGHGSIQLSFMDTAALLFMIGALIPFNVILDVISKCYSERAML
YYELEDGLYTTGPYFFAKILGELPEHCAYIIIYGMPTYWLANLRPGLQPFLLHFLLVWLVVFCCRIMALAAAALLPTFHM
ASFFSNALYNSFYLAGGFMINLSSLWTVPAWISKVSFLRWCFEGLMKIQFSRRTYKMPLGNLTIAVSGDKILSVMELDSY
PLYAIYLIVIGLSGGFMVLYYVSLRFIKQKPSQDWASNSLEVLFQME
;
D,B
#
# COMPACT_ATOMS: atom_id res chain seq x y z
N GLU A 32 -16.33 29.46 56.88
CA GLU A 32 -16.29 28.75 55.61
C GLU A 32 -15.80 27.31 55.75
N PRO A 33 -16.71 26.41 56.11
CA PRO A 33 -16.32 24.98 56.13
C PRO A 33 -16.27 24.39 54.72
N HIS A 34 -15.27 24.84 53.97
CA HIS A 34 -15.05 24.37 52.61
C HIS A 34 -14.46 22.96 52.60
N SER A 35 -15.13 22.02 51.95
CA SER A 35 -14.79 20.61 52.08
C SER A 35 -14.99 19.88 50.76
N LEU A 36 -14.23 18.81 50.58
CA LEU A 36 -14.34 17.89 49.45
C LEU A 36 -14.62 16.49 49.97
N GLY A 37 -15.54 15.79 49.33
CA GLY A 37 -15.88 14.44 49.75
C GLY A 37 -16.03 13.48 48.60
N ILE A 38 -16.05 12.19 48.97
CA ILE A 38 -16.35 11.10 48.05
C ILE A 38 -17.31 10.14 48.77
N LEU A 39 -18.59 10.20 48.43
CA LEU A 39 -19.58 9.35 49.10
C LEU A 39 -19.32 7.88 48.82
N HIS A 40 -19.01 7.54 47.57
CA HIS A 40 -18.47 6.23 47.23
C HIS A 40 -17.61 6.42 45.98
N ALA A 41 -16.82 5.40 45.66
CA ALA A 41 -15.93 5.49 44.52
C ALA A 41 -15.63 4.09 44.01
N SER A 42 -15.77 3.90 42.71
CA SER A 42 -15.51 2.59 42.11
C SER A 42 -15.16 2.80 40.65
N TYR A 43 -14.33 1.90 40.12
CA TYR A 43 -13.82 2.07 38.76
C TYR A 43 -13.31 0.72 38.26
N SER A 44 -13.66 0.40 37.02
CA SER A 44 -13.31 -0.87 36.40
C SER A 44 -12.97 -0.65 34.93
N VAL A 45 -12.12 -1.51 34.41
CA VAL A 45 -11.72 -1.44 33.01
C VAL A 45 -12.27 -2.68 32.30
N SER A 46 -12.30 -2.61 30.97
CA SER A 46 -12.72 -3.73 30.14
C SER A 46 -12.05 -3.69 28.77
N THR A 63 -11.15 -7.62 32.12
CA THR A 63 -12.19 -6.74 32.63
C THR A 63 -12.23 -6.69 34.16
N ARG A 64 -11.05 -6.48 34.75
CA ARG A 64 -10.89 -6.38 36.19
C ARG A 64 -11.29 -4.99 36.68
N GLN A 65 -11.39 -4.86 38.01
CA GLN A 65 -11.70 -3.61 38.67
C GLN A 65 -10.45 -3.04 39.35
N ILE A 66 -10.44 -1.72 39.56
CA ILE A 66 -9.25 -1.01 40.04
C ILE A 66 -9.50 -0.29 41.35
N LEU A 67 -10.69 0.27 41.56
CA LEU A 67 -11.02 0.91 42.82
C LEU A 67 -12.32 0.34 43.40
N LYS A 68 -12.38 0.28 44.74
CA LYS A 68 -13.55 -0.25 45.44
C LYS A 68 -13.89 0.65 46.63
N ASP A 69 -15.14 1.12 46.67
CA ASP A 69 -15.72 1.87 47.80
C ASP A 69 -14.73 2.81 48.48
N VAL A 70 -14.06 3.64 47.70
CA VAL A 70 -13.13 4.62 48.25
C VAL A 70 -13.95 5.80 48.76
N SER A 71 -14.03 5.95 50.08
CA SER A 71 -14.80 7.01 50.71
C SER A 71 -13.83 7.90 51.48
N LEU A 72 -13.77 9.17 51.09
CA LEU A 72 -12.81 10.08 51.70
C LEU A 72 -13.47 11.42 51.99
N TYR A 73 -12.88 12.15 52.93
CA TYR A 73 -13.40 13.43 53.38
C TYR A 73 -12.21 14.27 53.83
N VAL A 74 -12.01 15.40 53.16
CA VAL A 74 -10.93 16.31 53.48
C VAL A 74 -11.53 17.70 53.61
N GLU A 75 -11.01 18.48 54.55
CA GLU A 75 -11.47 19.83 54.78
C GLU A 75 -10.46 20.81 54.24
N SER A 76 -10.88 22.07 54.15
CA SER A 76 -9.95 23.13 53.82
C SER A 76 -8.94 23.29 54.94
N GLY A 77 -7.68 23.50 54.58
CA GLY A 77 -6.62 23.56 55.56
C GLY A 77 -5.94 22.24 55.84
N GLN A 78 -6.50 21.13 55.36
CA GLN A 78 -5.89 19.82 55.56
C GLN A 78 -5.08 19.43 54.33
N ILE A 79 -3.95 18.79 54.57
CA ILE A 79 -3.13 18.22 53.52
C ILE A 79 -3.16 16.71 53.71
N MET A 80 -3.77 16.01 52.76
CA MET A 80 -3.94 14.58 52.88
C MET A 80 -2.84 13.89 52.09
N CYS A 81 -2.36 12.78 52.63
CA CYS A 81 -1.32 11.98 52.01
C CYS A 81 -1.87 10.60 51.73
N ILE A 82 -1.61 10.08 50.54
CA ILE A 82 -2.12 8.79 50.12
C ILE A 82 -0.91 7.89 49.84
N LEU A 83 -0.69 6.91 50.71
CA LEU A 83 0.31 5.91 50.46
C LEU A 83 -0.33 4.72 49.76
N GLY A 84 0.51 3.90 49.15
CA GLY A 84 0.03 2.68 48.52
C GLY A 84 1.13 1.98 47.75
N SER A 85 1.09 0.65 47.73
CA SER A 85 2.09 -0.09 46.98
C SER A 85 1.75 -0.04 45.48
N SER A 86 2.55 -0.72 44.67
CA SER A 86 2.35 -0.70 43.23
C SER A 86 1.02 -1.35 42.87
N GLY A 87 0.32 -0.75 41.91
CA GLY A 87 -1.00 -1.21 41.57
C GLY A 87 -2.05 -0.91 42.62
N SER A 88 -1.75 -0.03 43.56
CA SER A 88 -2.75 0.40 44.53
C SER A 88 -3.92 1.10 43.85
N GLY A 89 -3.67 1.73 42.70
CA GLY A 89 -4.63 2.62 42.10
C GLY A 89 -4.66 3.98 42.75
N LYS A 90 -3.66 4.30 43.58
CA LYS A 90 -3.59 5.63 44.17
C LYS A 90 -3.36 6.68 43.08
N THR A 91 -2.55 6.35 42.08
CA THR A 91 -2.44 7.21 40.91
C THR A 91 -3.80 7.37 40.23
N THR A 92 -4.60 6.29 40.22
CA THR A 92 -5.91 6.32 39.56
C THR A 92 -6.92 7.16 40.35
N LEU A 93 -6.83 7.16 41.68
CA LEU A 93 -7.82 7.87 42.49
C LEU A 93 -7.70 9.38 42.31
N LEU A 94 -6.47 9.91 42.19
CA LEU A 94 -6.29 11.33 41.93
C LEU A 94 -6.94 11.72 40.61
N ASP A 95 -6.73 10.91 39.57
CA ASP A 95 -7.37 11.15 38.29
C ASP A 95 -8.90 11.08 38.39
N ALA A 96 -9.41 10.32 39.37
CA ALA A 96 -10.86 10.27 39.57
C ALA A 96 -11.41 11.62 40.03
N MET A 97 -10.72 12.31 40.93
CA MET A 97 -11.27 13.55 41.46
C MET A 97 -11.18 14.68 40.45
N SER A 98 -10.01 14.92 39.88
CA SER A 98 -9.83 15.97 38.87
C SER A 98 -10.69 15.68 37.65
N GLY A 99 -11.35 14.53 37.65
CA GLY A 99 -12.21 14.15 36.56
C GLY A 99 -11.49 13.99 35.25
N ARG A 100 -10.25 13.52 35.27
CA ARG A 100 -9.46 13.40 34.06
C ARG A 100 -9.52 11.97 33.49
N LEU A 101 -10.43 11.14 33.99
CA LEU A 101 -10.72 9.88 33.33
C LEU A 101 -11.82 10.03 32.28
N GLY A 102 -12.92 10.68 32.64
CA GLY A 102 -14.02 10.93 31.73
C GLY A 102 -15.03 9.81 31.62
N ARG A 103 -14.87 8.91 30.63
CA ARG A 103 -15.78 7.78 30.48
C ARG A 103 -15.08 6.53 29.93
N ALA A 104 -13.78 6.35 30.24
CA ALA A 104 -13.04 5.19 29.75
C ALA A 104 -13.46 3.88 30.42
N GLY A 105 -14.04 3.96 31.61
CA GLY A 105 -14.53 2.81 32.35
C GLY A 105 -15.93 3.09 32.88
N THR A 106 -16.19 2.63 34.10
CA THR A 106 -17.43 2.97 34.78
C THR A 106 -17.14 3.47 36.18
N PHE A 107 -17.59 4.69 36.47
CA PHE A 107 -17.48 5.31 37.78
C PHE A 107 -18.89 5.54 38.30
N LEU A 108 -19.24 4.85 39.38
CA LEU A 108 -20.55 5.02 39.99
C LEU A 108 -20.44 5.64 41.37
N GLY A 109 -19.34 6.37 41.61
CA GLY A 109 -19.15 7.12 42.83
C GLY A 109 -19.79 8.49 42.75
N GLU A 110 -19.72 9.21 43.86
CA GLU A 110 -20.28 10.55 43.94
C GLU A 110 -19.26 11.49 44.57
N VAL A 111 -18.97 12.58 43.89
CA VAL A 111 -17.98 13.57 44.32
C VAL A 111 -18.74 14.82 44.71
N TYR A 112 -18.72 15.14 46.00
CA TYR A 112 -19.41 16.30 46.55
C TYR A 112 -18.43 17.41 46.88
N VAL A 113 -18.78 18.64 46.51
CA VAL A 113 -17.99 19.83 46.85
C VAL A 113 -18.94 20.90 47.38
N ASN A 114 -18.73 21.31 48.63
CA ASN A 114 -19.57 22.28 49.32
C ASN A 114 -21.02 21.81 49.43
N GLY A 115 -21.20 20.60 49.97
CA GLY A 115 -22.52 20.05 50.22
C GLY A 115 -23.31 19.75 48.98
N ARG A 116 -22.79 20.10 47.81
CA ARG A 116 -23.45 19.93 46.52
C ARG A 116 -22.74 18.86 45.71
N ALA A 117 -23.53 18.06 44.99
CA ALA A 117 -22.96 17.08 44.08
C ALA A 117 -22.47 17.74 42.80
N LEU A 118 -21.38 17.20 42.26
CA LEU A 118 -20.80 17.67 41.01
C LEU A 118 -21.16 16.73 39.87
N ARG A 119 -21.38 17.33 38.71
CA ARG A 119 -21.57 16.58 37.49
C ARG A 119 -20.21 16.19 36.93
N ARG A 120 -20.20 15.18 36.05
CA ARG A 120 -18.94 14.77 35.43
C ARG A 120 -18.30 15.91 34.64
N GLU A 121 -19.11 16.89 34.24
CA GLU A 121 -18.70 18.04 33.45
C GLU A 121 -18.13 19.18 34.29
N GLN A 122 -18.20 19.11 35.63
CA GLN A 122 -17.67 20.16 36.50
C GLN A 122 -16.46 19.72 37.32
N PHE A 123 -15.78 18.63 36.95
CA PHE A 123 -14.59 18.24 37.71
C PHE A 123 -13.36 19.03 37.28
N GLN A 124 -13.17 19.23 35.97
CA GLN A 124 -12.16 20.15 35.48
C GLN A 124 -12.46 21.59 35.87
N ASP A 125 -13.71 21.89 36.19
CA ASP A 125 -14.16 23.22 36.55
C ASP A 125 -13.91 23.58 38.00
N CYS A 126 -13.03 22.87 38.70
CA CYS A 126 -12.82 23.15 40.12
C CYS A 126 -11.41 22.82 40.57
N PHE A 127 -10.86 21.72 40.07
CA PHE A 127 -9.65 21.13 40.63
C PHE A 127 -8.43 21.48 39.79
N SER A 128 -7.33 21.78 40.48
CA SER A 128 -6.02 21.79 39.84
C SER A 128 -5.38 20.42 39.96
N TYR A 129 -4.48 20.11 39.01
CA TYR A 129 -3.80 18.83 39.03
C TYR A 129 -2.48 18.95 38.26
N VAL A 130 -1.38 18.60 38.90
CA VAL A 130 -0.04 18.70 38.34
C VAL A 130 0.58 17.32 38.26
N LEU A 131 1.22 17.02 37.13
CA LEU A 131 1.89 15.74 36.90
C LEU A 131 3.21 15.68 37.66
N GLN A 132 3.71 14.45 37.84
CA GLN A 132 4.94 14.24 38.62
C GLN A 132 6.20 14.58 37.83
N SER A 133 6.07 14.77 36.52
CA SER A 133 7.18 15.17 35.67
C SER A 133 6.68 16.36 34.88
N ASP A 134 7.14 17.55 35.27
CA ASP A 134 6.67 18.80 34.70
C ASP A 134 7.43 19.14 33.43
N THR A 135 6.69 19.46 32.37
CA THR A 135 7.26 19.79 31.07
C THR A 135 7.12 21.29 30.82
N LEU A 136 8.25 21.99 30.83
CA LEU A 136 8.31 23.43 30.61
C LEU A 136 9.20 23.72 29.41
N LEU A 137 8.75 24.65 28.56
CA LEU A 137 9.54 25.06 27.41
C LEU A 137 10.85 25.67 27.88
N SER A 138 11.96 25.15 27.35
CA SER A 138 13.28 25.45 27.89
C SER A 138 13.83 26.81 27.47
N SER A 139 13.23 27.47 26.47
CA SER A 139 13.77 28.73 25.98
C SER A 139 13.00 29.94 26.49
N LEU A 140 12.14 29.76 27.49
CA LEU A 140 11.39 30.86 28.07
C LEU A 140 11.82 31.09 29.51
N THR A 141 11.68 32.33 29.97
CA THR A 141 12.02 32.59 31.36
C THR A 141 10.85 32.17 32.24
N VAL A 142 11.02 32.31 33.56
CA VAL A 142 9.96 31.94 34.48
C VAL A 142 8.82 32.95 34.44
N ARG A 143 9.16 34.25 34.34
CA ARG A 143 8.13 35.24 34.10
C ARG A 143 7.39 34.96 32.81
N GLU A 144 8.14 34.67 31.73
CA GLU A 144 7.52 34.35 30.45
C GLU A 144 6.60 33.14 30.55
N THR A 145 7.10 32.04 31.12
CA THR A 145 6.26 30.85 31.25
C THR A 145 4.99 31.16 32.03
N LEU A 146 5.12 31.90 33.13
CA LEU A 146 3.95 32.30 33.91
C LEU A 146 3.12 33.34 33.17
N HIS A 147 3.77 34.25 32.43
CA HIS A 147 3.04 35.25 31.66
C HIS A 147 2.15 34.59 30.61
N TYR A 148 2.74 33.75 29.75
CA TYR A 148 1.95 33.03 28.75
C TYR A 148 0.89 32.16 29.38
N THR A 149 1.21 31.52 30.52
CA THR A 149 0.19 30.77 31.25
C THR A 149 -0.92 31.70 31.72
N ALA A 150 -0.56 32.83 32.33
CA ALA A 150 -1.56 33.81 32.73
C ALA A 150 -2.42 34.26 31.56
N LEU A 151 -1.80 34.45 30.38
CA LEU A 151 -2.54 34.89 29.21
C LEU A 151 -3.60 33.88 28.78
N LEU A 152 -3.30 32.58 28.88
CA LEU A 152 -4.21 31.54 28.44
C LEU A 152 -5.34 31.25 29.41
N ALA A 153 -5.30 31.77 30.64
CA ALA A 153 -6.24 31.39 31.69
C ALA A 153 -7.41 32.35 31.87
N ILE A 154 -7.23 33.65 31.69
CA ILE A 154 -8.26 34.65 31.97
C ILE A 154 -8.68 35.33 30.68
N ARG A 155 -9.95 35.78 30.63
CA ARG A 155 -10.44 36.48 29.46
C ARG A 155 -10.57 37.99 29.67
N ARG A 156 -10.65 38.46 30.91
CA ARG A 156 -10.72 39.89 31.14
C ARG A 156 -9.36 40.56 30.86
N GLY A 157 -9.41 41.87 30.66
CA GLY A 157 -8.26 42.63 30.22
C GLY A 157 -7.23 43.05 31.24
N ASN A 158 -6.73 44.29 31.06
CA ASN A 158 -5.69 45.04 31.78
C ASN A 158 -4.37 44.27 31.91
N PRO A 159 -3.52 44.33 30.89
CA PRO A 159 -2.24 43.59 30.94
C PRO A 159 -1.31 44.04 32.06
N GLY A 160 -1.48 45.25 32.61
CA GLY A 160 -0.67 45.65 33.75
C GLY A 160 -0.92 44.81 34.98
N SER A 161 -2.19 44.51 35.26
CA SER A 161 -2.55 43.68 36.40
C SER A 161 -2.26 42.20 36.16
N PHE A 162 -1.84 41.84 34.95
CA PHE A 162 -1.31 40.49 34.73
C PHE A 162 0.10 40.37 35.30
N GLN A 163 0.93 41.39 35.06
CA GLN A 163 2.23 41.44 35.71
C GLN A 163 2.10 41.51 37.23
N LYS A 164 0.96 41.98 37.76
CA LYS A 164 0.75 41.89 39.20
C LYS A 164 0.50 40.46 39.63
N LYS A 165 -0.34 39.72 38.88
CA LYS A 165 -0.62 38.34 39.25
C LYS A 165 0.54 37.39 38.91
N VAL A 166 1.24 37.62 37.80
CA VAL A 166 2.44 36.80 37.53
C VAL A 166 3.46 37.03 38.63
N GLU A 167 3.61 38.28 39.07
CA GLU A 167 4.56 38.56 40.13
C GLU A 167 4.06 38.03 41.47
N ALA A 168 2.74 37.99 41.65
CA ALA A 168 2.15 37.53 42.90
C ALA A 168 2.53 36.08 43.18
N VAL A 169 2.32 35.19 42.20
CA VAL A 169 2.55 33.77 42.40
C VAL A 169 4.03 33.44 42.49
N MET A 170 4.92 34.35 42.10
CA MET A 170 6.34 34.14 42.26
C MET A 170 6.84 34.53 43.64
N ALA A 171 6.11 35.39 44.34
CA ALA A 171 6.44 35.68 45.74
C ALA A 171 6.14 34.48 46.64
N GLU A 172 4.90 33.96 46.57
CA GLU A 172 4.49 32.91 47.50
C GLU A 172 5.36 31.66 47.37
N LEU A 173 5.93 31.41 46.20
CA LEU A 173 6.69 30.18 45.94
C LEU A 173 8.20 30.42 45.81
N SER A 174 8.68 31.57 46.27
CA SER A 174 10.13 31.87 46.32
C SER A 174 10.80 31.77 44.96
N LEU A 175 10.05 32.04 43.88
CA LEU A 175 10.63 32.11 42.54
C LEU A 175 10.75 33.53 42.00
N SER A 176 10.23 34.53 42.70
CA SER A 176 10.48 35.91 42.30
C SER A 176 11.96 36.23 42.31
N HIS A 177 12.77 35.43 43.00
CA HIS A 177 14.23 35.57 42.91
C HIS A 177 14.74 35.23 41.51
N VAL A 178 14.16 34.22 40.87
CA VAL A 178 14.72 33.67 39.64
C VAL A 178 13.79 33.95 38.45
N ALA A 179 12.80 34.81 38.63
CA ALA A 179 12.03 35.26 37.49
C ALA A 179 12.95 36.01 36.53
N ASP A 180 12.48 36.22 35.30
CA ASP A 180 13.25 36.90 34.27
C ASP A 180 14.57 36.17 33.98
N ARG A 181 14.78 35.01 34.61
CA ARG A 181 15.91 34.14 34.30
C ARG A 181 15.45 32.97 33.45
N LEU A 182 16.33 32.54 32.54
CA LEU A 182 16.03 31.44 31.65
C LEU A 182 15.91 30.12 32.41
N ILE A 183 14.93 29.30 32.02
CA ILE A 183 14.72 28.02 32.68
C ILE A 183 15.87 27.06 32.35
N GLY A 184 16.01 26.71 31.08
CA GLY A 184 17.20 26.00 30.62
C GLY A 184 17.24 24.52 30.94
N ASN A 185 18.42 24.05 31.31
CA ASN A 185 18.66 22.63 31.55
C ASN A 185 18.69 22.38 33.06
N TYR A 186 19.52 21.44 33.54
CA TYR A 186 19.48 21.05 34.95
C TYR A 186 20.24 21.98 35.89
N SER A 187 20.61 21.44 37.06
CA SER A 187 20.97 22.20 38.27
C SER A 187 21.95 23.36 38.09
N LEU A 188 23.20 23.07 37.73
CA LEU A 188 24.22 24.12 37.66
C LEU A 188 24.24 24.84 36.31
N GLY A 189 23.38 24.46 35.38
CA GLY A 189 23.37 25.06 34.06
C GLY A 189 22.00 25.48 33.59
N GLY A 190 21.17 25.95 34.52
CA GLY A 190 19.83 26.40 34.20
C GLY A 190 19.04 26.76 35.44
N ILE A 191 17.88 26.13 35.59
CA ILE A 191 17.07 26.25 36.80
C ILE A 191 17.08 24.90 37.53
N SER A 192 16.95 24.96 38.85
CA SER A 192 17.11 23.75 39.65
C SER A 192 15.85 22.89 39.60
N THR A 193 15.95 21.69 40.18
CA THR A 193 14.86 20.74 40.13
C THR A 193 13.64 21.25 40.88
N GLY A 194 13.82 21.62 42.15
CA GLY A 194 12.71 22.14 42.93
C GLY A 194 12.13 23.42 42.36
N GLU A 195 12.97 24.26 41.76
CA GLU A 195 12.47 25.48 41.12
C GLU A 195 11.57 25.16 39.93
N ARG A 196 11.92 24.12 39.16
CA ARG A 196 10.99 23.63 38.13
C ARG A 196 9.65 23.22 38.74
N ARG A 197 9.69 22.44 39.82
CA ARG A 197 8.46 22.04 40.49
C ARG A 197 7.64 23.26 40.90
N ARG A 198 8.32 24.31 41.37
CA ARG A 198 7.60 25.50 41.81
C ARG A 198 7.11 26.35 40.65
N VAL A 199 7.85 26.39 39.53
CA VAL A 199 7.32 27.04 38.33
C VAL A 199 6.00 26.38 37.94
N SER A 200 5.95 25.05 37.99
CA SER A 200 4.72 24.33 37.66
C SER A 200 3.62 24.59 38.67
N ILE A 201 3.98 24.72 39.95
CA ILE A 201 2.97 25.02 40.96
C ILE A 201 2.50 26.47 40.79
N ALA A 202 3.39 27.36 40.33
CA ALA A 202 2.98 28.73 40.04
C ALA A 202 1.98 28.76 38.88
N ALA A 203 2.25 27.99 37.82
CA ALA A 203 1.35 27.94 36.67
C ALA A 203 -0.04 27.44 37.05
N GLN A 204 -0.12 26.56 38.06
CA GLN A 204 -1.42 26.11 38.53
C GLN A 204 -2.05 27.10 39.51
N LEU A 205 -1.24 27.92 40.16
CA LEU A 205 -1.76 28.90 41.11
C LEU A 205 -2.34 30.14 40.42
N LEU A 206 -1.93 30.42 39.18
CA LEU A 206 -2.49 31.54 38.43
C LEU A 206 -3.98 31.42 38.17
N GLN A 207 -4.53 30.21 38.20
CA GLN A 207 -5.97 30.00 38.04
C GLN A 207 -6.73 30.07 39.35
N ASP A 208 -6.04 30.08 40.48
CA ASP A 208 -6.66 30.08 41.81
C ASP A 208 -7.65 28.93 42.03
N PRO A 209 -7.22 27.68 41.84
CA PRO A 209 -8.09 26.56 42.19
C PRO A 209 -8.19 26.43 43.70
N LYS A 210 -9.33 25.94 44.16
CA LYS A 210 -9.51 25.74 45.59
C LYS A 210 -9.17 24.34 46.05
N VAL A 211 -8.93 23.42 45.13
CA VAL A 211 -8.47 22.07 45.44
C VAL A 211 -7.28 21.78 44.55
N MET A 212 -6.22 21.22 45.14
CA MET A 212 -5.01 20.90 44.39
C MET A 212 -4.61 19.46 44.64
N LEU A 213 -4.59 18.67 43.58
CA LEU A 213 -4.19 17.27 43.62
C LEU A 213 -2.79 17.16 43.02
N PHE A 214 -1.85 16.67 43.82
CA PHE A 214 -0.46 16.47 43.43
C PHE A 214 -0.19 14.99 43.31
N ASP A 215 0.44 14.57 42.21
CA ASP A 215 0.84 13.18 42.03
C ASP A 215 2.34 13.06 42.28
N GLU A 216 2.71 12.34 43.33
CA GLU A 216 4.09 12.05 43.72
C GLU A 216 5.05 13.23 43.50
N PRO A 217 4.77 14.40 44.07
CA PRO A 217 5.62 15.58 43.77
C PRO A 217 7.06 15.45 44.23
N THR A 218 7.38 14.45 45.04
CA THR A 218 8.72 14.24 45.59
C THR A 218 9.40 13.00 45.01
N THR A 219 9.14 12.69 43.74
CA THR A 219 9.76 11.49 43.18
C THR A 219 11.23 11.75 42.84
N GLY A 220 11.49 12.63 41.87
CA GLY A 220 12.84 12.88 41.41
C GLY A 220 13.56 14.01 42.12
N LEU A 221 13.48 14.06 43.45
CA LEU A 221 14.01 15.20 44.19
C LEU A 221 15.01 14.77 45.25
N ASP A 222 15.79 15.75 45.72
CA ASP A 222 16.82 15.54 46.73
C ASP A 222 16.19 15.29 48.10
N CYS A 223 17.03 14.97 49.09
CA CYS A 223 16.52 14.86 50.45
C CYS A 223 16.04 16.20 50.97
N MET A 224 16.62 17.29 50.48
CA MET A 224 16.28 18.64 50.92
C MET A 224 15.16 19.22 50.07
N THR A 225 15.30 19.16 48.75
CA THR A 225 14.28 19.73 47.88
C THR A 225 12.95 18.99 48.03
N ALA A 226 12.99 17.65 48.11
CA ALA A 226 11.74 16.91 48.33
C ALA A 226 11.13 17.24 49.68
N ASN A 227 11.96 17.50 50.69
CA ASN A 227 11.43 17.98 51.95
C ASN A 227 10.92 19.40 51.82
N GLN A 228 11.65 20.24 51.06
CA GLN A 228 11.20 21.61 50.82
C GLN A 228 9.84 21.65 50.14
N ILE A 229 9.60 20.77 49.17
CA ILE A 229 8.33 20.76 48.48
C ILE A 229 7.21 20.33 49.41
N VAL A 230 7.48 19.33 50.26
CA VAL A 230 6.48 18.94 51.25
C VAL A 230 6.22 20.10 52.19
N VAL A 231 7.27 20.83 52.58
CA VAL A 231 7.11 22.03 53.38
C VAL A 231 6.27 23.07 52.64
N LEU A 232 6.59 23.30 51.36
CA LEU A 232 5.81 24.25 50.58
C LEU A 232 4.35 23.80 50.46
N LEU A 233 4.12 22.49 50.30
CA LEU A 233 2.74 22.01 50.14
C LEU A 233 1.93 22.17 51.42
N VAL A 234 2.55 21.96 52.59
CA VAL A 234 1.80 22.08 53.83
C VAL A 234 1.45 23.53 54.14
N GLU A 235 2.23 24.49 53.64
CA GLU A 235 1.84 25.88 53.77
C GLU A 235 0.64 26.22 52.88
N LEU A 236 0.64 25.71 51.65
CA LEU A 236 -0.43 26.01 50.71
C LEU A 236 -1.80 25.55 51.23
N ALA A 237 -1.84 24.39 51.90
CA ALA A 237 -3.11 23.86 52.34
C ALA A 237 -3.70 24.68 53.49
N ARG A 238 -2.87 25.07 54.46
CA ARG A 238 -3.36 25.86 55.59
C ARG A 238 -3.92 27.20 55.16
N ARG A 239 -3.64 27.63 53.93
CA ARG A 239 -4.19 28.87 53.40
C ARG A 239 -5.48 28.56 52.64
N ASN A 240 -6.51 28.21 53.42
CA ASN A 240 -7.85 27.79 52.96
C ASN A 240 -7.81 27.05 51.62
N ARG A 241 -7.03 25.99 51.55
CA ARG A 241 -6.84 25.24 50.31
C ARG A 241 -6.76 23.77 50.64
N ILE A 242 -7.19 22.94 49.69
CA ILE A 242 -7.14 21.49 49.86
C ILE A 242 -5.99 20.94 49.04
N VAL A 243 -5.07 20.25 49.71
CA VAL A 243 -3.91 19.64 49.08
C VAL A 243 -3.97 18.15 49.35
N VAL A 244 -4.11 17.36 48.29
CA VAL A 244 -4.10 15.92 48.39
C VAL A 244 -3.02 15.40 47.47
N LEU A 245 -2.07 14.65 48.03
CA LEU A 245 -0.93 14.16 47.26
C LEU A 245 -0.65 12.72 47.64
N THR A 246 0.04 12.02 46.74
CA THR A 246 0.54 10.68 46.98
C THR A 246 2.06 10.69 47.12
N ILE A 247 2.60 9.78 47.94
CA ILE A 247 4.04 9.67 48.17
C ILE A 247 4.47 8.21 48.09
N HIS A 248 5.64 7.97 47.50
CA HIS A 248 6.21 6.62 47.38
C HIS A 248 6.97 6.15 48.61
N GLN A 249 8.17 6.70 48.82
CA GLN A 249 9.06 6.34 49.91
C GLN A 249 8.99 7.43 50.97
N PRO A 250 7.88 7.52 51.69
CA PRO A 250 7.70 8.66 52.61
C PRO A 250 8.69 8.56 53.77
N ARG A 251 9.59 9.52 53.83
CA ARG A 251 10.61 9.48 54.85
C ARG A 251 9.99 9.75 56.22
N SER A 252 10.73 9.39 57.27
CA SER A 252 10.17 9.38 58.62
C SER A 252 9.61 10.75 59.01
N GLU A 253 10.29 11.83 58.62
CA GLU A 253 9.90 13.16 59.07
C GLU A 253 8.51 13.54 58.55
N LEU A 254 8.13 13.05 57.37
CA LEU A 254 6.88 13.45 56.74
C LEU A 254 5.65 13.00 57.52
N PHE A 255 5.82 12.13 58.52
CA PHE A 255 4.67 11.47 59.15
C PHE A 255 3.83 12.45 59.95
N GLN A 256 4.44 13.10 60.95
CA GLN A 256 3.72 13.99 61.86
C GLN A 256 3.36 15.33 61.22
N LEU A 257 3.36 15.39 59.89
CA LEU A 257 3.17 16.63 59.15
C LEU A 257 1.89 16.66 58.33
N PHE A 258 1.36 15.49 57.98
CA PHE A 258 0.15 15.35 57.19
C PHE A 258 -1.08 15.34 58.09
N ASP A 259 -2.17 15.90 57.58
CA ASP A 259 -3.38 15.99 58.39
C ASP A 259 -4.19 14.69 58.33
N LYS A 260 -4.24 14.05 57.17
CA LYS A 260 -4.87 12.74 57.04
C LYS A 260 -4.03 11.87 56.12
N ILE A 261 -3.78 10.65 56.57
CA ILE A 261 -3.05 9.65 55.78
C ILE A 261 -3.99 8.49 55.52
N ALA A 262 -4.01 8.01 54.27
CA ALA A 262 -4.88 6.93 53.86
C ALA A 262 -4.10 5.98 52.97
N ILE A 263 -4.42 4.69 53.08
CA ILE A 263 -3.71 3.63 52.35
C ILE A 263 -4.72 2.81 51.55
N LEU A 264 -4.43 2.65 50.26
CA LEU A 264 -5.14 1.74 49.37
C LEU A 264 -4.27 0.53 49.10
N SER A 265 -4.90 -0.63 48.98
CA SER A 265 -4.23 -1.85 48.53
C SER A 265 -5.19 -2.56 47.59
N PHE A 266 -4.90 -2.47 46.28
CA PHE A 266 -5.77 -2.99 45.24
C PHE A 266 -7.15 -2.32 45.31
N GLY A 267 -7.15 -1.00 45.36
CA GLY A 267 -8.39 -0.25 45.30
C GLY A 267 -9.17 -0.17 46.59
N GLU A 268 -8.97 -1.13 47.51
CA GLU A 268 -9.68 -1.08 48.78
C GLU A 268 -9.02 -0.08 49.72
N LEU A 269 -9.85 0.72 50.38
CA LEU A 269 -9.32 1.70 51.32
C LEU A 269 -9.04 0.96 52.62
N ILE A 270 -7.76 0.87 52.98
CA ILE A 270 -7.41 0.12 54.19
C ILE A 270 -7.59 0.98 55.43
N PHE A 271 -7.09 2.20 55.38
CA PHE A 271 -7.18 3.11 56.51
C PHE A 271 -7.32 4.53 55.99
N CYS A 272 -7.89 5.39 56.84
CA CYS A 272 -7.84 6.83 56.61
C CYS A 272 -8.03 7.49 57.97
N GLY A 273 -7.13 8.40 58.31
CA GLY A 273 -7.26 9.12 59.55
C GLY A 273 -6.07 10.01 59.80
N THR A 274 -6.02 10.55 61.00
CA THR A 274 -4.89 11.37 61.39
C THR A 274 -3.74 10.47 61.86
N PRO A 275 -2.49 10.95 61.75
CA PRO A 275 -1.37 10.14 62.26
C PRO A 275 -1.55 9.72 63.71
N ALA A 276 -2.22 10.53 64.53
CA ALA A 276 -2.58 10.08 65.88
C ALA A 276 -3.60 8.96 65.83
N GLU A 277 -4.69 9.14 65.06
CA GLU A 277 -5.69 8.08 64.93
C GLU A 277 -5.10 6.83 64.31
N MET A 278 -4.09 6.95 63.45
CA MET A 278 -3.51 5.78 62.81
C MET A 278 -2.71 4.95 63.81
N LEU A 279 -1.81 5.60 64.56
CA LEU A 279 -0.99 4.88 65.52
C LEU A 279 -1.85 4.14 66.52
N ASP A 280 -2.97 4.73 66.94
CA ASP A 280 -3.87 4.04 67.85
C ASP A 280 -4.54 2.85 67.19
N PHE A 281 -4.96 3.00 65.93
CA PHE A 281 -5.74 1.97 65.25
C PHE A 281 -4.97 0.65 65.10
N PHE A 282 -3.81 0.68 64.43
CA PHE A 282 -3.01 -0.54 64.31
C PHE A 282 -2.44 -1.02 65.63
N ASN A 283 -2.39 -0.18 66.67
CA ASN A 283 -2.04 -0.70 67.98
C ASN A 283 -3.20 -1.50 68.56
N ASP A 284 -4.42 -1.02 68.37
CA ASP A 284 -5.59 -1.76 68.81
C ASP A 284 -5.82 -2.99 67.94
N CYS A 285 -5.33 -2.97 66.70
CA CYS A 285 -5.36 -4.15 65.85
C CYS A 285 -4.30 -5.16 66.25
N GLY A 286 -3.29 -4.73 66.99
CA GLY A 286 -2.25 -5.60 67.48
C GLY A 286 -0.88 -5.47 66.84
N TYR A 287 -0.55 -4.32 66.25
CA TYR A 287 0.74 -4.11 65.59
C TYR A 287 1.35 -2.79 66.02
N PRO A 288 2.14 -2.79 67.09
CA PRO A 288 2.87 -1.58 67.46
C PRO A 288 3.99 -1.27 66.48
N CYS A 289 4.39 -0.01 66.48
CA CYS A 289 5.53 0.41 65.68
C CYS A 289 6.82 -0.06 66.33
N PRO A 290 7.66 -0.81 65.62
CA PRO A 290 8.98 -1.17 66.15
C PRO A 290 9.79 0.03 66.62
N GLU A 291 10.89 -0.23 67.32
CA GLU A 291 11.62 0.81 68.02
C GLU A 291 12.16 1.88 67.06
N HIS A 292 13.07 1.51 66.18
CA HIS A 292 13.62 2.42 65.18
C HIS A 292 13.11 2.14 63.77
N SER A 293 11.81 1.90 63.62
CA SER A 293 11.21 1.69 62.31
C SER A 293 10.36 2.89 61.92
N ASN A 294 10.51 3.34 60.68
CA ASN A 294 9.67 4.36 60.07
C ASN A 294 8.23 3.85 59.95
N PRO A 295 7.28 4.45 60.67
CA PRO A 295 5.90 3.94 60.63
C PRO A 295 5.34 3.84 59.23
N PHE A 296 5.74 4.74 58.33
CA PHE A 296 5.45 4.55 56.91
C PHE A 296 6.06 3.26 56.38
N ASP A 297 7.35 3.06 56.62
CA ASP A 297 8.01 1.83 56.17
C ASP A 297 7.41 0.58 56.81
N PHE A 298 6.72 0.75 57.95
CA PHE A 298 6.15 -0.38 58.67
C PHE A 298 4.71 -0.69 58.26
N TYR A 299 3.81 0.27 58.40
CA TYR A 299 2.41 -0.01 58.08
C TYR A 299 2.23 -0.24 56.59
N MET A 300 3.09 0.35 55.75
CA MET A 300 3.04 0.06 54.32
C MET A 300 3.34 -1.42 54.08
N ASP A 301 4.41 -1.92 54.69
CA ASP A 301 4.74 -3.34 54.57
C ASP A 301 3.65 -4.20 55.20
N LEU A 302 3.05 -3.70 56.28
CA LEU A 302 2.04 -4.43 57.01
C LEU A 302 0.75 -4.59 56.22
N THR A 303 0.43 -3.63 55.36
CA THR A 303 -0.85 -3.67 54.65
C THR A 303 -0.69 -3.81 53.14
N SER A 304 0.48 -4.24 52.67
CA SER A 304 0.65 -4.58 51.26
C SER A 304 0.62 -6.09 51.10
N VAL A 305 0.42 -6.53 49.86
CA VAL A 305 0.25 -7.94 49.57
C VAL A 305 1.54 -8.44 48.95
N ASP A 306 2.28 -9.24 49.73
CA ASP A 306 3.42 -9.95 49.20
C ASP A 306 2.92 -11.00 48.20
N THR A 307 3.55 -11.05 47.03
CA THR A 307 3.13 -11.95 45.96
C THR A 307 4.24 -12.90 45.51
N GLN A 308 5.36 -12.96 46.24
CA GLN A 308 6.47 -13.80 45.83
C GLN A 308 6.13 -15.29 45.86
N SER A 309 5.12 -15.68 46.62
CA SER A 309 4.70 -17.06 46.71
C SER A 309 3.19 -17.15 46.79
N LYS A 310 2.65 -18.28 46.35
CA LYS A 310 1.23 -18.54 46.54
C LYS A 310 0.87 -18.49 48.01
N GLU A 311 1.74 -19.05 48.85
CA GLU A 311 1.48 -19.14 50.28
C GLU A 311 1.46 -17.76 50.95
N ARG A 312 2.43 -16.89 50.66
CA ARG A 312 2.36 -15.54 51.23
C ARG A 312 1.34 -14.62 50.56
N GLU A 313 0.89 -14.93 49.35
CA GLU A 313 -0.16 -14.07 48.82
C GLU A 313 -1.48 -14.36 49.51
N ILE A 314 -1.81 -15.65 49.69
CA ILE A 314 -2.95 -16.02 50.53
C ILE A 314 -2.75 -15.53 51.96
N GLU A 315 -1.52 -15.63 52.45
CA GLU A 315 -1.22 -15.26 53.83
C GLU A 315 -1.43 -13.76 54.07
N THR A 316 -0.67 -12.91 53.35
CA THR A 316 -0.76 -11.47 53.59
C THR A 316 -2.14 -10.93 53.26
N SER A 317 -2.81 -11.50 52.26
CA SER A 317 -4.17 -11.05 51.96
C SER A 317 -5.14 -11.40 53.08
N LYS A 318 -4.95 -12.56 53.72
CA LYS A 318 -5.72 -12.86 54.93
C LYS A 318 -5.46 -11.81 56.00
N ARG A 319 -4.21 -11.35 56.12
CA ARG A 319 -3.89 -10.29 57.06
C ARG A 319 -4.49 -8.97 56.60
N VAL A 320 -4.50 -8.72 55.29
CA VAL A 320 -5.07 -7.48 54.77
C VAL A 320 -6.58 -7.45 55.06
N GLN A 321 -7.25 -8.58 54.87
CA GLN A 321 -8.71 -8.62 55.05
C GLN A 321 -9.10 -8.37 56.50
N MET A 322 -8.22 -8.70 57.45
CA MET A 322 -8.54 -8.42 58.84
C MET A 322 -8.39 -6.93 59.13
N ILE A 323 -7.35 -6.32 58.60
CA ILE A 323 -7.09 -4.90 58.84
C ILE A 323 -8.10 -4.02 58.12
N GLU A 324 -8.40 -4.35 56.86
CA GLU A 324 -9.37 -3.56 56.11
C GLU A 324 -10.77 -3.70 56.70
N SER A 325 -11.21 -4.93 56.95
CA SER A 325 -12.55 -5.13 57.49
C SER A 325 -12.68 -4.51 58.88
N ALA A 326 -11.66 -4.67 59.73
CA ALA A 326 -11.70 -4.03 61.04
C ALA A 326 -11.78 -2.52 60.92
N TYR A 327 -11.27 -1.95 59.81
CA TYR A 327 -11.35 -0.51 59.65
C TYR A 327 -12.74 -0.05 59.26
N LYS A 328 -13.41 -0.80 58.38
CA LYS A 328 -14.74 -0.38 57.92
C LYS A 328 -15.72 -0.30 59.07
N LYS A 329 -15.50 -1.10 60.12
CA LYS A 329 -16.29 -1.05 61.33
C LYS A 329 -15.71 -0.11 62.37
N SER A 330 -14.83 0.80 61.98
CA SER A 330 -14.17 1.68 62.94
C SER A 330 -15.02 2.91 63.21
N ALA A 331 -14.70 3.57 64.32
CA ALA A 331 -15.33 4.85 64.61
C ALA A 331 -14.83 5.92 63.66
N ILE A 332 -13.57 5.84 63.26
CA ILE A 332 -13.01 6.83 62.33
C ILE A 332 -13.59 6.65 60.93
N CYS A 333 -13.89 5.41 60.53
CA CYS A 333 -14.46 5.18 59.21
C CYS A 333 -15.87 5.74 59.11
N HIS A 334 -16.71 5.42 60.10
CA HIS A 334 -18.07 5.95 60.12
C HIS A 334 -18.12 7.41 60.50
N LYS A 335 -17.05 7.94 61.11
CA LYS A 335 -16.94 9.38 61.30
C LYS A 335 -16.80 10.08 59.96
N THR A 336 -16.22 9.40 58.96
CA THR A 336 -16.11 9.96 57.62
C THR A 336 -17.47 10.00 56.93
N LEU A 337 -18.16 8.86 56.88
CA LEU A 337 -19.43 8.80 56.15
C LEU A 337 -20.50 9.63 56.84
N LYS A 338 -20.45 9.72 58.17
CA LYS A 338 -21.36 10.61 58.89
C LYS A 338 -21.08 12.07 58.56
N ASN A 339 -19.82 12.40 58.25
CA ASN A 339 -19.46 13.78 57.95
C ASN A 339 -19.88 14.20 56.55
N ILE A 340 -19.71 13.32 55.54
CA ILE A 340 -19.99 13.74 54.18
C ILE A 340 -21.47 14.01 53.95
N GLU A 341 -22.36 13.15 54.45
CA GLU A 341 -23.77 13.48 54.29
C GLU A 341 -24.24 14.49 55.33
N ARG A 342 -23.46 14.72 56.39
CA ARG A 342 -23.73 15.89 57.23
C ARG A 342 -23.50 17.15 56.41
N MET A 343 -22.62 17.06 55.43
CA MET A 343 -22.30 18.18 54.57
C MET A 343 -23.38 18.38 53.51
N LYS A 344 -24.02 17.27 53.10
CA LYS A 344 -25.04 17.32 52.05
C LYS A 344 -26.31 18.04 52.50
N HIS A 345 -26.77 17.77 53.73
CA HIS A 345 -28.03 18.31 54.22
C HIS A 345 -27.87 19.50 55.16
N LEU A 346 -26.65 19.94 55.45
CA LEU A 346 -26.42 21.23 56.08
C LEU A 346 -26.34 22.29 55.00
N LYS A 347 -27.38 23.11 54.89
CA LYS A 347 -27.38 24.22 53.94
C LYS A 347 -26.69 25.43 54.54
N THR A 348 -25.44 25.24 55.01
CA THR A 348 -24.66 26.28 55.67
C THR A 348 -23.75 27.06 54.73
N LEU A 349 -23.00 26.36 53.85
CA LEU A 349 -22.18 27.02 52.83
C LEU A 349 -22.22 26.26 51.50
N PRO A 350 -23.29 26.44 50.71
CA PRO A 350 -23.25 26.04 49.31
C PRO A 350 -22.47 27.03 48.46
N MET A 351 -21.77 26.51 47.44
CA MET A 351 -20.92 27.38 46.63
C MET A 351 -20.95 27.01 45.16
N VAL A 352 -20.32 27.89 44.37
CA VAL A 352 -20.12 27.80 42.91
C VAL A 352 -18.83 27.01 42.66
N PRO A 353 -18.70 26.28 41.56
CA PRO A 353 -17.41 25.68 41.22
C PRO A 353 -16.35 26.76 40.98
N PHE A 354 -15.09 26.35 41.16
CA PHE A 354 -14.00 27.30 41.24
C PHE A 354 -13.24 27.35 39.91
N LYS A 355 -12.05 27.95 39.93
CA LYS A 355 -11.24 28.19 38.73
C LYS A 355 -11.94 29.26 37.88
N THR A 356 -13.29 29.22 37.84
CA THR A 356 -14.15 30.27 37.31
C THR A 356 -14.05 30.31 35.78
N LYS A 357 -15.13 29.91 35.11
CA LYS A 357 -15.16 29.56 33.68
C LYS A 357 -15.20 30.80 32.79
N ASP A 358 -14.05 31.46 32.69
CA ASP A 358 -13.81 32.53 31.71
C ASP A 358 -12.84 32.04 30.65
N SER A 359 -13.33 31.91 29.41
CA SER A 359 -12.57 31.33 28.31
C SER A 359 -12.38 32.33 27.18
N PRO A 360 -11.16 32.77 26.88
CA PRO A 360 -10.92 33.51 25.64
C PRO A 360 -11.12 32.64 24.41
N GLY A 361 -11.40 33.30 23.28
CA GLY A 361 -11.69 32.63 22.04
C GLY A 361 -10.50 31.90 21.44
N VAL A 362 -10.75 31.29 20.27
CA VAL A 362 -9.71 30.55 19.57
C VAL A 362 -8.71 31.51 18.91
N PHE A 363 -9.20 32.61 18.33
CA PHE A 363 -8.30 33.51 17.62
C PHE A 363 -7.35 34.23 18.57
N SER A 364 -7.78 34.49 19.81
CA SER A 364 -6.90 35.08 20.80
C SER A 364 -5.92 34.07 21.39
N LYS A 365 -6.33 32.80 21.49
CA LYS A 365 -5.45 31.79 22.08
C LYS A 365 -4.31 31.41 21.13
N LEU A 366 -4.61 31.26 19.83
CA LEU A 366 -3.55 30.94 18.87
C LEU A 366 -2.46 32.01 18.90
N GLY A 367 -2.85 33.27 19.06
CA GLY A 367 -1.86 34.33 19.12
C GLY A 367 -0.93 34.19 20.31
N VAL A 368 -1.46 33.72 21.45
CA VAL A 368 -0.60 33.41 22.59
C VAL A 368 0.42 32.34 22.21
N LEU A 369 -0.08 31.17 21.79
CA LEU A 369 0.80 30.06 21.44
C LEU A 369 1.70 30.36 20.25
N LEU A 370 1.29 31.28 19.36
CA LEU A 370 2.15 31.59 18.22
C LEU A 370 3.40 32.32 18.67
N ARG A 371 3.25 33.37 19.49
CA ARG A 371 4.44 34.03 19.98
C ARG A 371 5.06 33.31 21.17
N ARG A 372 4.31 32.42 21.83
CA ARG A 372 4.92 31.54 22.83
C ARG A 372 5.90 30.57 22.18
N VAL A 373 5.55 30.02 21.02
CA VAL A 373 6.44 29.06 20.39
C VAL A 373 7.55 29.75 19.61
N THR A 374 7.23 30.86 18.94
CA THR A 374 8.26 31.55 18.16
C THR A 374 9.38 32.07 19.06
N ARG A 375 9.02 32.65 20.22
CA ARG A 375 10.05 33.04 21.16
C ARG A 375 10.84 31.83 21.67
N ASN A 376 10.21 30.66 21.72
CA ASN A 376 10.97 29.47 22.08
C ASN A 376 11.94 29.07 20.98
N LEU A 377 11.57 29.31 19.72
CA LEU A 377 12.46 28.87 18.65
C LEU A 377 13.57 29.88 18.38
N VAL A 378 13.26 31.18 18.33
CA VAL A 378 14.31 32.12 17.94
C VAL A 378 15.27 32.39 19.10
N ARG A 379 14.77 32.36 20.35
CA ARG A 379 15.68 32.47 21.50
C ARG A 379 16.59 31.26 21.58
N ASN A 380 16.17 30.14 20.99
CA ASN A 380 16.99 28.96 20.82
C ASN A 380 17.89 29.16 19.62
N LYS A 381 19.20 29.29 19.84
CA LYS A 381 20.09 29.65 18.75
C LYS A 381 20.36 28.50 17.78
N LEU A 382 20.48 27.27 18.29
CA LEU A 382 20.80 26.15 17.42
C LEU A 382 19.72 25.91 16.36
N ALA A 383 18.47 25.80 16.79
CA ALA A 383 17.44 25.27 15.92
C ALA A 383 17.17 26.16 14.72
N VAL A 384 17.20 27.48 14.91
CA VAL A 384 16.94 28.38 13.79
C VAL A 384 18.04 28.27 12.73
N ILE A 385 19.29 28.06 13.15
CA ILE A 385 20.36 27.88 12.19
C ILE A 385 20.15 26.60 11.39
N THR A 386 19.91 25.48 12.09
CA THR A 386 19.68 24.22 11.41
C THR A 386 18.42 24.27 10.53
N ARG A 387 17.33 24.86 11.03
CA ARG A 387 16.10 24.92 10.25
C ARG A 387 16.27 25.69 8.94
N LEU A 388 17.18 26.66 8.91
CA LEU A 388 17.36 27.51 7.75
C LEU A 388 18.43 27.02 6.79
N LEU A 389 19.37 26.21 7.25
CA LEU A 389 20.55 25.91 6.48
C LEU A 389 20.65 24.48 5.97
N GLN A 390 19.81 23.56 6.46
CA GLN A 390 19.96 22.17 6.04
C GLN A 390 19.57 21.95 4.59
N ASN A 391 18.76 22.84 4.00
CA ASN A 391 18.56 22.80 2.56
C ASN A 391 19.78 23.32 1.82
N LEU A 392 20.46 24.33 2.37
CA LEU A 392 21.68 24.80 1.72
C LEU A 392 22.80 23.78 1.84
N ILE A 393 22.80 22.97 2.91
CA ILE A 393 23.80 21.92 3.04
C ILE A 393 23.51 20.80 2.05
N MET A 394 22.25 20.39 1.96
CA MET A 394 21.84 19.44 0.92
C MET A 394 22.29 19.92 -0.46
N GLY A 395 22.04 21.19 -0.76
CA GLY A 395 22.40 21.72 -2.07
C GLY A 395 23.89 21.88 -2.28
N LEU A 396 24.63 22.22 -1.23
CA LEU A 396 26.08 22.32 -1.35
C LEU A 396 26.72 20.94 -1.54
N PHE A 397 26.11 19.90 -0.98
CA PHE A 397 26.64 18.55 -1.15
C PHE A 397 26.52 18.09 -2.60
N LEU A 398 25.38 18.36 -3.23
CA LEU A 398 25.20 18.01 -4.64
C LEU A 398 26.17 18.80 -5.52
N LEU A 399 26.27 20.10 -5.27
CA LEU A 399 27.18 20.94 -6.04
C LEU A 399 28.63 20.55 -5.82
N PHE A 400 28.92 19.91 -4.68
CA PHE A 400 30.24 19.35 -4.45
C PHE A 400 30.56 18.26 -5.46
N PHE A 401 29.58 17.44 -5.81
CA PHE A 401 29.76 16.31 -6.71
C PHE A 401 29.64 16.70 -8.18
N VAL A 402 28.67 17.53 -8.53
CA VAL A 402 28.52 18.04 -9.89
C VAL A 402 28.67 19.56 -9.87
N LEU A 403 29.73 20.07 -10.49
CA LEU A 403 29.99 21.51 -10.45
C LEU A 403 28.98 22.24 -11.34
N ARG A 404 29.11 22.12 -12.65
CA ARG A 404 28.21 22.73 -13.60
C ARG A 404 27.38 21.63 -14.27
N VAL A 405 26.47 22.06 -15.15
CA VAL A 405 25.51 21.14 -15.74
C VAL A 405 26.06 20.54 -17.03
N ARG A 406 26.82 21.32 -17.79
CA ARG A 406 27.34 20.94 -19.11
C ARG A 406 26.21 20.68 -20.08
N SER A 407 26.07 21.55 -21.08
CA SER A 407 24.97 21.49 -22.04
C SER A 407 25.19 20.48 -23.16
N ASN A 408 26.25 19.68 -23.12
CA ASN A 408 26.54 18.70 -24.16
C ASN A 408 25.86 17.38 -23.81
N VAL A 409 25.08 16.84 -24.75
CA VAL A 409 24.28 15.64 -24.47
C VAL A 409 25.14 14.46 -24.06
N LEU A 410 26.34 14.38 -24.60
CA LEU A 410 27.17 13.21 -24.36
C LEU A 410 27.97 13.32 -23.07
N LYS A 411 28.29 14.54 -22.62
CA LYS A 411 28.97 14.74 -21.34
C LYS A 411 28.00 14.96 -20.19
N GLY A 412 26.71 14.70 -20.39
CA GLY A 412 25.75 14.70 -19.31
C GLY A 412 24.71 15.82 -19.34
N ALA A 413 24.17 16.14 -20.53
CA ALA A 413 23.26 17.29 -20.61
C ALA A 413 21.94 17.00 -19.92
N ILE A 414 21.39 15.79 -20.09
CA ILE A 414 20.14 15.43 -19.44
C ILE A 414 20.36 14.50 -18.25
N GLN A 415 21.35 13.59 -18.32
CA GLN A 415 21.65 12.74 -17.17
C GLN A 415 21.88 13.57 -15.92
N ASP A 416 22.64 14.66 -16.05
CA ASP A 416 22.90 15.49 -14.89
C ASP A 416 21.67 16.28 -14.50
N ARG A 417 20.86 16.70 -15.48
CA ARG A 417 19.63 17.43 -15.17
C ARG A 417 18.61 16.53 -14.45
N VAL A 418 18.43 15.30 -14.94
CA VAL A 418 17.46 14.41 -14.31
C VAL A 418 17.85 14.11 -12.87
N GLY A 419 19.15 14.04 -12.59
CA GLY A 419 19.58 13.72 -11.23
C GLY A 419 19.28 14.84 -10.23
N LEU A 420 19.59 16.08 -10.60
CA LEU A 420 19.41 17.19 -9.67
C LEU A 420 17.95 17.37 -9.27
N LEU A 421 17.04 17.26 -10.23
CA LEU A 421 15.63 17.42 -9.90
C LEU A 421 15.11 16.26 -9.08
N TYR A 422 15.63 15.05 -9.31
CA TYR A 422 15.24 13.90 -8.50
C TYR A 422 15.73 14.05 -7.07
N GLN A 423 16.97 14.50 -6.89
CA GLN A 423 17.52 14.70 -5.55
C GLN A 423 16.75 15.78 -4.81
N PHE A 424 16.32 16.82 -5.52
CA PHE A 424 15.58 17.90 -4.88
C PHE A 424 14.17 17.45 -4.52
N VAL A 425 13.41 16.97 -5.51
CA VAL A 425 12.06 16.48 -5.23
C VAL A 425 12.08 15.35 -4.22
N GLY A 426 13.19 14.63 -4.11
CA GLY A 426 13.34 13.52 -3.18
C GLY A 426 13.73 13.93 -1.77
N ALA A 427 14.73 14.82 -1.65
CA ALA A 427 15.25 15.19 -0.33
C ALA A 427 14.64 16.47 0.22
N THR A 428 13.88 17.21 -0.59
CA THR A 428 13.20 18.39 -0.05
C THR A 428 12.15 18.03 0.98
N PRO A 429 11.28 17.04 0.77
CA PRO A 429 10.36 16.66 1.85
C PRO A 429 11.06 16.01 3.04
N TYR A 430 12.25 15.46 2.84
CA TYR A 430 12.94 14.79 3.96
C TYR A 430 13.46 15.81 4.97
N THR A 431 14.13 16.86 4.48
CA THR A 431 14.67 17.87 5.38
C THR A 431 13.56 18.61 6.12
N GLY A 432 12.44 18.87 5.44
CA GLY A 432 11.29 19.43 6.13
C GLY A 432 10.80 18.55 7.27
N MET A 433 10.84 17.23 7.08
CA MET A 433 10.43 16.31 8.14
C MET A 433 11.39 16.36 9.31
N LEU A 434 12.70 16.42 9.04
CA LEU A 434 13.68 16.48 10.12
C LEU A 434 13.38 17.63 11.07
N ASN A 435 12.82 18.72 10.55
CA ASN A 435 12.43 19.84 11.40
C ASN A 435 11.41 19.40 12.44
N ALA A 436 10.45 18.57 12.06
CA ALA A 436 9.36 18.23 12.96
C ALA A 436 9.77 17.17 13.99
N VAL A 437 10.39 16.08 13.54
CA VAL A 437 10.78 15.02 14.48
C VAL A 437 11.83 15.48 15.47
N ASN A 438 12.53 16.58 15.17
CA ASN A 438 13.51 17.09 16.12
C ASN A 438 12.92 18.11 17.09
N LEU A 439 12.06 19.01 16.61
CA LEU A 439 11.63 20.15 17.42
C LEU A 439 10.20 20.09 17.93
N PHE A 440 9.36 19.19 17.42
CA PHE A 440 7.96 19.19 17.83
C PHE A 440 7.64 18.27 19.02
N PRO A 441 8.28 17.10 19.17
CA PRO A 441 7.94 16.25 20.33
C PRO A 441 8.02 16.93 21.69
N VAL A 442 8.88 17.94 21.85
CA VAL A 442 8.94 18.64 23.14
C VAL A 442 7.75 19.58 23.29
N LEU A 443 7.38 20.28 22.22
CA LEU A 443 6.18 21.11 22.23
C LEU A 443 4.92 20.28 22.36
N ARG A 444 4.98 19.00 22.00
CA ARG A 444 3.86 18.09 22.18
C ARG A 444 3.59 17.83 23.65
N ALA A 445 4.63 17.49 24.41
CA ALA A 445 4.46 17.24 25.84
C ALA A 445 3.95 18.46 26.58
N VAL A 446 4.37 19.66 26.15
CA VAL A 446 3.84 20.89 26.72
C VAL A 446 2.36 21.03 26.41
N SER A 447 1.98 20.83 25.15
CA SER A 447 0.57 20.93 24.76
C SER A 447 -0.30 19.99 25.59
N ASP A 448 0.17 18.76 25.81
CA ASP A 448 -0.68 17.73 26.36
C ASP A 448 -0.95 17.94 27.84
N GLN A 449 0.08 18.34 28.59
CA GLN A 449 -0.10 18.74 29.98
C GLN A 449 -1.14 19.86 30.07
N GLU A 450 -0.96 20.90 29.25
CA GLU A 450 -1.83 22.07 29.26
C GLU A 450 -3.17 21.83 28.59
N SER A 451 -3.30 20.81 27.75
CA SER A 451 -4.60 20.51 27.13
C SER A 451 -5.58 19.94 28.14
N GLN A 452 -5.10 19.06 29.03
CA GLN A 452 -5.97 18.51 30.07
C GLN A 452 -6.31 19.58 31.09
N ASP A 453 -5.38 20.49 31.36
CA ASP A 453 -5.57 21.53 32.37
C ASP A 453 -6.50 22.64 31.89
N GLY A 454 -6.86 22.66 30.61
CA GLY A 454 -7.83 23.62 30.13
C GLY A 454 -7.25 24.92 29.63
N LEU A 455 -5.96 24.96 29.29
CA LEU A 455 -5.43 26.18 28.68
C LEU A 455 -5.84 26.28 27.22
N TYR A 456 -5.84 25.17 26.49
CA TYR A 456 -6.19 25.13 25.08
C TYR A 456 -6.28 23.66 24.64
N GLN A 457 -6.89 23.46 23.48
CA GLN A 457 -7.03 22.12 22.91
C GLN A 457 -5.83 21.78 22.05
N LYS A 458 -5.52 20.47 21.96
CA LYS A 458 -4.27 20.03 21.36
C LYS A 458 -4.07 20.57 19.95
N TRP A 459 -5.14 20.60 19.15
CA TRP A 459 -5.01 21.05 17.76
C TRP A 459 -4.61 22.52 17.69
N GLN A 460 -5.03 23.33 18.65
CA GLN A 460 -4.61 24.72 18.69
C GLN A 460 -3.10 24.85 18.83
N MET A 461 -2.42 23.78 19.26
CA MET A 461 -0.97 23.84 19.34
C MET A 461 -0.34 23.71 17.96
N MET A 462 -0.79 22.75 17.16
CA MET A 462 -0.13 22.56 15.87
C MET A 462 -0.40 23.71 14.92
N LEU A 463 -1.55 24.38 15.06
CA LEU A 463 -1.82 25.50 14.17
C LEU A 463 -0.87 26.64 14.46
N ALA A 464 -0.60 26.91 15.73
CA ALA A 464 0.49 27.81 16.10
C ALA A 464 1.80 27.32 15.50
N TYR A 465 2.09 26.03 15.66
CA TYR A 465 3.32 25.46 15.12
C TYR A 465 3.32 25.53 13.59
N ALA A 466 2.17 25.21 12.98
CA ALA A 466 2.03 25.29 11.53
C ALA A 466 2.45 26.65 11.00
N LEU A 467 2.18 27.71 11.75
CA LEU A 467 2.32 29.05 11.24
C LEU A 467 3.72 29.64 11.41
N HIS A 468 4.39 29.39 12.54
CA HIS A 468 5.70 30.04 12.72
C HIS A 468 6.80 29.36 11.94
N VAL A 469 6.57 28.14 11.45
CA VAL A 469 7.56 27.50 10.59
C VAL A 469 7.49 28.05 9.17
N LEU A 470 6.44 28.81 8.87
CA LEU A 470 6.28 29.41 7.55
C LEU A 470 7.41 30.36 7.20
N PRO A 471 7.79 31.34 8.04
CA PRO A 471 8.85 32.26 7.63
C PRO A 471 10.18 31.57 7.44
N PHE A 472 10.54 30.64 8.33
CA PHE A 472 11.86 30.04 8.21
C PHE A 472 11.97 29.16 6.98
N SER A 473 10.93 28.38 6.69
CA SER A 473 10.96 27.48 5.53
C SER A 473 11.02 28.26 4.22
N VAL A 474 10.26 29.35 4.11
CA VAL A 474 10.32 30.17 2.91
C VAL A 474 11.70 30.78 2.76
N VAL A 475 12.25 31.32 3.85
CA VAL A 475 13.61 31.86 3.82
C VAL A 475 14.63 30.77 3.55
N ALA A 476 14.39 29.55 4.09
CA ALA A 476 15.39 28.50 4.01
C ALA A 476 15.63 28.05 2.57
N THR A 477 14.56 27.88 1.80
CA THR A 477 14.71 27.47 0.41
C THR A 477 15.24 28.59 -0.47
N MET A 478 15.10 29.85 -0.04
CA MET A 478 15.74 30.94 -0.77
C MET A 478 17.23 31.00 -0.47
N ILE A 479 17.62 30.73 0.77
CA ILE A 479 19.03 30.53 1.09
C ILE A 479 19.62 29.48 0.16
N PHE A 480 18.84 28.41 -0.07
CA PHE A 480 19.28 27.27 -0.86
C PHE A 480 19.23 27.55 -2.36
N SER A 481 18.10 28.06 -2.86
CA SER A 481 17.99 28.37 -4.28
C SER A 481 19.01 29.42 -4.71
N SER A 482 19.03 30.56 -4.01
CA SER A 482 19.85 31.69 -4.43
C SER A 482 21.32 31.32 -4.56
N VAL A 483 21.77 30.32 -3.81
CA VAL A 483 23.19 29.97 -3.79
C VAL A 483 23.54 29.08 -4.97
N CYS A 484 23.00 27.87 -4.99
CA CYS A 484 23.49 26.86 -5.91
C CYS A 484 22.75 26.80 -7.24
N TYR A 485 21.57 27.42 -7.37
CA TYR A 485 20.93 27.47 -8.68
C TYR A 485 21.83 28.13 -9.70
N TRP A 486 22.29 29.34 -9.39
CA TRP A 486 23.15 30.07 -10.31
C TRP A 486 24.51 29.40 -10.46
N THR A 487 24.95 28.67 -9.44
CA THR A 487 26.25 28.03 -9.50
C THR A 487 26.19 26.76 -10.34
N LEU A 488 25.16 25.93 -10.12
CA LEU A 488 24.91 24.81 -11.01
C LEU A 488 24.82 25.28 -12.45
N GLY A 489 24.20 26.44 -12.66
CA GLY A 489 24.08 27.01 -13.98
C GLY A 489 22.95 26.33 -14.73
N LEU A 490 21.78 26.28 -14.12
CA LEU A 490 20.69 25.50 -14.69
C LEU A 490 20.12 26.20 -15.93
N HIS A 491 19.53 27.40 -15.74
CA HIS A 491 19.08 28.20 -16.88
C HIS A 491 18.89 29.64 -16.36
N PRO A 492 19.71 30.59 -16.82
CA PRO A 492 19.91 31.84 -16.07
C PRO A 492 18.82 32.90 -16.13
N GLU A 493 17.70 32.71 -16.83
CA GLU A 493 16.68 33.76 -16.82
C GLU A 493 16.09 33.93 -15.42
N VAL A 494 15.81 35.18 -15.06
CA VAL A 494 15.37 35.49 -13.71
C VAL A 494 14.04 34.81 -13.40
N ALA A 495 13.16 34.72 -14.38
CA ALA A 495 11.88 34.05 -14.16
C ALA A 495 12.07 32.56 -13.90
N ARG A 496 13.09 31.95 -14.51
CA ARG A 496 13.40 30.54 -14.26
C ARG A 496 13.64 30.31 -12.77
N PHE A 497 14.54 31.11 -12.19
CA PHE A 497 14.88 31.02 -10.77
C PHE A 497 13.66 31.24 -9.88
N GLY A 498 12.79 32.17 -10.25
CA GLY A 498 11.65 32.48 -9.39
C GLY A 498 10.70 31.32 -9.19
N TYR A 499 10.37 30.60 -10.28
CA TYR A 499 9.50 29.44 -10.18
C TYR A 499 10.16 28.31 -9.40
N PHE A 500 11.43 28.04 -9.72
CA PHE A 500 12.20 26.99 -9.05
C PHE A 500 12.12 27.13 -7.53
N SER A 501 12.34 28.33 -7.01
CA SER A 501 12.29 28.55 -5.56
C SER A 501 10.94 28.15 -4.97
N ALA A 502 9.84 28.65 -5.55
CA ALA A 502 8.52 28.31 -5.06
C ALA A 502 8.22 26.82 -5.22
N ALA A 503 8.66 26.23 -6.33
CA ALA A 503 8.33 24.83 -6.61
C ALA A 503 8.83 23.88 -5.53
N LEU A 504 9.93 24.22 -4.85
CA LEU A 504 10.49 23.34 -3.84
C LEU A 504 10.11 23.75 -2.43
N LEU A 505 9.49 24.93 -2.27
CA LEU A 505 8.98 25.32 -0.96
C LEU A 505 7.82 24.43 -0.52
N ALA A 506 7.02 23.94 -1.48
CA ALA A 506 5.88 23.11 -1.12
C ALA A 506 6.31 21.76 -0.55
N PRO A 507 7.12 20.95 -1.25
CA PRO A 507 7.58 19.70 -0.63
C PRO A 507 8.28 19.92 0.69
N HIS A 508 8.97 21.05 0.83
CA HIS A 508 9.62 21.38 2.09
C HIS A 508 8.59 21.68 3.18
N LEU A 509 7.43 22.24 2.80
CA LEU A 509 6.37 22.40 3.78
C LEU A 509 5.52 21.13 3.90
N ILE A 510 5.27 20.44 2.78
CA ILE A 510 4.49 19.21 2.82
C ILE A 510 5.17 18.18 3.71
N GLY A 511 6.48 18.00 3.54
CA GLY A 511 7.19 17.00 4.32
C GLY A 511 7.19 17.30 5.80
N GLU A 512 7.11 18.58 6.16
CA GLU A 512 7.08 18.93 7.58
C GLU A 512 5.67 18.83 8.14
N PHE A 513 4.67 19.21 7.35
CA PHE A 513 3.29 19.14 7.82
C PHE A 513 2.80 17.70 7.92
N LEU A 514 3.21 16.84 6.98
CA LEU A 514 2.87 15.42 7.10
C LEU A 514 3.43 14.81 8.37
N THR A 515 4.63 15.25 8.77
CA THR A 515 5.26 14.75 9.97
C THR A 515 4.51 15.19 11.24
N LEU A 516 3.77 16.29 11.17
CA LEU A 516 2.92 16.67 12.30
C LEU A 516 1.74 15.72 12.44
N VAL A 517 1.01 15.49 11.36
CA VAL A 517 -0.21 14.68 11.42
C VAL A 517 0.13 13.25 11.84
N LEU A 518 1.32 12.78 11.49
CA LEU A 518 1.76 11.47 11.97
C LEU A 518 2.12 11.52 13.44
N LEU A 519 2.98 12.47 13.83
CA LEU A 519 3.34 12.62 15.25
C LEU A 519 2.12 12.85 16.13
N GLY A 520 0.99 13.24 15.54
CA GLY A 520 -0.24 13.35 16.29
C GLY A 520 -0.83 12.04 16.72
N ILE A 521 -0.43 10.93 16.09
CA ILE A 521 -0.99 9.63 16.41
C ILE A 521 0.08 8.56 16.57
N VAL A 522 1.32 8.85 16.14
CA VAL A 522 2.49 8.02 16.45
C VAL A 522 3.31 8.74 17.49
N GLN A 523 3.70 8.01 18.55
CA GLN A 523 4.34 8.68 19.68
C GLN A 523 5.85 8.81 19.47
N ASN A 524 6.50 7.71 19.12
CA ASN A 524 7.96 7.71 18.98
C ASN A 524 8.34 8.46 17.72
N PRO A 525 9.07 9.58 17.81
CA PRO A 525 9.49 10.28 16.59
C PRO A 525 10.58 9.57 15.82
N ASN A 526 11.30 8.62 16.42
CA ASN A 526 12.25 7.84 15.65
C ASN A 526 11.55 6.95 14.64
N ILE A 527 10.31 6.51 14.94
CA ILE A 527 9.52 5.76 13.97
C ILE A 527 9.05 6.67 12.83
N VAL A 528 8.40 7.78 13.18
CA VAL A 528 7.91 8.72 12.16
C VAL A 528 9.06 9.16 11.25
N ASN A 529 10.27 9.29 11.81
CA ASN A 529 11.43 9.53 10.97
C ASN A 529 11.66 8.39 10.00
N SER A 530 11.46 7.15 10.45
CA SER A 530 11.61 6.01 9.56
C SER A 530 10.47 5.95 8.55
N VAL A 531 9.26 6.32 8.97
CA VAL A 531 8.10 6.28 8.08
C VAL A 531 8.21 7.35 7.00
N VAL A 532 8.34 8.62 7.40
CA VAL A 532 8.30 9.72 6.44
C VAL A 532 9.37 9.53 5.36
N ALA A 533 10.58 9.16 5.77
CA ALA A 533 11.65 8.98 4.79
C ALA A 533 11.32 7.86 3.81
N LEU A 534 10.61 6.83 4.27
CA LEU A 534 10.18 5.77 3.38
C LEU A 534 9.15 6.27 2.37
N LEU A 535 8.30 7.21 2.78
CA LEU A 535 7.22 7.69 1.92
C LEU A 535 7.73 8.65 0.85
N SER A 536 8.74 9.45 1.15
CA SER A 536 9.30 10.33 0.14
C SER A 536 10.14 9.55 -0.87
N ILE A 537 10.89 8.56 -0.41
CA ILE A 537 11.60 7.69 -1.35
C ILE A 537 10.59 6.96 -2.22
N ALA A 538 9.47 6.55 -1.64
CA ALA A 538 8.38 5.98 -2.44
C ALA A 538 7.73 7.03 -3.32
N GLY A 539 7.60 8.26 -2.82
CA GLY A 539 6.86 9.27 -3.56
C GLY A 539 7.53 9.67 -4.87
N VAL A 540 8.80 10.04 -4.81
CA VAL A 540 9.47 10.49 -6.03
C VAL A 540 9.78 9.31 -6.94
N LEU A 541 10.00 8.12 -6.37
CA LEU A 541 10.31 6.96 -7.20
C LEU A 541 9.11 6.56 -8.06
N VAL A 542 7.90 6.82 -7.59
CA VAL A 542 6.68 6.46 -8.31
C VAL A 542 6.07 7.65 -9.02
N GLY A 543 5.93 8.78 -8.32
CA GLY A 543 5.13 9.88 -8.85
C GLY A 543 5.78 10.63 -9.99
N SER A 544 7.09 10.76 -9.97
CA SER A 544 7.81 11.46 -11.01
C SER A 544 8.20 10.50 -12.12
N GLY A 545 8.01 10.94 -13.36
CA GLY A 545 8.32 10.11 -14.51
C GLY A 545 9.80 9.82 -14.73
N PHE A 546 10.66 10.22 -13.79
CA PHE A 546 12.10 10.13 -13.99
C PHE A 546 12.56 8.67 -14.04
N LEU A 547 12.44 7.97 -12.92
CA LEU A 547 12.99 6.62 -12.82
C LEU A 547 12.05 5.55 -13.34
N ARG A 548 10.83 5.92 -13.71
CA ARG A 548 9.92 5.00 -14.39
C ARG A 548 8.95 5.87 -15.18
N ASN A 549 9.01 5.78 -16.52
CA ASN A 549 8.18 6.65 -17.34
C ASN A 549 6.73 6.49 -16.96
N ILE A 550 6.11 7.60 -16.54
CA ILE A 550 4.79 7.60 -15.95
C ILE A 550 3.73 6.97 -16.85
N GLN A 551 4.06 6.74 -18.11
CA GLN A 551 3.08 6.27 -19.09
C GLN A 551 3.05 4.76 -19.26
N GLU A 552 4.17 4.08 -19.00
CA GLU A 552 4.31 2.67 -19.31
C GLU A 552 4.41 1.79 -18.06
N MET A 553 4.21 2.34 -16.90
CA MET A 553 4.23 1.56 -15.69
C MET A 553 2.85 1.00 -15.37
N PRO A 554 2.80 -0.13 -14.65
CA PRO A 554 1.51 -0.81 -14.45
C PRO A 554 0.47 0.06 -13.77
N ILE A 555 -0.78 -0.43 -13.81
CA ILE A 555 -1.93 0.41 -13.54
C ILE A 555 -1.92 1.04 -12.15
N PRO A 556 -1.74 0.28 -11.06
CA PRO A 556 -1.75 0.93 -9.73
C PRO A 556 -0.71 2.02 -9.58
N PHE A 557 0.46 1.86 -10.19
CA PHE A 557 1.50 2.86 -10.05
C PHE A 557 1.13 4.14 -10.79
N LYS A 558 0.36 4.02 -11.87
CA LYS A 558 -0.27 5.18 -12.49
C LYS A 558 -1.27 5.82 -11.52
N ILE A 559 -2.10 4.99 -10.90
CA ILE A 559 -3.14 5.49 -10.01
C ILE A 559 -2.52 6.20 -8.81
N ILE A 560 -1.70 5.49 -8.04
CA ILE A 560 -1.05 6.07 -6.87
C ILE A 560 -0.06 7.16 -7.24
N SER A 561 0.26 7.32 -8.53
CA SER A 561 1.05 8.46 -8.96
C SER A 561 0.27 9.76 -8.78
N TYR A 562 -1.00 9.76 -9.20
CA TYR A 562 -1.82 10.96 -9.15
C TYR A 562 -2.06 11.47 -7.74
N PHE A 563 -1.62 10.74 -6.71
CA PHE A 563 -1.79 11.14 -5.32
C PHE A 563 -0.49 11.54 -4.64
N THR A 564 0.64 11.37 -5.33
CA THR A 564 1.92 11.83 -4.80
C THR A 564 2.03 13.33 -5.04
N PHE A 565 2.47 14.06 -4.01
CA PHE A 565 2.76 15.47 -4.28
C PHE A 565 4.01 15.63 -5.14
N GLN A 566 4.80 14.56 -5.27
CA GLN A 566 6.00 14.61 -6.11
C GLN A 566 5.66 14.72 -7.59
N LYS A 567 4.57 14.06 -8.02
CA LYS A 567 4.22 14.03 -9.44
C LYS A 567 4.11 15.44 -10.02
N TYR A 568 3.36 16.30 -9.35
CA TYR A 568 3.11 17.64 -9.86
C TYR A 568 4.31 18.56 -9.66
N CYS A 569 5.09 18.34 -8.61
CA CYS A 569 6.32 19.10 -8.43
C CYS A 569 7.27 18.90 -9.61
N SER A 570 7.50 17.64 -9.98
CA SER A 570 8.39 17.32 -11.09
C SER A 570 7.85 17.88 -12.41
N GLU A 571 6.56 17.66 -12.68
CA GLU A 571 5.93 18.21 -13.88
C GLU A 571 6.20 19.71 -14.00
N ILE A 572 6.31 20.40 -12.87
CA ILE A 572 6.68 21.81 -12.88
C ILE A 572 8.17 21.98 -13.18
N LEU A 573 9.02 21.34 -12.36
CA LEU A 573 10.46 21.55 -12.47
C LEU A 573 11.05 21.01 -13.77
N VAL A 574 10.45 19.96 -14.34
CA VAL A 574 10.94 19.45 -15.61
C VAL A 574 10.71 20.47 -16.73
N VAL A 575 9.78 21.39 -16.53
CA VAL A 575 9.51 22.44 -17.51
C VAL A 575 10.45 23.62 -17.32
N ASN A 576 10.66 24.06 -16.07
CA ASN A 576 11.47 25.25 -15.82
C ASN A 576 12.85 25.20 -16.44
N GLU A 577 13.40 24.01 -16.66
CA GLU A 577 14.74 23.94 -17.20
C GLU A 577 14.76 23.52 -18.66
N PHE A 578 14.02 22.48 -19.00
CA PHE A 578 14.06 21.92 -20.34
C PHE A 578 13.26 22.70 -21.37
N TYR A 579 12.71 23.87 -21.05
CA TYR A 579 11.89 24.51 -22.07
C TYR A 579 12.73 25.31 -23.06
N GLY A 580 13.62 26.17 -22.57
CA GLY A 580 14.35 27.04 -23.45
C GLY A 580 15.71 26.54 -23.89
N LEU A 581 16.00 25.26 -23.69
CA LEU A 581 17.33 24.74 -23.92
C LEU A 581 17.46 24.15 -25.31
N ASN A 582 18.69 24.15 -25.80
CA ASN A 582 19.07 23.41 -26.99
C ASN A 582 20.50 22.91 -26.80
N PHE A 583 20.75 21.70 -27.28
CA PHE A 583 21.91 20.90 -26.89
C PHE A 583 22.95 20.87 -28.02
N THR A 584 24.06 20.17 -27.76
CA THR A 584 25.10 19.96 -28.77
C THR A 584 25.69 18.56 -28.60
N CYS A 585 25.99 17.92 -29.72
CA CYS A 585 26.72 16.65 -29.73
C CYS A 585 27.51 16.49 -31.03
N MET A 597 22.78 6.78 -27.97
CA MET A 597 23.40 7.97 -28.55
C MET A 597 22.60 9.25 -28.33
N CYS A 598 22.93 10.24 -29.17
CA CYS A 598 22.43 11.61 -29.09
C CYS A 598 21.02 11.71 -29.69
N ALA A 599 20.03 11.41 -28.85
CA ALA A 599 18.64 11.44 -29.28
C ALA A 599 18.07 12.86 -29.28
N PHE A 600 17.95 13.46 -28.09
CA PHE A 600 17.22 14.71 -27.93
C PHE A 600 18.09 15.90 -28.31
N THR A 601 17.55 16.80 -29.12
CA THR A 601 18.30 17.99 -29.54
C THR A 601 17.85 19.27 -28.83
N GLN A 602 16.56 19.59 -28.85
CA GLN A 602 16.04 20.75 -28.12
C GLN A 602 15.15 20.29 -26.98
N GLY A 603 15.12 21.09 -25.91
CA GLY A 603 14.59 20.64 -24.64
C GLY A 603 13.12 20.28 -24.62
N ILE A 604 12.32 20.86 -25.52
CA ILE A 604 10.89 20.52 -25.52
C ILE A 604 10.67 19.04 -25.81
N GLN A 605 11.68 18.35 -26.35
CA GLN A 605 11.51 16.93 -26.66
C GLN A 605 11.51 16.08 -25.39
N PHE A 606 12.41 16.34 -24.45
CA PHE A 606 12.41 15.57 -23.21
C PHE A 606 11.17 15.86 -22.36
N ILE A 607 10.67 17.09 -22.39
CA ILE A 607 9.42 17.39 -21.68
C ILE A 607 8.28 16.56 -22.24
N GLU A 608 8.38 16.18 -23.52
CA GLU A 608 7.38 15.31 -24.12
C GLU A 608 7.54 13.86 -23.69
N LYS A 609 8.78 13.37 -23.60
CA LYS A 609 9.00 11.96 -23.32
C LYS A 609 8.43 11.54 -21.97
N THR A 610 8.48 12.42 -20.99
CA THR A 610 7.95 12.14 -19.66
C THR A 610 7.21 13.37 -19.18
N CYS A 611 6.04 13.15 -18.57
CA CYS A 611 5.08 14.20 -18.29
C CYS A 611 4.64 14.86 -19.59
N PRO A 612 3.97 14.13 -20.49
CA PRO A 612 3.62 14.73 -21.78
C PRO A 612 2.47 15.71 -21.62
N GLY A 613 2.55 16.81 -22.36
CA GLY A 613 1.56 17.85 -22.23
C GLY A 613 1.67 18.65 -20.95
N ALA A 614 2.70 18.39 -20.12
CA ALA A 614 2.82 19.08 -18.84
C ALA A 614 3.02 20.58 -19.00
N THR A 615 3.55 21.02 -20.14
CA THR A 615 3.68 22.46 -20.37
C THR A 615 2.31 23.15 -20.35
N SER A 616 1.27 22.47 -20.84
CA SER A 616 -0.07 23.05 -20.79
C SER A 616 -0.59 23.17 -19.36
N ARG A 617 -0.21 22.23 -18.49
CA ARG A 617 -0.77 22.12 -17.15
C ARG A 617 0.08 22.84 -16.12
N PHE A 618 0.94 23.75 -16.54
CA PHE A 618 1.86 24.41 -15.62
C PHE A 618 1.12 25.25 -14.59
N THR A 619 0.09 25.98 -15.02
CA THR A 619 -0.70 26.76 -14.06
C THR A 619 -1.41 25.85 -13.07
N MET A 620 -2.01 24.76 -13.56
CA MET A 620 -2.72 23.85 -12.67
C MET A 620 -1.74 23.06 -11.79
N ASN A 621 -0.58 22.69 -12.33
CA ASN A 621 0.34 21.84 -11.58
C ASN A 621 0.92 22.56 -10.36
N PHE A 622 0.94 23.89 -10.38
CA PHE A 622 1.34 24.65 -9.18
C PHE A 622 0.20 24.70 -8.17
N LEU A 623 -1.01 24.98 -8.64
CA LEU A 623 -2.16 25.07 -7.74
C LEU A 623 -2.39 23.74 -7.03
N ILE A 624 -2.19 22.62 -7.72
CA ILE A 624 -2.31 21.31 -7.09
C ILE A 624 -1.22 21.15 -6.03
N LEU A 625 0.04 21.20 -6.47
CA LEU A 625 1.20 21.02 -5.59
C LEU A 625 1.06 21.86 -4.32
N TYR A 626 0.66 23.12 -4.44
CA TYR A 626 0.53 23.96 -3.26
C TYR A 626 -0.73 23.72 -2.45
N SER A 627 -1.71 23.03 -3.01
CA SER A 627 -2.95 22.80 -2.26
C SER A 627 -2.79 21.71 -1.19
N PHE A 628 -1.77 20.86 -1.30
CA PHE A 628 -1.55 19.86 -0.26
C PHE A 628 -1.21 20.50 1.08
N ILE A 629 -0.63 21.70 1.07
CA ILE A 629 -0.25 22.36 2.31
C ILE A 629 -1.49 22.65 3.16
N PRO A 630 -2.53 23.35 2.66
CA PRO A 630 -3.75 23.50 3.48
C PRO A 630 -4.45 22.18 3.79
N ALA A 631 -4.17 21.12 3.03
CA ALA A 631 -4.81 19.83 3.30
C ALA A 631 -4.23 19.20 4.57
N LEU A 632 -2.91 19.21 4.70
CA LEU A 632 -2.26 18.58 5.84
C LEU A 632 -2.64 19.29 7.15
N VAL A 633 -2.66 20.62 7.13
CA VAL A 633 -3.01 21.39 8.31
C VAL A 633 -4.42 21.07 8.79
N ILE A 634 -5.36 20.96 7.84
CA ILE A 634 -6.73 20.56 8.18
C ILE A 634 -6.77 19.15 8.72
N LEU A 635 -6.09 18.22 8.04
CA LEU A 635 -6.03 16.85 8.53
C LEU A 635 -5.45 16.81 9.94
N GLY A 636 -4.36 17.54 10.17
CA GLY A 636 -3.76 17.57 11.49
C GLY A 636 -4.73 18.01 12.56
N ILE A 637 -5.52 19.04 12.28
CA ILE A 637 -6.50 19.52 13.25
C ILE A 637 -7.41 18.36 13.69
N VAL A 638 -7.92 17.62 12.70
CA VAL A 638 -8.78 16.49 13.01
C VAL A 638 -7.99 15.34 13.62
N VAL A 639 -6.73 15.18 13.20
CA VAL A 639 -5.88 14.12 13.77
C VAL A 639 -5.58 14.42 15.23
N PHE A 640 -5.51 15.69 15.61
CA PHE A 640 -5.20 16.05 16.98
C PHE A 640 -6.43 16.08 17.88
N LYS A 641 -7.62 16.14 17.31
CA LYS A 641 -8.82 15.91 18.10
C LYS A 641 -9.05 14.42 18.35
N ILE A 642 -8.50 13.55 17.51
CA ILE A 642 -8.47 12.13 17.82
C ILE A 642 -7.45 11.87 18.93
N ARG A 643 -6.29 12.53 18.86
CA ARG A 643 -5.30 12.42 19.92
C ARG A 643 -5.87 12.86 21.26
N ASP A 644 -6.87 13.75 21.22
CA ASP A 644 -7.52 14.22 22.44
C ASP A 644 -8.10 13.07 23.26
N HIS A 645 -8.39 11.92 22.63
CA HIS A 645 -9.01 10.79 23.31
C HIS A 645 -8.11 9.56 23.44
N LEU A 646 -6.80 9.70 23.22
CA LEU A 646 -5.88 8.55 23.34
C LEU A 646 -4.78 8.77 24.37
N PHE B 30 5.66 -9.47 59.78
CA PHE B 30 6.97 -9.81 59.22
C PHE B 30 6.86 -10.35 57.81
N SER B 31 8.01 -10.41 57.15
CA SER B 31 8.07 -10.76 55.73
C SER B 31 7.95 -12.27 55.56
N SER B 32 9.06 -12.92 55.21
CA SER B 32 9.07 -14.34 54.86
C SER B 32 10.14 -15.08 55.64
N GLU B 33 9.83 -16.33 56.03
CA GLU B 33 10.86 -17.22 56.58
C GLU B 33 10.77 -18.61 55.95
N SER B 34 11.94 -19.18 55.65
CA SER B 34 12.06 -20.49 55.03
C SER B 34 13.48 -21.04 55.16
N ASP B 35 13.95 -21.74 54.12
CA ASP B 35 15.32 -22.24 54.07
C ASP B 35 16.34 -21.11 54.06
N ASN B 36 17.36 -21.21 54.92
CA ASN B 36 18.52 -20.33 54.88
C ASN B 36 19.82 -21.12 55.01
N SER B 37 19.86 -22.31 54.43
CA SER B 37 21.07 -23.12 54.43
C SER B 37 21.98 -22.68 53.28
N LEU B 38 23.29 -22.77 53.51
CA LEU B 38 24.25 -22.43 52.49
C LEU B 38 24.49 -23.60 51.56
N TYR B 39 24.57 -23.32 50.25
CA TYR B 39 24.84 -24.31 49.22
C TYR B 39 26.14 -24.06 48.47
N PHE B 40 26.53 -22.80 48.30
CA PHE B 40 27.73 -22.45 47.55
C PHE B 40 28.52 -21.44 48.37
N THR B 41 29.67 -21.87 48.88
CA THR B 41 30.52 -21.03 49.72
C THR B 41 31.85 -20.79 49.03
N TYR B 42 32.59 -19.82 49.55
CA TYR B 42 33.89 -19.45 49.02
C TYR B 42 34.95 -20.30 49.71
N SER B 43 35.70 -21.06 48.91
CA SER B 43 36.60 -22.10 49.43
C SER B 43 37.95 -21.59 49.91
N GLY B 44 38.15 -20.28 50.10
CA GLY B 44 39.43 -19.74 50.50
C GLY B 44 39.37 -18.96 51.80
N GLN B 45 40.55 -18.55 52.25
CA GLN B 45 40.68 -17.78 53.48
C GLN B 45 40.00 -16.43 53.31
N PRO B 46 39.50 -15.84 54.38
CA PRO B 46 38.92 -14.51 54.24
C PRO B 46 39.95 -13.49 53.75
N ASN B 47 39.93 -13.25 52.45
CA ASN B 47 40.77 -12.20 51.89
C ASN B 47 40.29 -10.85 52.39
N THR B 48 41.24 -9.96 52.68
CA THR B 48 40.92 -8.70 53.33
C THR B 48 41.02 -7.54 52.35
N LEU B 49 40.34 -6.46 52.73
CA LEU B 49 40.40 -5.19 52.02
C LEU B 49 40.46 -4.09 53.08
N GLU B 50 41.51 -3.29 53.03
CA GLU B 50 41.59 -2.13 53.90
C GLU B 50 42.07 -0.95 53.09
N VAL B 51 41.60 0.24 53.46
CA VAL B 51 41.99 1.47 52.79
C VAL B 51 42.47 2.44 53.87
N ARG B 52 43.62 3.07 53.64
CA ARG B 52 44.23 3.97 54.60
C ARG B 52 44.35 5.37 54.00
N ASP B 53 43.37 6.22 54.31
CA ASP B 53 43.37 7.66 54.14
C ASP B 53 43.15 8.13 52.69
N LEU B 54 42.08 7.66 52.05
CA LEU B 54 41.87 7.94 50.63
C LEU B 54 41.26 9.32 50.43
N ASN B 55 41.79 10.07 49.47
CA ASN B 55 41.29 11.39 49.12
C ASN B 55 41.09 11.42 47.60
N TYR B 56 39.84 11.60 47.17
CA TYR B 56 39.50 11.59 45.75
C TYR B 56 38.60 12.79 45.46
N GLN B 57 38.70 13.34 44.24
CA GLN B 57 37.93 14.53 43.92
C GLN B 57 37.47 14.53 42.47
N VAL B 58 36.38 15.27 42.23
CA VAL B 58 35.88 15.57 40.90
C VAL B 58 36.20 17.03 40.56
N GLY B 89 35.13 14.82 45.69
CA GLY B 89 34.73 13.42 45.79
C GLY B 89 34.67 12.89 47.22
N ILE B 90 35.74 12.24 47.66
CA ILE B 90 35.90 11.78 49.05
C ILE B 90 37.23 12.26 49.61
N GLN B 91 37.19 12.77 50.84
CA GLN B 91 38.31 13.50 51.43
C GLN B 91 39.27 12.62 52.25
N ASN B 92 38.75 11.75 53.13
CA ASN B 92 39.64 10.95 53.98
C ASN B 92 38.93 9.84 54.76
N LEU B 93 39.16 8.57 54.36
CA LEU B 93 38.51 7.43 54.98
C LEU B 93 39.55 6.36 55.39
N SER B 94 39.21 5.58 56.42
CA SER B 94 40.09 4.53 56.93
C SER B 94 39.27 3.39 57.51
N PHE B 95 39.62 2.14 57.16
CA PHE B 95 38.91 0.95 57.64
C PHE B 95 39.63 -0.32 57.19
N LYS B 96 39.27 -1.43 57.84
CA LYS B 96 39.75 -2.77 57.49
C LYS B 96 38.59 -3.76 57.55
N VAL B 97 38.31 -4.44 56.44
CA VAL B 97 37.19 -5.37 56.36
C VAL B 97 37.73 -6.76 56.00
N ARG B 98 36.96 -7.79 56.36
CA ARG B 98 37.35 -9.19 56.21
C ARG B 98 36.17 -9.97 55.66
N SER B 99 36.45 -11.09 54.99
CA SER B 99 35.39 -11.95 54.47
C SER B 99 34.57 -12.54 55.61
N GLY B 100 33.29 -12.73 55.36
CA GLY B 100 32.32 -13.03 56.38
C GLY B 100 31.51 -11.84 56.83
N GLN B 101 32.03 -10.64 56.60
CA GLN B 101 31.33 -9.40 56.90
C GLN B 101 30.52 -8.96 55.69
N MET B 102 29.49 -8.15 55.95
CA MET B 102 28.75 -7.46 54.89
C MET B 102 28.63 -6.00 55.30
N LEU B 103 29.37 -5.14 54.62
CA LEU B 103 29.40 -3.71 54.92
C LEU B 103 28.51 -2.94 53.96
N ALA B 104 27.52 -2.25 54.50
CA ALA B 104 26.65 -1.39 53.72
C ALA B 104 27.03 0.05 53.96
N ILE B 105 27.11 0.82 52.87
CA ILE B 105 27.38 2.25 52.95
C ILE B 105 26.04 2.95 52.81
N ILE B 106 25.83 4.00 53.61
CA ILE B 106 24.57 4.74 53.57
C ILE B 106 24.76 6.13 52.98
N GLY B 107 25.63 6.94 53.59
CA GLY B 107 26.09 8.16 52.94
C GLY B 107 24.99 9.11 52.48
N SER B 108 25.37 10.12 51.71
CA SER B 108 24.39 11.06 51.16
C SER B 108 24.05 10.67 49.73
N SER B 109 22.98 11.28 49.21
CA SER B 109 22.46 10.99 47.87
C SER B 109 23.44 11.39 46.78
N GLY B 110 24.08 10.40 46.14
CA GLY B 110 24.91 10.66 44.98
C GLY B 110 25.95 11.74 45.25
N CYS B 111 26.63 11.63 46.41
CA CYS B 111 27.64 12.60 46.82
C CYS B 111 29.02 11.96 46.82
N GLY B 112 29.55 11.74 45.62
CA GLY B 112 30.80 11.04 45.41
C GLY B 112 30.95 9.73 46.14
N ARG B 113 29.85 8.98 46.32
CA ARG B 113 29.94 7.65 46.90
C ARG B 113 29.28 6.57 46.05
N ALA B 114 28.33 6.92 45.17
CA ALA B 114 28.00 5.95 44.14
C ALA B 114 29.15 5.81 43.17
N SER B 115 30.14 6.71 43.28
CA SER B 115 31.44 6.62 42.64
C SER B 115 32.49 6.00 43.57
N LEU B 116 32.12 5.66 44.81
CA LEU B 116 33.09 5.14 45.78
C LEU B 116 33.49 3.70 45.45
N LEU B 117 32.53 2.86 45.10
CA LEU B 117 32.91 1.50 44.71
C LEU B 117 33.63 1.46 43.38
N ASP B 118 33.66 2.56 42.63
CA ASP B 118 34.49 2.66 41.45
C ASP B 118 35.88 3.21 41.74
N VAL B 119 36.02 4.04 42.79
CA VAL B 119 37.34 4.52 43.19
C VAL B 119 38.11 3.40 43.90
N ILE B 120 37.41 2.56 44.67
CA ILE B 120 38.10 1.49 45.39
C ILE B 120 38.56 0.41 44.41
N THR B 121 37.70 0.06 43.46
CA THR B 121 38.11 -0.84 42.37
C THR B 121 39.09 -0.18 41.42
N GLY B 122 39.37 1.11 41.58
CA GLY B 122 40.24 1.81 40.67
C GLY B 122 39.64 2.15 39.34
N ARG B 123 38.34 1.90 39.15
CA ARG B 123 37.72 2.17 37.86
C ARG B 123 36.60 3.21 37.98
N GLY B 124 36.91 4.35 38.58
CA GLY B 124 36.02 5.48 38.56
C GLY B 124 36.46 6.50 37.52
N HIS B 125 35.67 7.55 37.38
CA HIS B 125 35.94 8.56 36.37
C HIS B 125 35.44 9.90 36.86
N GLY B 126 35.98 10.96 36.24
CA GLY B 126 35.72 12.31 36.68
C GLY B 126 36.66 12.75 37.77
N GLY B 127 37.78 12.06 37.92
CA GLY B 127 38.78 12.42 38.90
C GLY B 127 39.80 11.32 39.01
N LYS B 128 40.78 11.55 39.86
CA LYS B 128 41.82 10.57 40.13
C LYS B 128 42.03 10.46 41.64
N ILE B 129 42.42 9.27 42.09
CA ILE B 129 42.78 9.09 43.48
C ILE B 129 43.95 10.01 43.80
N LYS B 130 43.75 10.88 44.78
CA LYS B 130 44.64 12.00 45.07
C LYS B 130 45.61 11.74 46.21
N SER B 131 45.24 10.87 47.16
CA SER B 131 46.17 10.33 48.14
C SER B 131 45.54 9.06 48.69
N GLY B 132 46.24 8.41 49.61
CA GLY B 132 45.59 7.25 50.19
C GLY B 132 45.96 5.96 49.48
N GLN B 133 45.96 4.88 50.25
CA GLN B 133 46.36 3.56 49.78
C GLN B 133 45.16 2.62 49.83
N ILE B 134 45.11 1.67 48.90
CA ILE B 134 44.04 0.68 48.84
C ILE B 134 44.68 -0.70 48.83
N TRP B 135 44.35 -1.50 49.84
CA TRP B 135 44.93 -2.83 50.01
C TRP B 135 43.85 -3.88 49.78
N ILE B 136 44.17 -4.89 48.97
CA ILE B 136 43.26 -5.98 48.67
C ILE B 136 44.03 -7.26 48.94
N ASN B 137 43.65 -7.97 50.01
CA ASN B 137 44.34 -9.17 50.47
C ASN B 137 45.78 -8.81 50.87
N GLY B 138 45.94 -7.63 51.48
CA GLY B 138 47.29 -7.21 51.82
C GLY B 138 48.12 -6.72 50.66
N GLN B 139 47.54 -6.58 49.47
CA GLN B 139 48.24 -6.18 48.28
C GLN B 139 47.73 -4.83 47.79
N PRO B 140 48.60 -3.96 47.26
CA PRO B 140 48.15 -2.66 46.77
C PRO B 140 47.26 -2.80 45.54
N SER B 141 46.32 -1.87 45.42
CA SER B 141 45.30 -1.98 44.39
C SER B 141 45.91 -1.85 42.99
N SER B 142 45.37 -2.64 42.06
CA SER B 142 45.80 -2.66 40.68
C SER B 142 44.70 -3.33 39.86
N PRO B 143 44.51 -2.93 38.60
CA PRO B 143 43.45 -3.55 37.79
C PRO B 143 43.49 -5.07 37.75
N GLN B 144 44.67 -5.67 37.89
CA GLN B 144 44.75 -7.12 37.99
C GLN B 144 44.03 -7.64 39.22
N LEU B 145 44.38 -7.10 40.41
CA LEU B 145 43.70 -7.50 41.63
C LEU B 145 42.22 -7.15 41.62
N VAL B 146 41.81 -6.18 40.81
CA VAL B 146 40.39 -5.88 40.72
C VAL B 146 39.70 -6.84 39.78
N ARG B 147 40.38 -7.27 38.72
CA ARG B 147 39.83 -8.32 37.88
C ARG B 147 39.92 -9.68 38.55
N LYS B 148 40.91 -9.89 39.42
CA LYS B 148 41.13 -11.19 40.03
C LYS B 148 40.39 -11.41 41.35
N CYS B 149 39.94 -10.35 42.02
CA CYS B 149 39.35 -10.55 43.33
C CYS B 149 37.92 -10.05 43.45
N VAL B 150 37.58 -8.95 42.80
CA VAL B 150 36.36 -8.21 43.10
C VAL B 150 35.36 -8.46 41.99
N ALA B 151 34.23 -9.06 42.35
CA ALA B 151 33.15 -9.34 41.40
C ALA B 151 32.15 -8.19 41.48
N HIS B 152 32.10 -7.39 40.41
CA HIS B 152 31.28 -6.20 40.38
C HIS B 152 29.93 -6.52 39.76
N VAL B 153 28.86 -6.17 40.46
CA VAL B 153 27.51 -6.35 39.97
C VAL B 153 27.01 -4.97 39.55
N ARG B 154 26.96 -4.72 38.25
CA ARG B 154 26.53 -3.40 37.79
C ARG B 154 25.02 -3.26 37.97
N GLN B 155 24.62 -2.10 38.48
CA GLN B 155 23.21 -1.82 38.70
C GLN B 155 22.40 -2.02 37.43
N HIS B 156 22.82 -1.40 36.34
CA HIS B 156 22.14 -1.50 35.06
C HIS B 156 23.05 -2.24 34.09
N ASN B 157 22.85 -3.54 33.98
CA ASN B 157 23.52 -4.40 33.02
C ASN B 157 22.44 -5.10 32.18
N GLN B 158 22.85 -5.61 31.02
CA GLN B 158 21.94 -6.35 30.16
C GLN B 158 22.35 -7.82 30.08
N LEU B 159 21.34 -8.67 30.01
CA LEU B 159 21.48 -10.08 29.67
C LEU B 159 20.71 -10.31 28.38
N LEU B 160 21.02 -11.38 27.68
CA LEU B 160 20.31 -11.64 26.44
C LEU B 160 18.87 -12.08 26.71
N PRO B 161 17.88 -11.47 26.04
CA PRO B 161 16.48 -11.65 26.46
C PRO B 161 15.91 -13.03 26.16
N ASN B 162 16.39 -13.72 25.13
CA ASN B 162 15.72 -14.96 24.77
C ASN B 162 16.59 -16.16 25.07
N LEU B 163 17.14 -16.18 26.28
CA LEU B 163 17.82 -17.34 26.85
C LEU B 163 17.23 -17.58 28.23
N THR B 164 17.53 -18.73 28.80
CA THR B 164 17.04 -19.07 30.12
C THR B 164 18.10 -18.77 31.19
N VAL B 165 17.70 -18.94 32.46
CA VAL B 165 18.60 -18.68 33.58
C VAL B 165 19.79 -19.62 33.54
N ARG B 166 19.56 -20.91 33.28
CA ARG B 166 20.66 -21.85 33.07
C ARG B 166 21.54 -21.41 31.91
N GLU B 167 20.94 -21.06 30.79
CA GLU B 167 21.71 -20.77 29.59
C GLU B 167 22.58 -19.54 29.79
N THR B 168 21.99 -18.45 30.30
CA THR B 168 22.77 -17.23 30.53
C THR B 168 23.94 -17.50 31.48
N LEU B 169 23.70 -18.29 32.53
CA LEU B 169 24.78 -18.66 33.43
C LEU B 169 25.74 -19.66 32.78
N ALA B 170 25.24 -20.59 31.98
CA ALA B 170 26.11 -21.62 31.40
C ALA B 170 27.04 -21.05 30.34
N PHE B 171 26.54 -20.14 29.51
CA PHE B 171 27.38 -19.55 28.47
C PHE B 171 28.51 -18.74 29.11
N ILE B 172 28.22 -18.06 30.21
CA ILE B 172 29.24 -17.33 30.93
C ILE B 172 30.15 -18.28 31.66
N ALA B 173 29.60 -19.38 32.19
CA ALA B 173 30.41 -20.35 32.91
C ALA B 173 31.41 -21.04 32.00
N GLN B 174 31.09 -21.18 30.71
CA GLN B 174 32.05 -21.75 29.78
C GLN B 174 33.11 -20.74 29.35
N MET B 175 33.06 -19.51 29.89
CA MET B 175 34.10 -18.51 29.63
C MET B 175 34.75 -17.98 30.90
N ARG B 176 34.29 -18.41 32.07
CA ARG B 176 34.83 -17.94 33.35
C ARG B 176 35.51 -19.03 34.14
N LEU B 177 35.12 -20.24 33.97
CA LEU B 177 35.81 -21.24 34.74
C LEU B 177 37.02 -21.75 33.96
N PRO B 178 38.06 -22.21 34.66
CA PRO B 178 39.29 -22.63 33.96
C PRO B 178 39.01 -23.70 32.94
N ARG B 179 39.85 -23.75 31.90
CA ARG B 179 39.72 -24.78 30.88
C ARG B 179 39.87 -26.17 31.48
N THR B 180 40.62 -26.29 32.59
CA THR B 180 40.86 -27.59 33.21
C THR B 180 39.60 -28.16 33.85
N PHE B 181 38.52 -27.38 33.92
CA PHE B 181 37.26 -27.91 34.40
C PHE B 181 36.60 -28.76 33.33
N SER B 182 36.15 -29.94 33.72
CA SER B 182 35.26 -30.72 32.87
C SER B 182 33.91 -30.04 32.75
N GLN B 183 33.13 -30.48 31.76
CA GLN B 183 31.78 -29.95 31.63
C GLN B 183 30.94 -30.28 32.86
N ALA B 184 31.19 -31.41 33.51
CA ALA B 184 30.46 -31.74 34.74
C ALA B 184 30.82 -30.77 35.86
N GLN B 185 32.10 -30.42 35.99
CA GLN B 185 32.50 -29.44 37.00
C GLN B 185 31.83 -28.10 36.75
N ARG B 186 31.82 -27.66 35.49
CA ARG B 186 31.22 -26.37 35.18
C ARG B 186 29.71 -26.42 35.32
N ASP B 187 29.10 -27.58 35.05
CA ASP B 187 27.67 -27.72 35.30
C ASP B 187 27.36 -27.76 36.79
N LYS B 188 28.29 -28.30 37.59
CA LYS B 188 28.13 -28.25 39.04
C LYS B 188 28.11 -26.81 39.55
N ARG B 189 28.97 -25.96 39.01
CA ARG B 189 29.07 -24.58 39.50
C ARG B 189 27.84 -23.77 39.13
N VAL B 190 27.28 -24.00 37.93
CA VAL B 190 26.06 -23.30 37.54
C VAL B 190 24.91 -23.71 38.45
N GLU B 191 24.75 -25.01 38.65
CA GLU B 191 23.68 -25.48 39.52
C GLU B 191 23.90 -25.02 40.96
N ASP B 192 25.16 -25.04 41.41
CA ASP B 192 25.45 -24.60 42.77
C ASP B 192 25.12 -23.12 42.98
N VAL B 193 25.35 -22.29 41.96
CA VAL B 193 25.00 -20.87 42.07
C VAL B 193 23.49 -20.71 42.10
N ILE B 194 22.79 -21.37 41.17
CA ILE B 194 21.34 -21.31 41.12
C ILE B 194 20.75 -21.67 42.49
N ALA B 195 21.19 -22.80 43.05
CA ALA B 195 20.62 -23.29 44.30
C ALA B 195 20.92 -22.36 45.47
N GLU B 196 22.06 -21.68 45.45
CA GLU B 196 22.36 -20.76 46.55
C GLU B 196 21.55 -19.49 46.45
N LEU B 197 21.25 -19.04 45.23
CA LEU B 197 20.46 -17.83 45.03
C LEU B 197 18.96 -18.10 45.00
N ARG B 198 18.53 -19.28 45.44
CA ARG B 198 17.12 -19.66 45.48
C ARG B 198 16.47 -19.49 44.12
N LEU B 199 17.19 -19.93 43.09
CA LEU B 199 16.66 -19.93 41.73
C LEU B 199 16.42 -21.35 41.22
N ARG B 200 16.45 -22.34 42.12
CA ARG B 200 16.01 -23.68 41.74
C ARG B 200 14.59 -23.62 41.19
N GLN B 201 13.75 -22.80 41.80
CA GLN B 201 12.51 -22.39 41.17
C GLN B 201 12.84 -21.44 40.03
N CYS B 202 12.21 -21.64 38.87
CA CYS B 202 12.23 -20.69 37.76
C CYS B 202 13.56 -20.69 37.01
N ALA B 203 14.38 -21.73 37.18
CA ALA B 203 15.66 -21.76 36.49
C ALA B 203 15.49 -21.97 34.98
N ASP B 204 14.40 -22.61 34.55
CA ASP B 204 14.25 -23.02 33.16
C ASP B 204 13.37 -22.07 32.36
N THR B 205 13.16 -20.85 32.84
CA THR B 205 12.34 -19.86 32.18
C THR B 205 13.21 -18.82 31.48
N ARG B 206 12.61 -18.13 30.51
CA ARG B 206 13.30 -17.11 29.75
C ARG B 206 13.53 -15.87 30.63
N VAL B 207 14.67 -15.22 30.44
CA VAL B 207 15.03 -14.06 31.26
C VAL B 207 14.64 -12.80 30.49
N GLY B 208 13.57 -12.89 29.70
CA GLY B 208 13.13 -11.79 28.86
C GLY B 208 12.88 -10.51 29.62
N ASN B 209 13.49 -9.41 29.16
CA ASN B 209 13.26 -8.10 29.72
C ASN B 209 12.38 -7.22 28.83
N MET B 210 12.77 -6.96 27.58
CA MET B 210 11.79 -6.42 26.65
C MET B 210 10.84 -7.52 26.16
N TYR B 211 11.26 -8.78 26.27
CA TYR B 211 10.33 -9.88 26.03
C TYR B 211 9.27 -9.98 27.15
N VAL B 212 9.35 -8.96 28.02
CA VAL B 212 8.44 -8.67 29.11
C VAL B 212 8.10 -9.92 29.90
N ARG B 213 7.25 -10.77 29.34
CA ARG B 213 6.84 -11.98 30.04
C ARG B 213 8.04 -12.88 30.31
N GLY B 214 8.18 -13.28 31.55
CA GLY B 214 9.30 -14.07 31.97
C GLY B 214 9.52 -13.88 33.47
N LEU B 215 10.79 -13.82 33.85
CA LEU B 215 11.16 -13.67 35.25
C LEU B 215 11.05 -12.22 35.72
N SER B 216 10.80 -12.07 37.02
CA SER B 216 10.56 -10.81 37.68
C SER B 216 11.86 -10.08 37.99
N GLY B 217 11.72 -8.82 38.41
CA GLY B 217 12.88 -7.98 38.62
C GLY B 217 13.81 -8.49 39.70
N GLY B 218 13.24 -9.10 40.75
CA GLY B 218 14.09 -9.71 41.76
C GLY B 218 14.88 -10.88 41.22
N GLU B 219 14.29 -11.63 40.28
CA GLU B 219 14.97 -12.77 39.66
C GLU B 219 16.00 -12.34 38.63
N ARG B 220 15.76 -11.26 37.90
CA ARG B 220 16.81 -10.69 37.05
C ARG B 220 18.03 -10.34 37.87
N ARG B 221 17.82 -9.64 38.99
CA ARG B 221 18.93 -9.28 39.87
C ARG B 221 19.65 -10.53 40.37
N ARG B 222 18.89 -11.52 40.83
CA ARG B 222 19.49 -12.78 41.27
C ARG B 222 20.29 -13.42 40.15
N VAL B 223 19.80 -13.33 38.92
CA VAL B 223 20.56 -13.87 37.79
C VAL B 223 21.75 -12.96 37.49
N SER B 224 21.59 -11.65 37.69
CA SER B 224 22.70 -10.75 37.47
C SER B 224 23.84 -10.95 38.47
N ILE B 225 23.53 -11.35 39.71
CA ILE B 225 24.60 -11.63 40.68
C ILE B 225 25.29 -12.94 40.33
N GLY B 226 24.52 -13.94 39.89
CA GLY B 226 25.10 -15.24 39.57
C GLY B 226 26.17 -15.13 38.50
N VAL B 227 26.00 -14.19 37.56
CA VAL B 227 26.99 -13.94 36.53
C VAL B 227 28.31 -13.45 37.10
N GLN B 228 28.32 -13.05 38.37
CA GLN B 228 29.55 -12.77 39.09
C GLN B 228 29.92 -13.90 40.04
N LEU B 229 28.94 -14.57 40.63
CA LEU B 229 29.19 -15.71 41.51
C LEU B 229 29.68 -16.95 40.78
N LEU B 230 29.65 -16.96 39.44
CA LEU B 230 30.01 -18.17 38.71
C LEU B 230 31.47 -18.56 38.94
N TRP B 231 32.35 -17.57 39.13
CA TRP B 231 33.76 -17.86 39.35
C TRP B 231 34.17 -17.72 40.82
N ASN B 232 33.23 -17.99 41.73
CA ASN B 232 33.44 -17.98 43.17
C ASN B 232 34.32 -16.83 43.64
N PRO B 233 33.81 -15.60 43.64
CA PRO B 233 34.62 -14.48 44.10
C PRO B 233 34.71 -14.46 45.63
N GLY B 234 35.75 -13.82 46.11
CA GLY B 234 35.93 -13.66 47.55
C GLY B 234 35.37 -12.34 48.00
N ILE B 235 35.43 -11.34 47.13
CA ILE B 235 34.95 -9.99 47.42
C ILE B 235 33.90 -9.67 46.39
N LEU B 236 32.65 -9.53 46.84
CA LEU B 236 31.51 -9.31 45.96
C LEU B 236 30.88 -7.99 46.35
N ILE B 237 31.02 -6.96 45.51
CA ILE B 237 30.54 -5.61 45.83
C ILE B 237 29.34 -5.31 44.93
N LEU B 238 28.27 -4.81 45.55
CA LEU B 238 27.03 -4.51 44.86
C LEU B 238 26.71 -3.03 44.95
N ASP B 239 26.27 -2.48 43.84
CA ASP B 239 25.94 -1.06 43.74
C ASP B 239 24.44 -0.94 43.58
N GLU B 240 23.77 -0.39 44.59
CA GLU B 240 22.33 -0.22 44.60
C GLU B 240 21.56 -1.50 44.30
N PRO B 241 21.73 -2.54 45.11
CA PRO B 241 21.03 -3.80 44.82
C PRO B 241 19.53 -3.67 44.90
N THR B 242 19.02 -2.78 45.76
CA THR B 242 17.59 -2.56 45.95
C THR B 242 17.05 -1.39 45.12
N SER B 243 17.42 -1.35 43.85
CA SER B 243 16.92 -0.33 42.95
C SER B 243 15.70 -0.87 42.21
N GLY B 244 14.60 -0.15 42.30
CA GLY B 244 13.36 -0.59 41.70
C GLY B 244 12.69 -1.77 42.37
N LEU B 245 13.34 -2.40 43.35
CA LEU B 245 12.81 -3.62 43.92
C LEU B 245 11.71 -3.37 44.95
N ASP B 246 10.85 -4.37 45.10
CA ASP B 246 9.75 -4.36 46.03
C ASP B 246 10.28 -4.42 47.46
N SER B 247 9.46 -3.94 48.40
CA SER B 247 9.85 -3.99 49.80
C SER B 247 10.08 -5.43 50.25
N PHE B 248 9.14 -6.32 49.91
CA PHE B 248 9.32 -7.74 50.21
C PHE B 248 10.47 -8.34 49.40
N THR B 249 10.60 -7.96 48.13
CA THR B 249 11.70 -8.48 47.33
C THR B 249 13.04 -7.94 47.80
N ALA B 250 13.13 -6.65 48.07
CA ALA B 250 14.37 -6.06 48.55
C ALA B 250 14.81 -6.69 49.86
N HIS B 251 13.85 -7.08 50.71
CA HIS B 251 14.22 -7.67 51.99
C HIS B 251 14.78 -9.08 51.80
N ASN B 252 14.10 -9.89 51.00
CA ASN B 252 14.55 -11.26 50.77
C ASN B 252 15.82 -11.31 49.92
N LEU B 253 16.11 -10.24 49.18
CA LEU B 253 17.35 -10.22 48.40
C LEU B 253 18.53 -9.87 49.29
N VAL B 254 18.32 -9.01 50.29
CA VAL B 254 19.40 -8.70 51.23
C VAL B 254 19.81 -9.94 52.00
N LYS B 255 18.84 -10.74 52.44
CA LYS B 255 19.16 -11.98 53.14
C LYS B 255 19.94 -12.93 52.24
N THR B 256 19.54 -13.04 50.97
CA THR B 256 20.30 -13.86 50.03
C THR B 256 21.75 -13.39 49.93
N LEU B 257 21.99 -12.08 50.15
CA LEU B 257 23.37 -11.61 50.25
C LEU B 257 23.96 -11.82 51.63
N SER B 258 23.15 -11.76 52.69
CA SER B 258 23.67 -12.06 54.02
C SER B 258 24.19 -13.49 54.07
N ARG B 259 23.51 -14.42 53.41
CA ARG B 259 24.00 -15.78 53.33
C ARG B 259 25.25 -15.88 52.47
N LEU B 260 25.40 -14.99 51.48
CA LEU B 260 26.57 -15.04 50.63
C LEU B 260 27.82 -14.60 51.40
N ALA B 261 27.69 -13.57 52.23
CA ALA B 261 28.81 -13.17 53.08
C ALA B 261 29.09 -14.23 54.13
N LYS B 262 28.05 -14.84 54.69
CA LYS B 262 28.24 -15.99 55.58
C LYS B 262 28.98 -17.13 54.89
N GLY B 263 28.93 -17.18 53.57
CA GLY B 263 29.69 -18.17 52.81
C GLY B 263 31.12 -17.75 52.61
N ASN B 264 31.66 -17.05 53.62
CA ASN B 264 33.08 -16.66 53.70
C ASN B 264 33.41 -15.69 52.56
N ARG B 265 32.53 -14.73 52.34
CA ARG B 265 32.75 -13.68 51.34
C ARG B 265 32.73 -12.32 52.01
N LEU B 266 33.24 -11.33 51.30
CA LEU B 266 33.32 -9.95 51.79
C LEU B 266 32.39 -9.13 50.91
N VAL B 267 31.17 -8.89 51.39
CA VAL B 267 30.10 -8.33 50.57
C VAL B 267 29.95 -6.86 50.93
N LEU B 268 30.06 -5.98 49.92
CA LEU B 268 29.96 -4.55 50.11
C LEU B 268 28.73 -4.01 49.38
N ILE B 269 28.05 -3.06 50.01
CA ILE B 269 26.77 -2.55 49.54
C ILE B 269 26.79 -1.03 49.61
N SER B 270 26.66 -0.38 48.46
CA SER B 270 26.30 1.03 48.39
C SER B 270 24.79 1.12 48.33
N LEU B 271 24.18 1.89 49.23
CA LEU B 271 22.73 1.85 49.33
C LEU B 271 22.18 3.20 49.79
N HIS B 272 21.34 3.80 48.95
CA HIS B 272 20.71 5.10 49.20
C HIS B 272 19.35 4.94 49.86
N GLN B 273 19.10 5.75 50.90
CA GLN B 273 17.92 5.74 51.78
C GLN B 273 17.35 4.33 51.98
N PRO B 274 17.91 3.56 52.90
CA PRO B 274 17.36 2.23 53.17
C PRO B 274 16.00 2.34 53.85
N ARG B 275 15.18 1.32 53.61
CA ARG B 275 13.93 1.27 54.33
C ARG B 275 14.22 0.85 55.78
N SER B 276 13.20 0.92 56.62
CA SER B 276 13.41 0.67 58.04
C SER B 276 13.76 -0.80 58.30
N ASP B 277 13.05 -1.73 57.65
CA ASP B 277 13.34 -3.15 57.82
C ASP B 277 14.74 -3.52 57.31
N ILE B 278 15.21 -2.89 56.22
CA ILE B 278 16.51 -3.30 55.67
C ILE B 278 17.66 -2.84 56.57
N PHE B 279 17.51 -1.72 57.29
CA PHE B 279 18.59 -1.29 58.18
C PHE B 279 18.83 -2.29 59.32
N ARG B 280 17.79 -3.01 59.73
CA ARG B 280 17.98 -4.02 60.77
C ARG B 280 18.76 -5.22 60.26
N LEU B 281 19.04 -5.31 58.96
CA LEU B 281 19.76 -6.44 58.39
C LEU B 281 21.21 -6.14 58.04
N PHE B 282 21.73 -4.98 58.41
CA PHE B 282 23.13 -4.67 58.16
C PHE B 282 24.02 -5.22 59.25
N ASP B 283 25.22 -5.66 58.84
CA ASP B 283 26.25 -6.08 59.77
C ASP B 283 27.11 -4.89 60.15
N LEU B 284 28.14 -4.61 59.36
CA LEU B 284 28.82 -3.32 59.42
C LEU B 284 28.07 -2.29 58.58
N VAL B 285 28.23 -1.02 58.94
CA VAL B 285 27.54 0.05 58.23
C VAL B 285 28.41 1.29 58.23
N LEU B 286 28.51 1.94 57.07
CA LEU B 286 29.29 3.17 56.92
C LEU B 286 28.33 4.32 56.61
N LEU B 287 28.27 5.29 57.53
CA LEU B 287 27.43 6.46 57.40
C LEU B 287 28.30 7.68 57.04
N MET B 288 27.95 8.36 55.96
CA MET B 288 28.74 9.50 55.46
C MET B 288 27.85 10.72 55.24
N THR B 289 28.48 11.81 54.81
CA THR B 289 27.75 13.04 54.52
C THR B 289 28.10 13.57 53.13
N SER B 290 29.33 13.33 52.71
CA SER B 290 29.75 13.63 51.35
C SER B 290 31.05 12.89 51.07
N GLY B 291 32.14 13.64 50.95
CA GLY B 291 33.45 13.04 50.93
C GLY B 291 34.06 12.74 52.26
N THR B 292 33.40 13.12 53.36
CA THR B 292 33.94 12.92 54.69
C THR B 292 33.10 11.90 55.45
N PRO B 293 33.71 10.87 56.05
CA PRO B 293 32.92 9.85 56.76
C PRO B 293 32.61 10.24 58.19
N ILE B 294 31.44 9.81 58.65
CA ILE B 294 30.90 10.20 59.95
C ILE B 294 30.99 9.06 60.96
N TYR B 295 30.62 7.85 60.56
CA TYR B 295 30.59 6.73 61.49
C TYR B 295 30.65 5.40 60.75
N LEU B 296 31.39 4.45 61.32
CA LEU B 296 31.51 3.10 60.78
C LEU B 296 31.54 2.10 61.92
N GLY B 297 30.71 1.07 61.83
CA GLY B 297 30.71 0.02 62.83
C GLY B 297 29.46 -0.85 62.70
N ALA B 298 29.24 -1.64 63.75
CA ALA B 298 28.08 -2.52 63.80
C ALA B 298 26.78 -1.73 63.73
N ALA B 299 25.82 -2.25 62.96
CA ALA B 299 24.59 -1.53 62.69
C ALA B 299 23.74 -1.36 63.94
N GLN B 300 23.59 -2.43 64.74
CA GLN B 300 22.71 -2.38 65.89
C GLN B 300 23.24 -1.52 67.02
N HIS B 301 24.36 -0.84 66.83
CA HIS B 301 24.90 0.09 67.82
C HIS B 301 24.97 1.52 67.31
N MET B 302 24.57 1.77 66.07
CA MET B 302 24.57 3.13 65.54
C MET B 302 23.74 4.06 66.39
N VAL B 303 22.68 3.55 67.04
CA VAL B 303 21.90 4.40 67.93
C VAL B 303 22.71 4.75 69.17
N GLN B 304 23.47 3.79 69.68
CA GLN B 304 24.27 4.04 70.88
C GLN B 304 25.43 4.99 70.60
N TYR B 305 26.19 4.74 69.53
CA TYR B 305 27.31 5.62 69.23
C TYR B 305 26.83 7.06 69.07
N PHE B 306 25.68 7.26 68.44
CA PHE B 306 25.18 8.60 68.20
C PHE B 306 24.37 9.15 69.36
N THR B 307 23.72 8.30 70.15
CA THR B 307 23.10 8.84 71.35
C THR B 307 24.15 9.37 72.31
N ALA B 308 25.34 8.77 72.31
CA ALA B 308 26.41 9.14 73.23
C ALA B 308 27.25 10.32 72.78
N ILE B 309 27.18 10.74 71.51
CA ILE B 309 28.00 11.86 71.06
C ILE B 309 27.16 13.11 70.81
N GLY B 310 25.88 13.09 71.16
CA GLY B 310 25.10 14.30 71.20
C GLY B 310 24.28 14.70 70.00
N TYR B 311 23.84 13.75 69.18
CA TYR B 311 22.71 13.94 68.27
C TYR B 311 21.92 12.64 68.25
N PRO B 312 21.31 12.27 69.38
CA PRO B 312 20.73 10.92 69.51
C PRO B 312 19.48 10.71 68.66
N CYS B 313 19.01 9.45 68.64
CA CYS B 313 18.13 8.99 67.56
C CYS B 313 16.69 8.82 68.04
N PRO B 314 15.75 9.52 67.42
CA PRO B 314 14.39 9.58 67.97
C PRO B 314 13.66 8.25 67.78
N ARG B 315 12.51 8.15 68.44
CA ARG B 315 11.67 6.98 68.32
C ARG B 315 10.78 7.07 67.08
N TYR B 316 10.45 5.91 66.51
CA TYR B 316 9.60 5.82 65.32
C TYR B 316 10.21 6.62 64.17
N SER B 317 11.47 6.32 63.87
CA SER B 317 12.19 6.94 62.77
C SER B 317 13.32 6.02 62.36
N ASN B 318 13.39 5.73 61.07
CA ASN B 318 14.49 4.94 60.54
C ASN B 318 15.79 5.68 60.84
N PRO B 319 16.73 5.07 61.58
CA PRO B 319 17.97 5.80 61.90
C PRO B 319 18.73 6.22 60.67
N ALA B 320 18.70 5.39 59.62
CA ALA B 320 19.50 5.69 58.45
C ALA B 320 19.03 6.97 57.76
N ASP B 321 17.73 7.07 57.46
CA ASP B 321 17.23 8.30 56.86
C ASP B 321 17.03 9.43 57.88
N PHE B 322 17.31 9.19 59.16
CA PHE B 322 17.39 10.26 60.14
C PHE B 322 18.79 10.86 60.17
N TYR B 323 19.81 10.02 60.22
CA TYR B 323 21.18 10.52 60.29
C TYR B 323 21.74 10.94 58.94
N VAL B 324 21.20 10.42 57.84
CA VAL B 324 21.62 10.92 56.53
C VAL B 324 21.27 12.39 56.38
N ASP B 325 20.11 12.80 56.89
CA ASP B 325 19.75 14.21 56.83
C ASP B 325 20.47 15.03 57.89
N LEU B 326 20.98 14.38 58.95
CA LEU B 326 21.59 15.08 60.07
C LEU B 326 22.95 15.69 59.75
N THR B 327 23.59 15.25 58.66
CA THR B 327 24.90 15.73 58.27
C THR B 327 24.85 16.32 56.87
N SER B 328 23.64 16.55 56.35
CA SER B 328 23.48 17.05 55.00
C SER B 328 24.06 18.45 54.85
N ILE B 329 24.62 18.69 53.67
CA ILE B 329 25.14 20.00 53.32
C ILE B 329 24.31 20.51 52.15
N ASP B 330 23.54 21.56 52.39
CA ASP B 330 22.68 22.16 51.37
C ASP B 330 23.43 23.22 50.56
N ARG B 331 22.97 23.47 49.33
CA ARG B 331 23.72 24.29 48.39
C ARG B 331 22.98 25.56 47.96
N ARG B 332 21.76 25.79 48.45
CA ARG B 332 21.01 26.92 47.93
C ARG B 332 21.47 28.25 48.53
N SER B 333 22.31 28.22 49.57
CA SER B 333 22.82 29.44 50.15
C SER B 333 24.29 29.30 50.52
N ARG B 334 25.01 30.41 50.39
CA ARG B 334 26.43 30.46 50.78
C ARG B 334 26.61 30.20 52.27
N GLU B 335 25.63 30.56 53.09
CA GLU B 335 25.71 30.41 54.54
C GLU B 335 25.16 29.07 54.99
N GLN B 336 24.16 28.56 54.28
CA GLN B 336 23.74 27.18 54.46
C GLN B 336 24.89 26.21 54.21
N GLU B 337 25.48 26.27 53.00
CA GLU B 337 26.61 25.40 52.67
C GLU B 337 27.85 25.73 53.48
N LEU B 338 27.95 26.96 53.98
CA LEU B 338 29.04 27.30 54.89
C LEU B 338 28.92 26.54 56.21
N ALA B 339 27.69 26.43 56.74
CA ALA B 339 27.49 25.95 58.09
C ALA B 339 27.78 24.46 58.25
N THR B 340 27.18 23.61 57.41
CA THR B 340 27.19 22.19 57.71
C THR B 340 28.37 21.44 57.12
N ARG B 341 29.06 21.98 56.11
CA ARG B 341 30.36 21.40 55.79
C ARG B 341 31.32 21.63 56.94
N GLU B 342 31.07 22.68 57.72
CA GLU B 342 31.73 22.85 59.00
C GLU B 342 31.26 21.79 59.98
N LYS B 343 29.99 21.39 59.88
CA LYS B 343 29.46 20.32 60.73
C LYS B 343 29.95 18.95 60.27
N ALA B 344 30.08 18.75 58.96
CA ALA B 344 30.53 17.46 58.46
C ALA B 344 32.00 17.22 58.76
N GLN B 345 32.84 18.24 58.57
CA GLN B 345 34.27 18.08 58.83
C GLN B 345 34.54 18.02 60.33
N SER B 346 33.74 18.73 61.13
CA SER B 346 33.85 18.66 62.58
C SER B 346 33.43 17.30 63.12
N LEU B 347 32.30 16.76 62.61
CA LEU B 347 31.80 15.48 63.13
C LEU B 347 32.71 14.32 62.74
N ALA B 348 33.32 14.40 61.56
CA ALA B 348 34.28 13.38 61.16
C ALA B 348 35.52 13.45 62.03
N ALA B 349 35.90 14.67 62.42
CA ALA B 349 37.08 14.88 63.24
C ALA B 349 36.98 14.22 64.61
N LEU B 350 35.78 13.88 65.06
CA LEU B 350 35.63 13.33 66.40
C LEU B 350 35.33 11.82 66.39
N PHE B 351 34.99 11.22 65.25
CA PHE B 351 34.89 9.77 65.24
C PHE B 351 36.23 9.07 65.02
N LEU B 352 37.09 9.63 64.18
CA LEU B 352 38.34 8.94 63.93
C LEU B 352 39.23 8.87 65.16
N GLU B 353 39.06 9.76 66.13
CA GLU B 353 39.77 9.61 67.40
C GLU B 353 38.99 8.83 68.44
N LYS B 354 37.66 8.71 68.31
CA LYS B 354 36.99 7.75 69.19
C LYS B 354 37.31 6.32 68.81
N VAL B 355 37.96 6.12 67.67
CA VAL B 355 38.41 4.79 67.26
C VAL B 355 39.74 4.96 66.53
N ARG B 356 40.63 5.78 67.11
CA ARG B 356 42.00 5.94 66.64
C ARG B 356 42.90 4.96 67.37
N ASP B 357 42.70 4.83 68.68
CA ASP B 357 43.36 3.80 69.49
C ASP B 357 42.69 2.43 69.36
N LEU B 358 41.46 2.36 68.86
CA LEU B 358 40.80 1.08 68.60
C LEU B 358 41.00 0.67 67.14
N ASP B 359 41.49 -0.56 66.93
CA ASP B 359 41.86 -1.06 65.61
C ASP B 359 40.65 -1.41 64.75
N ASP B 360 40.92 -1.54 63.43
CA ASP B 360 39.96 -1.77 62.36
C ASP B 360 39.08 -0.56 62.09
N PHE B 361 39.12 0.43 62.96
CA PHE B 361 38.25 1.60 62.90
C PHE B 361 36.79 1.16 62.92
N LEU B 362 36.58 -0.03 63.49
CA LEU B 362 35.28 -0.68 63.63
C LEU B 362 34.72 -0.37 65.02
N TRP B 363 33.68 0.46 65.09
CA TRP B 363 33.02 0.70 66.37
C TRP B 363 32.05 -0.43 66.65
N LYS B 364 32.35 -1.24 67.67
CA LYS B 364 31.46 -2.32 68.12
C LYS B 364 31.29 -3.38 67.03
N THR B 392 46.22 -20.95 37.07
CA THR B 392 45.13 -21.60 36.35
C THR B 392 45.03 -21.03 34.93
N LYS B 393 44.94 -21.93 33.94
CA LYS B 393 44.89 -21.54 32.54
C LYS B 393 43.44 -21.35 32.10
N MET B 394 43.19 -20.26 31.38
CA MET B 394 41.84 -19.83 31.07
C MET B 394 41.44 -20.27 29.66
N PRO B 395 40.17 -20.10 29.29
CA PRO B 395 39.76 -20.37 27.91
C PRO B 395 40.49 -19.50 26.91
N GLY B 396 40.71 -20.06 25.72
CA GLY B 396 41.44 -19.38 24.67
C GLY B 396 40.54 -18.63 23.71
N ALA B 397 41.17 -18.03 22.70
CA ALA B 397 40.43 -17.22 21.74
C ALA B 397 39.43 -18.07 20.95
N VAL B 398 39.81 -19.30 20.61
CA VAL B 398 38.94 -20.13 19.78
C VAL B 398 37.67 -20.50 20.54
N GLN B 399 37.83 -21.06 21.74
CA GLN B 399 36.69 -21.50 22.54
C GLN B 399 35.72 -20.35 22.80
N GLN B 400 36.24 -19.16 23.10
CA GLN B 400 35.38 -18.00 23.27
C GLN B 400 34.64 -17.67 21.98
N PHE B 401 35.32 -17.73 20.84
CA PHE B 401 34.60 -17.59 19.58
C PHE B 401 33.48 -18.60 19.50
N THR B 402 33.76 -19.86 19.83
CA THR B 402 32.72 -20.89 19.81
C THR B 402 31.63 -20.60 20.82
N THR B 403 31.97 -20.01 21.96
CA THR B 403 30.96 -19.70 22.96
C THR B 403 30.18 -18.44 22.62
N LEU B 404 30.85 -17.41 22.09
CA LEU B 404 30.12 -16.19 21.72
C LEU B 404 29.23 -16.43 20.52
N ILE B 405 29.72 -17.16 19.52
CA ILE B 405 28.93 -17.35 18.31
C ILE B 405 27.69 -18.17 18.61
N ARG B 406 27.80 -19.12 19.55
CA ARG B 406 26.61 -19.84 20.00
C ARG B 406 25.63 -18.91 20.70
N ARG B 407 26.11 -18.23 21.75
CA ARG B 407 25.23 -17.40 22.56
C ARG B 407 24.52 -16.35 21.71
N GLN B 408 25.23 -15.75 20.76
CA GLN B 408 24.60 -14.79 19.86
C GLN B 408 23.56 -15.47 18.98
N ILE B 409 23.96 -16.50 18.25
CA ILE B 409 23.02 -17.18 17.36
C ILE B 409 21.90 -17.85 18.14
N SER B 410 22.17 -18.32 19.36
CA SER B 410 21.11 -18.95 20.15
C SER B 410 20.04 -17.94 20.57
N ASN B 411 20.45 -16.71 20.87
CA ASN B 411 19.46 -15.70 21.25
C ASN B 411 18.60 -15.33 20.05
N ASP B 412 19.23 -14.91 18.96
CA ASP B 412 18.56 -14.16 17.93
C ASP B 412 17.61 -15.00 17.10
N PHE B 413 17.70 -16.33 17.20
CA PHE B 413 16.77 -17.20 16.49
C PHE B 413 15.57 -17.64 17.32
N ARG B 414 15.54 -17.31 18.61
CA ARG B 414 14.31 -17.40 19.39
C ARG B 414 13.49 -16.12 19.34
N ASP B 415 14.08 -15.05 18.80
CA ASP B 415 13.41 -13.75 18.66
C ASP B 415 12.55 -13.74 17.40
N LEU B 416 11.51 -14.57 17.42
CA LEU B 416 10.63 -14.70 16.27
C LEU B 416 9.96 -13.40 15.84
N PRO B 417 9.57 -12.48 16.75
CA PRO B 417 8.94 -11.23 16.26
C PRO B 417 9.80 -10.42 15.31
N THR B 418 11.07 -10.18 15.66
CA THR B 418 11.90 -9.35 14.80
C THR B 418 12.27 -10.06 13.50
N LEU B 419 12.25 -11.39 13.48
CA LEU B 419 12.47 -12.12 12.23
C LEU B 419 11.35 -11.85 11.23
N LEU B 420 10.10 -12.14 11.62
CA LEU B 420 8.98 -12.00 10.70
C LEU B 420 8.87 -10.59 10.15
N ILE B 421 9.20 -9.57 10.94
CA ILE B 421 9.13 -8.21 10.46
C ILE B 421 10.25 -7.91 9.48
N HIS B 422 11.50 -8.24 9.86
CA HIS B 422 12.62 -8.07 8.93
C HIS B 422 12.49 -8.96 7.71
N GLY B 423 11.72 -10.04 7.80
CA GLY B 423 11.41 -10.82 6.61
C GLY B 423 10.45 -10.10 5.69
N ALA B 424 9.35 -9.56 6.25
CA ALA B 424 8.38 -8.85 5.43
C ALA B 424 8.94 -7.56 4.86
N GLU B 425 9.72 -6.80 5.65
CA GLU B 425 10.34 -5.59 5.11
C GLU B 425 11.23 -5.88 3.91
N ALA B 426 11.73 -7.11 3.79
CA ALA B 426 12.42 -7.49 2.57
C ALA B 426 11.43 -7.89 1.48
N CYS B 427 10.45 -8.72 1.83
CA CYS B 427 9.46 -9.21 0.87
C CYS B 427 8.64 -8.10 0.24
N LEU B 428 7.85 -7.40 1.07
CA LEU B 428 6.98 -6.34 0.58
C LEU B 428 7.76 -5.33 -0.24
N MET B 429 9.07 -5.21 0.00
CA MET B 429 9.91 -4.30 -0.76
C MET B 429 10.37 -4.91 -2.07
N SER B 430 10.90 -6.14 -2.02
CA SER B 430 11.38 -6.82 -3.22
C SER B 430 10.29 -6.92 -4.27
N MET B 431 9.03 -6.76 -3.87
CA MET B 431 7.88 -6.74 -4.76
C MET B 431 7.50 -5.33 -5.19
N THR B 432 7.75 -4.33 -4.35
CA THR B 432 7.59 -2.94 -4.76
C THR B 432 8.53 -2.57 -5.90
N ILE B 433 9.78 -3.03 -5.82
CA ILE B 433 10.73 -2.80 -6.91
C ILE B 433 10.34 -3.62 -8.13
N GLY B 434 10.04 -4.90 -7.93
CA GLY B 434 9.76 -5.77 -9.06
C GLY B 434 8.57 -5.32 -9.89
N PHE B 435 7.52 -4.83 -9.23
CA PHE B 435 6.30 -4.51 -9.94
C PHE B 435 6.35 -3.17 -10.66
N LEU B 436 7.10 -2.19 -10.13
CA LEU B 436 7.27 -0.94 -10.88
C LEU B 436 7.94 -1.19 -12.22
N TYR B 437 8.88 -2.13 -12.26
CA TYR B 437 9.59 -2.48 -13.48
C TYR B 437 9.16 -3.83 -14.04
N PHE B 438 7.88 -4.18 -13.84
CA PHE B 438 7.35 -5.45 -14.32
C PHE B 438 7.51 -5.54 -15.83
N GLY B 439 8.35 -6.46 -16.28
CA GLY B 439 8.72 -6.50 -17.69
C GLY B 439 8.09 -7.62 -18.47
N HIS B 440 6.99 -8.18 -17.95
CA HIS B 440 6.35 -9.32 -18.58
C HIS B 440 5.01 -8.88 -19.13
N GLY B 441 3.93 -9.03 -18.39
CA GLY B 441 2.60 -8.83 -18.95
C GLY B 441 2.30 -7.40 -19.34
N SER B 442 3.10 -6.85 -20.25
CA SER B 442 2.84 -5.55 -20.88
C SER B 442 3.80 -5.30 -22.03
N ILE B 443 4.72 -4.37 -21.81
CA ILE B 443 5.74 -3.99 -22.78
C ILE B 443 7.10 -4.18 -22.11
N GLN B 444 8.07 -4.64 -22.89
CA GLN B 444 9.36 -5.00 -22.31
C GLN B 444 10.05 -3.78 -21.71
N LEU B 445 10.98 -4.07 -20.80
CA LEU B 445 11.69 -3.02 -20.09
C LEU B 445 12.46 -2.15 -21.08
N SER B 446 12.26 -0.84 -20.97
CA SER B 446 13.09 0.10 -21.71
C SER B 446 14.55 -0.10 -21.29
N PHE B 447 15.47 0.49 -22.04
CA PHE B 447 16.86 0.36 -21.63
C PHE B 447 17.14 1.16 -20.36
N MET B 448 16.82 2.45 -20.37
CA MET B 448 17.06 3.25 -19.18
C MET B 448 16.18 2.79 -18.02
N ASP B 449 15.04 2.19 -18.32
CA ASP B 449 14.24 1.54 -17.28
C ASP B 449 14.99 0.36 -16.67
N THR B 450 15.80 -0.33 -17.48
CA THR B 450 16.57 -1.46 -16.98
C THR B 450 17.79 -0.99 -16.19
N ALA B 451 18.32 0.19 -16.51
CA ALA B 451 19.45 0.72 -15.76
C ALA B 451 19.01 1.23 -14.40
N ALA B 452 17.86 1.91 -14.33
CA ALA B 452 17.35 2.39 -13.05
C ALA B 452 17.08 1.23 -12.10
N LEU B 453 16.50 0.14 -12.59
CA LEU B 453 16.24 -1.03 -11.76
C LEU B 453 17.51 -1.56 -11.12
N LEU B 454 18.56 -1.73 -11.92
CA LEU B 454 19.79 -2.32 -11.40
C LEU B 454 20.44 -1.42 -10.35
N PHE B 455 20.43 -0.11 -10.57
CA PHE B 455 20.99 0.82 -9.60
C PHE B 455 20.18 0.83 -8.31
N MET B 456 18.85 0.91 -8.43
CA MET B 456 17.99 0.94 -7.26
C MET B 456 18.19 -0.31 -6.39
N ILE B 457 18.23 -1.49 -7.02
CA ILE B 457 18.39 -2.74 -6.27
C ILE B 457 19.57 -2.64 -5.31
N GLY B 458 20.67 -2.06 -5.77
CA GLY B 458 21.83 -1.89 -4.93
C GLY B 458 21.75 -0.68 -4.03
N ALA B 459 21.30 0.45 -4.58
CA ALA B 459 21.33 1.69 -3.82
C ALA B 459 20.20 1.79 -2.79
N LEU B 460 19.15 0.99 -2.94
CA LEU B 460 18.03 1.04 -2.02
C LEU B 460 18.23 0.14 -0.80
N ILE B 461 19.22 -0.74 -0.81
CA ILE B 461 19.34 -1.70 0.28
C ILE B 461 19.91 -1.06 1.55
N PRO B 462 20.85 -0.10 1.51
CA PRO B 462 21.35 0.47 2.77
C PRO B 462 20.27 1.18 3.58
N PHE B 463 19.17 1.63 2.96
CA PHE B 463 18.15 2.36 3.70
C PHE B 463 17.64 1.56 4.90
N ASN B 464 17.35 0.27 4.69
CA ASN B 464 17.03 -0.57 5.84
C ASN B 464 18.27 -1.14 6.52
N VAL B 465 19.29 -1.48 5.74
CA VAL B 465 20.45 -2.18 6.29
C VAL B 465 21.21 -1.34 7.28
N ILE B 466 21.38 -0.05 6.99
CA ILE B 466 22.18 0.79 7.87
C ILE B 466 21.53 0.95 9.23
N LEU B 467 20.22 1.24 9.26
CA LEU B 467 19.59 1.64 10.51
C LEU B 467 19.63 0.53 11.55
N ASP B 468 19.36 -0.72 11.15
CA ASP B 468 19.22 -1.79 12.13
C ASP B 468 20.54 -2.44 12.52
N VAL B 469 21.48 -2.58 11.58
CA VAL B 469 22.83 -3.04 11.95
C VAL B 469 23.43 -2.10 12.99
N ILE B 470 23.27 -0.79 12.78
CA ILE B 470 23.63 0.18 13.81
C ILE B 470 22.79 -0.05 15.05
N SER B 471 21.48 -0.23 14.87
CA SER B 471 20.58 -0.34 16.01
C SER B 471 20.86 -1.59 16.83
N LYS B 472 21.29 -2.69 16.21
CA LYS B 472 21.60 -3.88 16.99
C LYS B 472 22.83 -3.68 17.87
N CYS B 473 23.87 -3.04 17.34
CA CYS B 473 25.08 -2.79 18.13
C CYS B 473 24.74 -2.02 19.39
N TYR B 474 24.07 -0.89 19.23
CA TYR B 474 23.78 -0.02 20.35
C TYR B 474 22.89 -0.70 21.39
N SER B 475 22.13 -1.72 20.99
CA SER B 475 21.44 -2.52 21.99
C SER B 475 22.40 -3.39 22.77
N GLU B 476 23.55 -3.75 22.19
CA GLU B 476 24.48 -4.66 22.85
C GLU B 476 25.63 -3.95 23.57
N ARG B 477 25.76 -2.61 23.45
CA ARG B 477 26.88 -1.96 24.12
C ARG B 477 26.78 -2.03 25.63
N ALA B 478 25.56 -2.03 26.18
CA ALA B 478 25.41 -2.29 27.61
C ALA B 478 26.03 -3.63 27.98
N MET B 479 25.80 -4.65 27.16
CA MET B 479 26.36 -5.97 27.38
C MET B 479 27.85 -6.01 27.04
N LEU B 480 28.21 -5.47 25.87
CA LEU B 480 29.57 -5.60 25.35
C LEU B 480 30.60 -4.95 26.25
N TYR B 481 30.24 -3.84 26.88
CA TYR B 481 31.22 -3.07 27.63
C TYR B 481 31.67 -3.83 28.87
N TYR B 482 30.71 -4.25 29.71
CA TYR B 482 31.04 -4.93 30.96
C TYR B 482 31.61 -6.32 30.70
N GLU B 483 31.25 -6.96 29.59
CA GLU B 483 31.88 -8.23 29.26
C GLU B 483 33.33 -8.04 28.81
N LEU B 484 33.59 -7.01 28.00
CA LEU B 484 34.97 -6.77 27.61
C LEU B 484 35.80 -6.16 28.72
N GLU B 485 35.17 -5.44 29.66
CA GLU B 485 35.92 -4.84 30.75
C GLU B 485 36.31 -5.89 31.80
N ASP B 486 35.33 -6.64 32.31
CA ASP B 486 35.64 -7.72 33.25
C ASP B 486 36.61 -8.72 32.66
N GLY B 487 36.68 -8.80 31.34
CA GLY B 487 37.67 -9.62 30.68
C GLY B 487 37.35 -11.10 30.65
N LEU B 488 36.22 -11.47 30.08
CA LEU B 488 35.95 -12.88 29.79
C LEU B 488 36.09 -13.20 28.31
N TYR B 489 36.40 -12.19 27.49
CA TYR B 489 36.82 -12.40 26.12
C TYR B 489 37.46 -11.12 25.60
N THR B 490 38.28 -11.28 24.56
CA THR B 490 39.03 -10.22 23.92
C THR B 490 38.24 -9.66 22.74
N THR B 491 38.68 -8.51 22.22
CA THR B 491 38.08 -7.99 21.00
C THR B 491 38.23 -8.97 19.84
N GLY B 492 39.27 -9.80 19.87
CA GLY B 492 39.49 -10.83 18.90
C GLY B 492 38.28 -11.70 18.61
N PRO B 493 37.86 -12.50 19.58
CA PRO B 493 36.76 -13.44 19.32
C PRO B 493 35.45 -12.74 19.00
N TYR B 494 35.12 -11.67 19.72
CA TYR B 494 33.86 -10.98 19.44
C TYR B 494 33.83 -10.42 18.03
N PHE B 495 34.98 -9.92 17.55
CA PHE B 495 35.07 -9.40 16.20
C PHE B 495 34.67 -10.44 15.16
N PHE B 496 35.12 -11.68 15.33
CA PHE B 496 34.72 -12.74 14.41
C PHE B 496 33.33 -13.26 14.74
N ALA B 497 32.97 -13.29 16.03
CA ALA B 497 31.63 -13.71 16.42
C ALA B 497 30.58 -12.72 15.95
N LYS B 498 30.91 -11.43 15.91
CA LYS B 498 29.94 -10.41 15.55
C LYS B 498 29.67 -10.39 14.06
N ILE B 499 30.68 -10.69 13.25
CA ILE B 499 30.51 -10.64 11.80
C ILE B 499 29.82 -11.90 11.27
N LEU B 500 29.99 -13.05 11.93
CA LEU B 500 29.46 -14.30 11.41
C LEU B 500 28.08 -14.67 11.96
N GLY B 501 27.75 -14.26 13.18
CA GLY B 501 26.46 -14.61 13.75
C GLY B 501 25.28 -13.99 13.04
N GLU B 502 25.51 -13.06 12.12
CA GLU B 502 24.44 -12.43 11.36
C GLU B 502 24.25 -13.01 9.97
N LEU B 503 25.28 -13.66 9.40
CA LEU B 503 25.14 -14.31 8.11
C LEU B 503 23.97 -15.29 8.01
N PRO B 504 23.73 -16.19 8.98
CA PRO B 504 22.53 -17.05 8.87
C PRO B 504 21.25 -16.24 8.65
N GLU B 505 21.09 -15.15 9.39
CA GLU B 505 20.01 -14.20 9.12
C GLU B 505 20.20 -13.52 7.77
N HIS B 506 21.38 -12.93 7.57
CA HIS B 506 21.65 -12.14 6.37
C HIS B 506 21.27 -12.85 5.09
N CYS B 507 21.51 -14.15 5.02
CA CYS B 507 21.29 -14.86 3.75
C CYS B 507 19.81 -14.99 3.44
N ALA B 508 18.98 -15.22 4.45
CA ALA B 508 17.54 -15.23 4.26
C ALA B 508 17.03 -13.88 3.79
N TYR B 509 17.49 -12.81 4.44
CA TYR B 509 17.09 -11.45 4.06
C TYR B 509 17.36 -11.16 2.59
N ILE B 510 18.53 -11.58 2.09
CA ILE B 510 18.88 -11.28 0.70
C ILE B 510 18.03 -12.09 -0.26
N ILE B 511 17.85 -13.39 0.02
CA ILE B 511 17.02 -14.24 -0.81
C ILE B 511 15.63 -13.66 -0.96
N ILE B 512 15.02 -13.25 0.16
CA ILE B 512 13.68 -12.68 0.11
C ILE B 512 13.67 -11.37 -0.68
N TYR B 513 14.76 -10.60 -0.60
CA TYR B 513 14.85 -9.34 -1.32
C TYR B 513 15.34 -9.49 -2.75
N GLY B 514 16.23 -10.44 -3.01
CA GLY B 514 16.94 -10.48 -4.27
C GLY B 514 16.24 -11.22 -5.39
N MET B 515 15.63 -12.35 -5.05
CA MET B 515 15.06 -13.23 -6.07
C MET B 515 13.73 -12.71 -6.62
N PRO B 516 12.81 -12.17 -5.80
CA PRO B 516 11.56 -11.69 -6.39
C PRO B 516 11.71 -10.54 -7.36
N THR B 517 12.59 -9.57 -7.08
CA THR B 517 12.80 -8.48 -8.04
C THR B 517 13.36 -9.00 -9.36
N TYR B 518 14.19 -10.04 -9.31
CA TYR B 518 14.78 -10.56 -10.54
C TYR B 518 13.72 -11.18 -11.43
N TRP B 519 12.72 -11.83 -10.84
CA TRP B 519 11.74 -12.53 -11.66
C TRP B 519 10.64 -11.60 -12.16
N LEU B 520 10.13 -10.72 -11.29
CA LEU B 520 9.02 -9.86 -11.66
C LEU B 520 9.39 -9.00 -12.87
N ALA B 521 10.39 -8.15 -12.72
CA ALA B 521 11.00 -7.51 -13.87
C ALA B 521 11.64 -8.56 -14.76
N ASN B 522 11.38 -8.48 -16.06
CA ASN B 522 11.84 -9.50 -16.99
C ASN B 522 13.33 -9.29 -17.22
N LEU B 523 14.14 -10.03 -16.47
CA LEU B 523 15.59 -9.89 -16.55
C LEU B 523 16.18 -11.06 -17.35
N ARG B 524 17.50 -11.01 -17.53
CA ARG B 524 18.14 -11.92 -18.48
C ARG B 524 18.01 -13.35 -17.98
N PRO B 525 17.35 -14.23 -18.72
CA PRO B 525 17.05 -15.57 -18.19
C PRO B 525 18.28 -16.48 -18.15
N GLY B 526 18.17 -17.50 -17.29
CA GLY B 526 19.22 -18.46 -17.09
C GLY B 526 19.66 -18.56 -15.64
N LEU B 527 20.17 -19.73 -15.24
CA LEU B 527 20.64 -19.89 -13.88
C LEU B 527 21.96 -19.16 -13.65
N GLN B 528 22.86 -19.19 -14.63
CA GLN B 528 24.15 -18.52 -14.47
C GLN B 528 24.00 -17.03 -14.21
N PRO B 529 23.21 -16.27 -14.98
CA PRO B 529 23.05 -14.84 -14.67
C PRO B 529 22.38 -14.62 -13.33
N PHE B 530 21.37 -15.44 -13.03
CA PHE B 530 20.59 -15.28 -11.81
C PHE B 530 21.47 -15.37 -10.57
N LEU B 531 22.41 -16.32 -10.57
CA LEU B 531 23.25 -16.51 -9.40
C LEU B 531 24.26 -15.37 -9.24
N LEU B 532 24.95 -15.02 -10.32
CA LEU B 532 25.87 -13.88 -10.28
C LEU B 532 25.16 -12.61 -9.83
N HIS B 533 23.93 -12.41 -10.32
CA HIS B 533 23.09 -11.33 -9.80
C HIS B 533 22.92 -11.44 -8.29
N PHE B 534 22.55 -12.63 -7.81
CA PHE B 534 22.34 -12.83 -6.38
C PHE B 534 23.62 -12.56 -5.58
N LEU B 535 24.78 -12.99 -6.10
CA LEU B 535 25.97 -12.99 -5.27
C LEU B 535 26.54 -11.59 -5.09
N LEU B 536 26.61 -10.81 -6.18
CA LEU B 536 27.10 -9.43 -6.06
C LEU B 536 26.24 -8.64 -5.07
N VAL B 537 24.92 -8.77 -5.16
CA VAL B 537 24.05 -8.09 -4.20
C VAL B 537 24.30 -8.61 -2.80
N TRP B 538 24.58 -9.91 -2.67
CA TRP B 538 24.92 -10.46 -1.36
C TRP B 538 26.19 -9.82 -0.80
N LEU B 539 27.20 -9.63 -1.66
CA LEU B 539 28.45 -9.03 -1.22
C LEU B 539 28.28 -7.55 -0.91
N VAL B 540 27.52 -6.82 -1.75
CA VAL B 540 27.32 -5.40 -1.52
C VAL B 540 26.60 -5.17 -0.21
N VAL B 541 25.57 -5.97 0.07
CA VAL B 541 24.85 -5.81 1.32
C VAL B 541 25.73 -6.28 2.47
N PHE B 542 26.54 -7.31 2.24
CA PHE B 542 27.52 -7.73 3.24
C PHE B 542 28.56 -6.65 3.47
N CYS B 543 29.11 -6.09 2.37
CA CYS B 543 30.00 -4.94 2.50
C CYS B 543 29.35 -3.82 3.31
N CYS B 544 28.06 -3.58 3.07
CA CYS B 544 27.38 -2.51 3.78
C CYS B 544 27.18 -2.86 5.24
N ARG B 545 26.87 -4.13 5.54
CA ARG B 545 26.83 -4.58 6.94
C ARG B 545 28.14 -4.25 7.64
N ILE B 546 29.26 -4.54 7.00
CA ILE B 546 30.56 -4.32 7.64
C ILE B 546 30.82 -2.83 7.77
N MET B 547 30.25 -2.02 6.88
CA MET B 547 30.37 -0.58 7.00
C MET B 547 29.59 -0.08 8.20
N ALA B 548 28.27 -0.30 8.20
CA ALA B 548 27.42 0.19 9.26
C ALA B 548 27.83 -0.41 10.61
N LEU B 549 28.21 -1.68 10.62
CA LEU B 549 28.74 -2.28 11.85
C LEU B 549 29.95 -1.51 12.36
N ALA B 550 30.79 -1.02 11.46
CA ALA B 550 32.01 -0.32 11.87
C ALA B 550 31.72 1.10 12.35
N ALA B 551 30.76 1.78 11.73
CA ALA B 551 30.42 3.12 12.17
C ALA B 551 29.85 3.12 13.58
N ALA B 552 29.19 2.03 13.98
CA ALA B 552 28.53 2.01 15.29
C ALA B 552 29.53 1.92 16.43
N ALA B 553 30.62 1.18 16.23
CA ALA B 553 31.64 1.06 17.27
C ALA B 553 32.63 2.22 17.26
N LEU B 554 32.58 3.08 16.25
CA LEU B 554 33.59 4.12 16.08
C LEU B 554 33.16 5.51 16.54
N LEU B 555 31.87 5.85 16.41
CA LEU B 555 31.37 7.14 16.89
C LEU B 555 30.69 6.99 18.24
N PRO B 556 30.67 8.06 19.05
CA PRO B 556 30.12 7.90 20.42
C PRO B 556 28.63 7.58 20.48
N THR B 557 27.80 8.21 19.65
CA THR B 557 26.36 8.08 19.83
C THR B 557 25.70 7.62 18.54
N PHE B 558 24.41 7.29 18.68
CA PHE B 558 23.63 6.76 17.56
C PHE B 558 23.37 7.82 16.51
N HIS B 559 22.89 9.00 16.92
CA HIS B 559 22.57 10.04 15.96
C HIS B 559 23.80 10.55 15.21
N MET B 560 24.99 10.36 15.75
CA MET B 560 26.20 10.68 15.00
C MET B 560 26.61 9.54 14.08
N ALA B 561 26.54 8.31 14.58
CA ALA B 561 26.79 7.16 13.70
C ALA B 561 25.74 7.07 12.60
N SER B 562 24.48 7.35 12.92
CA SER B 562 23.45 7.39 11.89
C SER B 562 23.76 8.45 10.85
N PHE B 563 24.25 9.62 11.28
CA PHE B 563 24.53 10.69 10.34
C PHE B 563 25.75 10.37 9.48
N PHE B 564 26.72 9.65 10.04
CA PHE B 564 27.95 9.35 9.34
C PHE B 564 27.74 8.30 8.26
N SER B 565 26.99 7.24 8.57
CA SER B 565 26.71 6.22 7.58
C SER B 565 25.74 6.70 6.52
N ASN B 566 24.89 7.67 6.86
CA ASN B 566 24.00 8.26 5.86
C ASN B 566 24.75 9.22 4.96
N ALA B 567 25.84 9.80 5.45
CA ALA B 567 26.70 10.59 4.58
C ALA B 567 27.41 9.70 3.56
N LEU B 568 28.02 8.61 4.04
CA LEU B 568 28.63 7.64 3.14
C LEU B 568 27.60 7.12 2.14
N TYR B 569 26.40 6.80 2.64
CA TYR B 569 25.36 6.27 1.77
C TYR B 569 24.94 7.32 0.74
N ASN B 570 24.70 8.56 1.20
CA ASN B 570 24.39 9.66 0.28
C ASN B 570 25.52 9.88 -0.72
N SER B 571 26.77 9.79 -0.25
CA SER B 571 27.92 9.94 -1.15
C SER B 571 28.05 8.77 -2.11
N PHE B 572 27.99 7.55 -1.59
CA PHE B 572 28.06 6.38 -2.46
C PHE B 572 26.89 6.32 -3.42
N TYR B 573 25.80 7.03 -3.12
CA TYR B 573 24.63 7.08 -3.98
C TYR B 573 24.85 8.02 -5.15
N LEU B 574 25.34 9.23 -4.87
CA LEU B 574 25.60 10.21 -5.93
C LEU B 574 26.74 9.72 -6.84
N ALA B 575 27.90 9.48 -6.26
CA ALA B 575 29.00 8.89 -7.00
C ALA B 575 28.75 7.44 -7.40
N GLY B 576 27.52 6.95 -7.24
CA GLY B 576 27.19 5.61 -7.70
C GLY B 576 27.27 5.44 -9.19
N GLY B 577 27.14 6.54 -9.94
CA GLY B 577 27.25 6.49 -11.39
C GLY B 577 25.97 6.44 -12.19
N PHE B 578 24.81 6.63 -11.56
CA PHE B 578 23.56 6.74 -12.30
C PHE B 578 22.97 8.13 -12.24
N MET B 579 22.94 8.73 -11.04
CA MET B 579 22.34 10.05 -10.90
C MET B 579 23.23 11.15 -11.46
N ILE B 580 24.53 10.87 -11.64
CA ILE B 580 25.45 11.77 -12.32
C ILE B 580 26.39 10.96 -13.21
N ASN B 581 26.98 11.65 -14.19
CA ASN B 581 27.89 11.03 -15.14
C ASN B 581 29.22 10.70 -14.48
N LEU B 582 29.82 9.55 -14.85
CA LEU B 582 31.11 9.18 -14.27
C LEU B 582 32.24 10.03 -14.85
N SER B 583 32.16 10.33 -16.15
CA SER B 583 33.24 11.07 -16.81
C SER B 583 33.25 12.52 -16.38
N SER B 584 32.08 13.08 -16.08
CA SER B 584 31.98 14.47 -15.61
C SER B 584 32.02 14.53 -14.08
N LEU B 585 32.98 13.82 -13.51
CA LEU B 585 33.17 13.81 -12.06
C LEU B 585 34.37 14.66 -11.68
N TRP B 586 34.15 15.58 -10.74
CA TRP B 586 35.26 16.25 -10.09
C TRP B 586 36.22 15.20 -9.56
N THR B 587 37.52 15.55 -9.51
CA THR B 587 38.54 14.57 -9.16
C THR B 587 38.22 13.80 -7.88
N VAL B 588 37.64 14.46 -6.87
CA VAL B 588 37.37 13.71 -5.64
C VAL B 588 36.09 12.88 -5.80
N PRO B 589 35.00 13.36 -6.42
CA PRO B 589 33.91 12.42 -6.75
C PRO B 589 34.33 11.35 -7.74
N ALA B 590 35.39 11.57 -8.50
CA ALA B 590 35.90 10.53 -9.37
C ALA B 590 36.47 9.38 -8.56
N TRP B 591 37.30 9.67 -7.56
CA TRP B 591 37.83 8.64 -6.68
C TRP B 591 36.81 8.16 -5.65
N ILE B 592 35.82 8.98 -5.31
CA ILE B 592 34.73 8.49 -4.45
C ILE B 592 33.98 7.37 -5.16
N SER B 593 33.78 7.51 -6.47
CA SER B 593 33.13 6.44 -7.22
C SER B 593 34.00 5.19 -7.26
N LYS B 594 35.32 5.36 -7.27
CA LYS B 594 36.21 4.21 -7.36
C LYS B 594 36.03 3.25 -6.19
N VAL B 595 35.56 3.73 -5.05
CA VAL B 595 35.46 2.93 -3.84
C VAL B 595 34.02 2.87 -3.31
N SER B 596 33.04 3.24 -4.12
CA SER B 596 31.64 3.17 -3.75
C SER B 596 31.11 1.78 -4.10
N PHE B 597 30.78 0.98 -3.09
CA PHE B 597 30.20 -0.33 -3.36
C PHE B 597 28.80 -0.23 -3.93
N LEU B 598 28.20 0.96 -3.95
CA LEU B 598 26.95 1.15 -4.68
C LEU B 598 27.20 1.36 -6.16
N ARG B 599 28.40 1.79 -6.55
CA ARG B 599 28.75 1.87 -7.96
C ARG B 599 29.10 0.50 -8.52
N TRP B 600 29.84 -0.30 -7.77
CA TRP B 600 30.23 -1.60 -8.28
C TRP B 600 29.05 -2.55 -8.35
N CYS B 601 28.04 -2.37 -7.51
CA CYS B 601 26.80 -3.11 -7.69
C CYS B 601 26.14 -2.73 -9.01
N PHE B 602 26.05 -1.43 -9.30
CA PHE B 602 25.44 -0.99 -10.55
C PHE B 602 26.26 -1.39 -11.76
N GLU B 603 27.58 -1.23 -11.69
CA GLU B 603 28.42 -1.59 -12.83
C GLU B 603 28.47 -3.10 -13.01
N GLY B 604 28.39 -3.86 -11.92
CA GLY B 604 28.40 -5.31 -12.03
C GLY B 604 27.12 -5.87 -12.61
N LEU B 605 25.98 -5.52 -12.02
CA LEU B 605 24.70 -6.02 -12.51
C LEU B 605 24.43 -5.56 -13.94
N MET B 606 24.95 -4.38 -14.31
CA MET B 606 24.83 -3.95 -15.70
C MET B 606 25.69 -4.79 -16.62
N LYS B 607 26.71 -5.46 -16.07
CA LYS B 607 27.54 -6.39 -16.83
C LYS B 607 26.98 -7.80 -16.84
N ILE B 608 26.12 -8.15 -15.87
CA ILE B 608 25.53 -9.48 -15.87
C ILE B 608 24.36 -9.55 -16.85
N GLN B 609 23.61 -8.46 -16.97
CA GLN B 609 22.46 -8.44 -17.84
C GLN B 609 22.86 -8.22 -19.29
N PHE B 610 23.84 -7.35 -19.52
CA PHE B 610 24.24 -6.90 -20.85
C PHE B 610 25.65 -7.37 -21.21
N SER B 611 26.07 -8.53 -20.68
CA SER B 611 27.39 -9.08 -20.98
C SER B 611 27.54 -9.38 -22.45
N ARG B 612 26.92 -10.47 -22.91
CA ARG B 612 27.05 -10.93 -24.27
C ARG B 612 25.75 -10.92 -25.05
N ARG B 613 24.61 -10.93 -24.36
CA ARG B 613 23.29 -10.90 -25.00
C ARG B 613 23.15 -9.71 -25.95
N THR B 614 22.39 -9.93 -27.02
CA THR B 614 21.95 -8.87 -27.93
C THR B 614 20.54 -8.39 -27.53
N TYR B 615 20.34 -7.07 -27.52
CA TYR B 615 19.22 -6.45 -26.85
C TYR B 615 18.22 -5.87 -27.85
N LYS B 616 16.94 -6.10 -27.59
CA LYS B 616 15.83 -5.80 -28.50
C LYS B 616 15.29 -4.37 -28.36
N MET B 617 15.49 -3.56 -29.40
CA MET B 617 14.79 -2.29 -29.53
C MET B 617 13.38 -2.52 -30.08
N ALA B 625 18.55 -6.27 -33.45
CA ALA B 625 18.91 -5.90 -32.08
C ALA B 625 20.29 -5.26 -32.03
N VAL B 626 20.79 -5.01 -30.81
CA VAL B 626 22.13 -4.48 -30.61
C VAL B 626 22.85 -5.33 -29.57
N SER B 627 24.14 -5.56 -29.79
CA SER B 627 24.92 -6.34 -28.84
C SER B 627 25.16 -5.52 -27.58
N GLY B 628 25.11 -6.20 -26.43
CA GLY B 628 25.18 -5.55 -25.14
C GLY B 628 26.46 -4.78 -24.88
N ASP B 629 27.47 -4.91 -25.73
CA ASP B 629 28.83 -4.51 -25.38
C ASP B 629 29.10 -3.03 -25.63
N LYS B 630 28.90 -2.54 -26.86
CA LYS B 630 29.02 -1.10 -27.09
C LYS B 630 27.99 -0.34 -26.27
N ILE B 631 26.91 -1.02 -25.89
CA ILE B 631 25.96 -0.47 -24.93
C ILE B 631 26.65 -0.09 -23.64
N LEU B 632 27.31 -1.07 -22.99
CA LEU B 632 28.01 -0.78 -21.74
C LEU B 632 29.22 0.11 -21.96
N SER B 633 29.86 0.01 -23.13
CA SER B 633 30.98 0.90 -23.44
C SER B 633 30.54 2.35 -23.51
N VAL B 634 29.31 2.60 -23.97
CA VAL B 634 28.80 3.98 -24.02
C VAL B 634 28.66 4.55 -22.63
N MET B 635 28.28 3.70 -21.65
CA MET B 635 28.09 4.13 -20.28
C MET B 635 29.29 3.81 -19.39
N GLU B 636 30.49 3.73 -19.99
CA GLU B 636 31.77 3.49 -19.32
C GLU B 636 31.69 2.38 -18.28
N LEU B 637 31.01 1.30 -18.63
CA LEU B 637 30.93 0.12 -17.78
C LEU B 637 31.77 -1.01 -18.34
N ASP B 638 32.65 -0.69 -19.30
CA ASP B 638 33.39 -1.69 -20.06
C ASP B 638 34.57 -2.27 -19.29
N SER B 639 35.55 -1.44 -18.92
CA SER B 639 36.68 -1.92 -18.17
C SER B 639 36.23 -2.45 -16.81
N TYR B 640 37.17 -3.08 -16.12
CA TYR B 640 36.90 -3.75 -14.84
C TYR B 640 35.90 -4.85 -15.15
N PRO B 641 36.36 -6.01 -15.62
CA PRO B 641 35.44 -7.11 -15.93
C PRO B 641 34.74 -7.61 -14.68
N LEU B 642 33.68 -8.40 -14.90
CA LEU B 642 32.74 -8.73 -13.84
C LEU B 642 33.43 -9.29 -12.60
N TYR B 643 34.39 -10.20 -12.81
CA TYR B 643 35.05 -10.85 -11.67
C TYR B 643 35.80 -9.84 -10.80
N ALA B 644 36.40 -8.81 -11.42
CA ALA B 644 37.06 -7.78 -10.63
C ALA B 644 36.07 -7.06 -9.74
N ILE B 645 34.87 -6.81 -10.25
CA ILE B 645 33.82 -6.15 -9.49
C ILE B 645 33.55 -6.90 -8.19
N TYR B 646 33.59 -8.23 -8.23
CA TYR B 646 33.47 -9.01 -7.00
C TYR B 646 34.69 -8.85 -6.11
N LEU B 647 35.89 -8.86 -6.69
CA LEU B 647 37.09 -8.67 -5.89
C LEU B 647 37.11 -7.30 -5.24
N ILE B 648 36.75 -6.26 -6.00
CA ILE B 648 36.75 -4.91 -5.47
C ILE B 648 35.78 -4.78 -4.29
N VAL B 649 34.54 -5.25 -4.48
CA VAL B 649 33.56 -5.19 -3.40
C VAL B 649 34.03 -5.97 -2.18
N ILE B 650 34.67 -7.12 -2.39
CA ILE B 650 35.24 -7.84 -1.24
C ILE B 650 36.37 -7.04 -0.63
N GLY B 651 37.12 -6.31 -1.45
CA GLY B 651 38.16 -5.44 -0.92
C GLY B 651 37.60 -4.28 -0.14
N LEU B 652 36.44 -3.77 -0.56
CA LEU B 652 35.81 -2.69 0.18
C LEU B 652 35.34 -3.17 1.55
N SER B 653 34.68 -4.33 1.58
CA SER B 653 34.34 -4.95 2.86
C SER B 653 35.60 -5.32 3.63
N GLY B 654 36.69 -5.65 2.92
CA GLY B 654 37.95 -5.91 3.59
C GLY B 654 38.44 -4.72 4.38
N GLY B 655 38.55 -3.56 3.72
CA GLY B 655 38.98 -2.36 4.42
C GLY B 655 38.10 -2.01 5.59
N PHE B 656 36.77 -2.12 5.43
CA PHE B 656 35.85 -1.82 6.53
C PHE B 656 36.15 -2.71 7.73
N MET B 657 36.41 -4.00 7.50
CA MET B 657 36.78 -4.90 8.58
C MET B 657 37.99 -4.40 9.34
N VAL B 658 39.02 -3.95 8.61
CA VAL B 658 40.18 -3.37 9.26
C VAL B 658 39.77 -2.18 10.13
N LEU B 659 38.87 -1.35 9.62
CA LEU B 659 38.34 -0.26 10.42
C LEU B 659 37.65 -0.76 11.68
N TYR B 660 36.84 -1.81 11.55
CA TYR B 660 36.02 -2.26 12.67
C TYR B 660 36.84 -2.91 13.77
N TYR B 661 37.82 -3.75 13.43
CA TYR B 661 38.64 -4.38 14.46
C TYR B 661 39.45 -3.35 15.22
N VAL B 662 40.01 -2.38 14.51
CA VAL B 662 40.76 -1.32 15.17
C VAL B 662 39.83 -0.47 16.03
N SER B 663 38.60 -0.27 15.57
CA SER B 663 37.62 0.48 16.35
C SER B 663 37.32 -0.20 17.68
N LEU B 664 37.00 -1.50 17.66
CA LEU B 664 36.66 -2.19 18.89
C LEU B 664 37.83 -2.22 19.86
N ARG B 665 39.02 -2.56 19.37
CA ARG B 665 40.15 -2.84 20.25
C ARG B 665 40.64 -1.58 20.97
N PHE B 666 40.47 -0.41 20.37
CA PHE B 666 41.05 0.81 20.91
C PHE B 666 40.04 1.84 21.35
N ILE B 667 38.93 1.98 20.64
CA ILE B 667 37.86 2.88 21.05
C ILE B 667 36.93 2.11 21.97
N LYS B 668 36.81 2.56 23.21
CA LYS B 668 35.96 1.85 24.16
C LYS B 668 34.50 2.11 23.82
N GLN B 669 33.65 1.13 24.15
CA GLN B 669 32.24 1.15 23.74
C GLN B 669 31.39 1.58 24.93
N LYS B 670 31.33 2.88 25.15
CA LYS B 670 30.52 3.43 26.22
C LYS B 670 29.03 3.25 25.90
N PRO B 671 28.26 2.68 26.80
CA PRO B 671 26.80 2.65 26.61
C PRO B 671 26.20 4.03 26.79
N SER B 672 25.07 4.25 26.10
CA SER B 672 24.28 5.50 26.14
C SER B 672 25.10 6.77 26.38
N GLU C 32 -14.59 30.98 -57.34
CA GLU C 32 -14.08 30.26 -56.19
C GLU C 32 -13.48 28.89 -56.46
N PRO C 33 -12.26 28.85 -56.95
CA PRO C 33 -11.50 27.63 -56.60
C PRO C 33 -10.87 27.77 -55.21
N HIS C 34 -11.69 27.81 -54.16
CA HIS C 34 -11.11 27.91 -52.82
C HIS C 34 -10.53 26.54 -52.49
N SER C 35 -9.25 26.51 -52.10
CA SER C 35 -8.46 25.30 -52.22
C SER C 35 -7.62 25.02 -50.99
N LEU C 36 -7.30 23.74 -50.85
CA LEU C 36 -6.39 23.22 -49.83
C LEU C 36 -5.21 22.57 -50.53
N GLY C 37 -3.99 22.88 -50.05
CA GLY C 37 -2.79 22.32 -50.63
C GLY C 37 -1.84 21.85 -49.55
N ILE C 38 -0.85 21.05 -49.97
CA ILE C 38 0.21 20.60 -49.09
C ILE C 38 1.52 20.72 -49.87
N LEU C 39 2.34 21.72 -49.52
CA LEU C 39 3.59 21.93 -50.25
C LEU C 39 4.53 20.74 -50.08
N HIS C 40 4.73 20.30 -48.83
CA HIS C 40 5.35 19.02 -48.50
C HIS C 40 4.83 18.61 -47.12
N ALA C 41 5.15 17.39 -46.72
CA ALA C 41 4.66 16.88 -45.44
C ALA C 41 5.63 15.86 -44.88
N SER C 42 5.95 16.02 -43.60
CA SER C 42 6.86 15.13 -42.90
C SER C 42 6.54 15.17 -41.41
N TYR C 43 6.79 14.05 -40.75
CA TYR C 43 6.40 13.90 -39.35
C TYR C 43 7.18 12.73 -38.76
N SER C 44 7.60 12.88 -37.50
CA SER C 44 8.40 11.84 -36.86
C SER C 44 7.94 11.65 -35.41
N VAL C 45 8.04 10.41 -34.95
CA VAL C 45 7.67 10.02 -33.60
C VAL C 45 8.92 9.57 -32.84
N SER C 46 8.76 9.41 -31.53
CA SER C 46 9.86 8.92 -30.69
C SER C 46 9.31 8.12 -29.51
N THR C 63 11.96 5.26 -32.88
CA THR C 63 11.85 6.67 -33.27
C THR C 63 11.88 6.86 -34.79
N ARG C 64 11.04 6.09 -35.48
CA ARG C 64 10.93 6.17 -36.92
C ARG C 64 10.07 7.36 -37.33
N GLN C 65 10.08 7.66 -38.63
CA GLN C 65 9.27 8.72 -39.21
C GLN C 65 8.13 8.10 -40.01
N ILE C 66 7.04 8.87 -40.19
CA ILE C 66 5.82 8.28 -40.72
C ILE C 66 5.39 8.92 -42.05
N LEU C 67 5.71 10.20 -42.24
CA LEU C 67 5.37 10.86 -43.50
C LEU C 67 6.62 11.37 -44.20
N LYS C 68 6.56 11.34 -45.53
CA LYS C 68 7.66 11.76 -46.40
C LYS C 68 7.05 12.60 -47.51
N ASP C 69 7.52 13.85 -47.63
CA ASP C 69 7.24 14.78 -48.73
C ASP C 69 5.88 14.56 -49.41
N VAL C 70 4.81 14.49 -48.63
CA VAL C 70 3.48 14.31 -49.19
C VAL C 70 3.00 15.64 -49.73
N SER C 71 2.91 15.75 -51.05
CA SER C 71 2.50 16.97 -51.72
C SER C 71 1.19 16.73 -52.46
N LEU C 72 0.14 17.44 -52.07
CA LEU C 72 -1.19 17.25 -52.62
C LEU C 72 -1.87 18.59 -52.87
N TYR C 73 -2.83 18.58 -53.78
CA TYR C 73 -3.55 19.79 -54.15
C TYR C 73 -4.95 19.41 -54.63
N VAL C 74 -5.97 19.89 -53.93
CA VAL C 74 -7.37 19.63 -54.27
C VAL C 74 -8.14 20.94 -54.21
N GLU C 75 -9.10 21.11 -55.10
CA GLU C 75 -9.94 22.30 -55.13
C GLU C 75 -11.36 21.97 -54.66
N SER C 76 -12.14 23.04 -54.44
CA SER C 76 -13.54 22.91 -54.09
C SER C 76 -14.34 22.28 -55.22
N GLY C 77 -15.30 21.44 -54.85
CA GLY C 77 -16.10 20.70 -55.80
C GLY C 77 -15.55 19.35 -56.19
N GLN C 78 -14.29 19.07 -55.87
CA GLN C 78 -13.70 17.76 -56.11
C GLN C 78 -13.65 16.94 -54.83
N ILE C 79 -13.83 15.63 -54.97
CA ILE C 79 -13.74 14.68 -53.87
C ILE C 79 -12.53 13.78 -54.13
N MET C 80 -11.51 13.89 -53.27
CA MET C 80 -10.27 13.16 -53.46
C MET C 80 -10.24 11.91 -52.59
N CYS C 81 -9.57 10.87 -53.10
CA CYS C 81 -9.48 9.57 -52.45
C CYS C 81 -8.03 9.25 -52.11
N ILE C 82 -7.81 8.77 -50.89
CA ILE C 82 -6.49 8.43 -50.38
C ILE C 82 -6.48 6.95 -50.00
N LEU C 83 -5.78 6.13 -50.78
CA LEU C 83 -5.60 4.71 -50.48
C LEU C 83 -4.30 4.48 -49.73
N GLY C 84 -4.17 3.28 -49.19
CA GLY C 84 -2.94 2.89 -48.53
C GLY C 84 -2.94 1.53 -47.87
N SER C 85 -1.79 0.85 -47.94
CA SER C 85 -1.59 -0.44 -47.30
C SER C 85 -1.34 -0.24 -45.81
N SER C 86 -1.06 -1.33 -45.09
CA SER C 86 -0.83 -1.23 -43.66
C SER C 86 0.43 -0.42 -43.40
N GLY C 87 0.36 0.48 -42.41
CA GLY C 87 1.48 1.34 -42.15
C GLY C 87 1.78 2.37 -43.21
N SER C 88 0.86 2.58 -44.17
CA SER C 88 1.06 3.64 -45.15
C SER C 88 1.10 5.02 -44.50
N GLY C 89 0.43 5.19 -43.37
CA GLY C 89 0.29 6.50 -42.78
C GLY C 89 -0.75 7.38 -43.43
N LYS C 90 -1.62 6.84 -44.28
CA LYS C 90 -2.68 7.65 -44.86
C LYS C 90 -3.62 8.16 -43.78
N THR C 91 -3.88 7.33 -42.77
CA THR C 91 -4.63 7.76 -41.60
C THR C 91 -3.91 8.89 -40.88
N THR C 92 -2.58 8.85 -40.84
CA THR C 92 -1.82 9.85 -40.12
C THR C 92 -1.89 11.21 -40.80
N LEU C 93 -1.98 11.23 -42.13
CA LEU C 93 -1.99 12.48 -42.86
C LEU C 93 -3.26 13.28 -42.59
N LEU C 94 -4.40 12.60 -42.50
CA LEU C 94 -5.64 13.30 -42.16
C LEU C 94 -5.55 13.91 -40.77
N ASP C 95 -5.07 13.12 -39.80
CA ASP C 95 -4.88 13.63 -38.44
C ASP C 95 -3.87 14.78 -38.42
N ALA C 96 -2.92 14.78 -39.37
CA ALA C 96 -2.05 15.93 -39.52
C ALA C 96 -2.84 17.14 -39.97
N MET C 97 -3.81 16.93 -40.86
CA MET C 97 -4.54 18.06 -41.42
C MET C 97 -5.54 18.62 -40.41
N SER C 98 -6.37 17.75 -39.84
CA SER C 98 -7.36 18.19 -38.86
C SER C 98 -6.71 18.79 -37.61
N GLY C 99 -5.38 18.80 -37.58
CA GLY C 99 -4.65 19.35 -36.45
C GLY C 99 -4.89 18.62 -35.16
N ARG C 100 -5.10 17.29 -35.22
CA ARG C 100 -5.36 16.50 -34.04
C ARG C 100 -4.08 15.80 -33.56
N LEU C 101 -2.92 16.20 -34.11
CA LEU C 101 -1.65 15.75 -33.58
C LEU C 101 -1.16 16.64 -32.44
N GLY C 102 -1.12 17.96 -32.69
CA GLY C 102 -0.72 18.89 -31.65
C GLY C 102 0.80 18.97 -31.59
N ARG C 103 1.37 18.14 -30.70
CA ARG C 103 2.82 18.02 -30.56
C ARG C 103 3.22 16.60 -30.15
N ALA C 104 2.46 15.58 -30.57
CA ALA C 104 2.80 14.21 -30.19
C ALA C 104 4.12 13.78 -30.80
N GLY C 105 4.51 14.41 -31.91
CA GLY C 105 5.82 14.27 -32.52
C GLY C 105 6.24 15.67 -32.93
N THR C 106 6.92 15.80 -34.06
CA THR C 106 7.14 17.10 -34.67
C THR C 106 6.81 16.98 -36.16
N PHE C 107 5.98 17.90 -36.63
CA PHE C 107 5.42 17.89 -37.98
C PHE C 107 6.01 19.04 -38.80
N LEU C 108 6.65 18.69 -39.93
CA LEU C 108 7.33 19.68 -40.77
C LEU C 108 6.64 19.87 -42.12
N GLY C 109 5.33 19.69 -42.18
CA GLY C 109 4.63 20.03 -43.40
C GLY C 109 4.29 21.51 -43.45
N GLU C 110 3.81 21.95 -44.62
CA GLU C 110 3.32 23.31 -44.82
C GLU C 110 1.98 23.21 -45.54
N VAL C 111 0.94 23.76 -44.93
CA VAL C 111 -0.42 23.66 -45.45
C VAL C 111 -0.89 25.05 -45.87
N TYR C 112 -1.11 25.22 -47.17
CA TYR C 112 -1.65 26.46 -47.71
C TYR C 112 -3.13 26.24 -48.00
N VAL C 113 -3.96 27.17 -47.54
CA VAL C 113 -5.39 27.14 -47.80
C VAL C 113 -5.78 28.55 -48.23
N ASN C 114 -6.22 28.68 -49.49
CA ASN C 114 -6.60 29.99 -50.05
C ASN C 114 -5.44 30.98 -49.96
N GLY C 115 -4.28 30.58 -50.48
CA GLY C 115 -3.12 31.44 -50.53
C GLY C 115 -2.49 31.75 -49.19
N ARG C 116 -3.08 31.34 -48.08
CA ARG C 116 -2.54 31.59 -46.75
C ARG C 116 -2.04 30.31 -46.13
N ALA C 117 -0.88 30.38 -45.50
CA ALA C 117 -0.37 29.26 -44.72
C ALA C 117 -1.05 29.25 -43.35
N LEU C 118 -1.34 28.06 -42.84
CA LEU C 118 -1.95 27.93 -41.54
C LEU C 118 -0.91 27.54 -40.49
N ARG C 119 -1.01 28.12 -39.32
CA ARG C 119 -0.21 27.73 -38.16
C ARG C 119 -0.90 26.59 -37.41
N ARG C 120 -0.17 26.02 -36.43
CA ARG C 120 -0.67 24.89 -35.66
C ARG C 120 -2.02 25.17 -35.00
N GLU C 121 -2.32 26.43 -34.68
CA GLU C 121 -3.58 26.74 -34.00
C GLU C 121 -4.76 26.97 -34.94
N GLN C 122 -4.55 27.04 -36.27
CA GLN C 122 -5.66 27.27 -37.18
C GLN C 122 -6.01 26.05 -38.04
N PHE C 123 -5.56 24.85 -37.67
CA PHE C 123 -5.99 23.67 -38.42
C PHE C 123 -7.34 23.16 -37.94
N GLN C 124 -7.55 23.15 -36.62
CA GLN C 124 -8.89 22.96 -36.10
C GLN C 124 -9.80 24.11 -36.50
N ASP C 125 -9.23 25.24 -36.91
CA ASP C 125 -9.96 26.43 -37.33
C ASP C 125 -10.39 26.36 -38.78
N CYS C 126 -10.36 25.20 -39.43
CA CYS C 126 -10.66 25.16 -40.86
C CYS C 126 -11.30 23.85 -41.27
N PHE C 127 -10.81 22.74 -40.73
CA PHE C 127 -11.15 21.42 -41.23
C PHE C 127 -12.20 20.75 -40.33
N SER C 128 -13.17 20.11 -40.97
CA SER C 128 -13.99 19.12 -40.29
C SER C 128 -13.32 17.76 -40.42
N TYR C 129 -13.65 16.86 -39.50
CA TYR C 129 -13.02 15.55 -39.53
C TYR C 129 -13.97 14.55 -38.88
N VAL C 130 -14.25 13.46 -39.58
CA VAL C 130 -15.22 12.47 -39.13
C VAL C 130 -14.46 11.20 -38.79
N LEU C 131 -14.67 10.71 -37.57
CA LEU C 131 -14.03 9.49 -37.12
C LEU C 131 -14.78 8.29 -37.67
N GLN C 132 -14.09 7.14 -37.68
CA GLN C 132 -14.62 5.91 -38.26
C GLN C 132 -15.60 5.18 -37.35
N SER C 133 -15.77 5.62 -36.11
CA SER C 133 -16.64 4.97 -35.14
C SER C 133 -17.64 5.99 -34.59
N ASP C 134 -18.90 5.84 -34.96
CA ASP C 134 -19.92 6.79 -34.56
C ASP C 134 -20.43 6.50 -33.15
N THR C 135 -20.33 7.48 -32.27
CA THR C 135 -20.82 7.35 -30.91
C THR C 135 -21.95 8.35 -30.73
N LEU C 136 -23.18 7.83 -30.66
CA LEU C 136 -24.36 8.64 -30.45
C LEU C 136 -25.04 8.10 -29.20
N LEU C 137 -25.44 8.99 -28.29
CA LEU C 137 -26.18 8.53 -27.12
C LEU C 137 -27.50 7.94 -27.56
N SER C 138 -27.76 6.70 -27.13
CA SER C 138 -28.83 5.89 -27.69
C SER C 138 -30.22 6.27 -27.18
N SER C 139 -30.30 7.08 -26.14
CA SER C 139 -31.59 7.47 -25.56
C SER C 139 -32.02 8.86 -26.00
N LEU C 140 -31.38 9.40 -27.03
CA LEU C 140 -31.74 10.68 -27.61
C LEU C 140 -32.29 10.46 -29.01
N THR C 141 -33.18 11.36 -29.45
CA THR C 141 -33.70 11.26 -30.81
C THR C 141 -32.70 11.85 -31.79
N VAL C 142 -33.02 11.79 -33.07
CA VAL C 142 -32.12 12.34 -34.08
C VAL C 142 -32.20 13.86 -34.08
N ARG C 143 -33.42 14.41 -33.94
CA ARG C 143 -33.55 15.84 -33.72
C ARG C 143 -32.85 16.28 -32.45
N GLU C 144 -33.06 15.54 -31.35
CA GLU C 144 -32.43 15.87 -30.08
C GLU C 144 -30.91 15.88 -30.21
N THR C 145 -30.34 14.77 -30.72
CA THR C 145 -28.89 14.70 -30.88
C THR C 145 -28.38 15.81 -31.77
N LEU C 146 -29.09 16.11 -32.84
CA LEU C 146 -28.67 17.19 -33.72
C LEU C 146 -28.82 18.56 -33.08
N HIS C 147 -29.89 18.75 -32.30
CA HIS C 147 -30.10 20.04 -31.63
C HIS C 147 -28.98 20.33 -30.64
N TYR C 148 -28.70 19.37 -29.76
CA TYR C 148 -27.69 19.57 -28.72
C TYR C 148 -26.34 20.01 -29.29
N THR C 149 -25.98 19.48 -30.46
CA THR C 149 -24.74 19.90 -31.11
C THR C 149 -24.75 21.40 -31.44
N ALA C 150 -25.82 21.87 -32.08
CA ALA C 150 -25.93 23.28 -32.45
C ALA C 150 -25.72 24.21 -31.26
N LEU C 151 -26.25 23.83 -30.09
CA LEU C 151 -26.14 24.67 -28.91
C LEU C 151 -24.68 24.90 -28.55
N LEU C 152 -23.85 23.88 -28.67
CA LEU C 152 -22.44 24.01 -28.33
C LEU C 152 -21.62 24.65 -29.45
N ALA C 153 -22.17 24.75 -30.66
CA ALA C 153 -21.41 25.22 -31.82
C ALA C 153 -21.63 26.70 -32.13
N ILE C 154 -22.84 27.21 -31.90
CA ILE C 154 -23.18 28.60 -32.21
C ILE C 154 -23.57 29.31 -30.91
N ARG C 155 -23.25 30.61 -30.83
CA ARG C 155 -23.52 31.40 -29.62
C ARG C 155 -24.66 32.41 -29.76
N ARG C 156 -25.08 32.73 -30.98
CA ARG C 156 -26.10 33.74 -31.19
C ARG C 156 -27.44 33.31 -30.61
N GLY C 157 -28.30 34.31 -30.38
CA GLY C 157 -29.57 34.09 -29.76
C GLY C 157 -30.66 33.65 -30.73
N ASN C 158 -31.88 34.14 -30.51
CA ASN C 158 -33.06 33.79 -31.30
C ASN C 158 -33.21 32.27 -31.36
N PRO C 159 -33.86 31.65 -30.37
CA PRO C 159 -33.97 30.18 -30.35
C PRO C 159 -34.68 29.60 -31.56
N GLY C 160 -35.45 30.39 -32.29
CA GLY C 160 -36.01 29.91 -33.53
C GLY C 160 -34.95 29.56 -34.55
N SER C 161 -33.86 30.33 -34.57
CA SER C 161 -32.77 30.13 -35.53
C SER C 161 -31.96 28.88 -35.26
N PHE C 162 -32.18 28.17 -34.15
CA PHE C 162 -31.57 26.86 -33.99
C PHE C 162 -32.37 25.76 -34.68
N GLN C 163 -33.70 25.76 -34.50
CA GLN C 163 -34.53 24.87 -35.30
C GLN C 163 -34.38 25.14 -36.79
N LYS C 164 -33.94 26.35 -37.15
CA LYS C 164 -33.63 26.66 -38.55
C LYS C 164 -32.41 25.91 -39.03
N LYS C 165 -31.31 25.95 -38.27
CA LYS C 165 -30.10 25.23 -38.68
C LYS C 165 -30.21 23.74 -38.37
N VAL C 166 -30.89 23.36 -37.29
CA VAL C 166 -31.11 21.95 -37.01
C VAL C 166 -31.85 21.29 -38.15
N GLU C 167 -32.86 21.97 -38.68
CA GLU C 167 -33.63 21.41 -39.79
C GLU C 167 -32.85 21.45 -41.09
N ALA C 168 -31.96 22.43 -41.26
CA ALA C 168 -31.26 22.59 -42.52
C ALA C 168 -30.48 21.33 -42.87
N VAL C 169 -29.69 20.82 -41.93
CA VAL C 169 -28.91 19.62 -42.20
C VAL C 169 -29.77 18.37 -42.19
N MET C 170 -30.99 18.43 -41.65
CA MET C 170 -31.86 17.26 -41.70
C MET C 170 -32.59 17.17 -43.01
N ALA C 171 -32.78 18.30 -43.68
CA ALA C 171 -33.20 18.26 -45.07
C ALA C 171 -32.07 17.77 -45.96
N GLU C 172 -30.91 18.43 -45.87
CA GLU C 172 -29.81 18.15 -46.77
C GLU C 172 -29.35 16.70 -46.71
N LEU C 173 -29.50 16.03 -45.56
CA LEU C 173 -28.99 14.68 -45.42
C LEU C 173 -30.11 13.64 -45.30
N SER C 174 -31.34 14.01 -45.67
CA SER C 174 -32.45 13.06 -45.71
C SER C 174 -32.68 12.38 -44.35
N LEU C 175 -32.38 13.08 -43.26
CA LEU C 175 -32.65 12.57 -41.93
C LEU C 175 -33.90 13.16 -41.30
N SER C 176 -34.49 14.19 -41.93
CA SER C 176 -35.78 14.70 -41.49
C SER C 176 -36.87 13.65 -41.59
N HIS C 177 -36.62 12.61 -42.38
CA HIS C 177 -37.50 11.45 -42.41
C HIS C 177 -37.52 10.73 -41.07
N VAL C 178 -36.38 10.68 -40.39
CA VAL C 178 -36.18 9.88 -39.19
C VAL C 178 -35.92 10.73 -37.96
N ALA C 179 -36.10 12.05 -38.06
CA ALA C 179 -35.98 12.90 -36.88
C ALA C 179 -37.05 12.52 -35.85
N ASP C 180 -36.85 12.99 -34.62
CA ASP C 180 -37.78 12.77 -33.52
C ASP C 180 -38.02 11.28 -33.22
N ARG C 181 -37.32 10.40 -33.92
CA ARG C 181 -37.35 8.99 -33.57
C ARG C 181 -36.10 8.64 -32.77
N LEU C 182 -36.26 7.71 -31.84
CA LEU C 182 -35.16 7.32 -30.97
C LEU C 182 -34.05 6.67 -31.78
N ILE C 183 -32.79 6.95 -31.41
CA ILE C 183 -31.66 6.40 -32.15
C ILE C 183 -31.63 4.87 -32.01
N GLY C 184 -31.52 4.38 -30.78
CA GLY C 184 -31.76 2.97 -30.50
C GLY C 184 -30.66 1.97 -30.84
N ASN C 185 -31.07 0.83 -31.35
CA ASN C 185 -30.15 -0.28 -31.62
C ASN C 185 -29.86 -0.36 -33.12
N TYR C 186 -29.60 -1.55 -33.65
CA TYR C 186 -29.14 -1.71 -35.03
C TYR C 186 -30.31 -1.75 -36.01
N SER C 187 -30.08 -2.31 -37.21
CA SER C 187 -30.96 -2.14 -38.38
C SER C 187 -32.43 -2.38 -38.06
N LEU C 188 -32.76 -3.59 -37.63
CA LEU C 188 -34.16 -3.95 -37.43
C LEU C 188 -34.71 -3.50 -36.09
N GLY C 189 -33.91 -2.84 -35.25
CA GLY C 189 -34.39 -2.40 -33.94
C GLY C 189 -34.03 -0.97 -33.54
N GLY C 190 -33.99 -0.05 -34.50
CA GLY C 190 -33.63 1.33 -34.18
C GLY C 190 -33.48 2.26 -35.37
N ILE C 191 -32.30 2.84 -35.51
CA ILE C 191 -31.92 3.61 -36.68
C ILE C 191 -30.89 2.79 -37.45
N SER C 192 -30.86 2.97 -38.77
CA SER C 192 -30.05 2.10 -39.59
C SER C 192 -28.57 2.51 -39.53
N THR C 193 -27.72 1.67 -40.14
CA THR C 193 -26.29 1.90 -40.09
C THR C 193 -25.90 3.17 -40.82
N GLY C 194 -26.33 3.31 -42.07
CA GLY C 194 -26.03 4.52 -42.82
C GLY C 194 -26.66 5.76 -42.20
N GLU C 195 -27.82 5.60 -41.58
CA GLU C 195 -28.45 6.74 -40.89
C GLU C 195 -27.58 7.22 -39.74
N ARG C 196 -26.94 6.31 -39.02
CA ARG C 196 -25.93 6.72 -38.05
C ARG C 196 -24.82 7.52 -38.71
N ARG C 197 -24.29 7.00 -39.83
CA ARG C 197 -23.27 7.76 -40.56
C ARG C 197 -23.77 9.14 -40.97
N ARG C 198 -25.03 9.23 -41.38
CA ARG C 198 -25.57 10.51 -41.82
C ARG C 198 -25.88 11.43 -40.64
N VAL C 199 -26.33 10.86 -39.52
CA VAL C 199 -26.40 11.64 -38.29
C VAL C 199 -25.03 12.20 -37.96
N SER C 200 -23.99 11.40 -38.15
CA SER C 200 -22.63 11.84 -37.84
C SER C 200 -22.19 12.97 -38.78
N ILE C 201 -22.55 12.90 -40.05
CA ILE C 201 -22.18 13.98 -40.96
C ILE C 201 -22.99 15.23 -40.64
N ALA C 202 -24.22 15.07 -40.16
CA ALA C 202 -25.03 16.23 -39.81
C ALA C 202 -24.41 17.02 -38.66
N ALA C 203 -23.95 16.33 -37.62
CA ALA C 203 -23.38 17.02 -36.47
C ALA C 203 -22.20 17.90 -36.85
N GLN C 204 -21.46 17.52 -37.90
CA GLN C 204 -20.37 18.36 -38.36
C GLN C 204 -20.82 19.49 -39.27
N LEU C 205 -21.97 19.35 -39.93
CA LEU C 205 -22.43 20.40 -40.85
C LEU C 205 -23.07 21.58 -40.13
N LEU C 206 -23.51 21.41 -38.88
CA LEU C 206 -24.08 22.54 -38.14
C LEU C 206 -23.08 23.68 -38.00
N GLN C 207 -21.79 23.39 -38.12
CA GLN C 207 -20.75 24.42 -38.16
C GLN C 207 -20.46 24.88 -39.58
N ASP C 208 -20.98 24.18 -40.59
CA ASP C 208 -20.79 24.53 -41.99
C ASP C 208 -19.32 24.67 -42.39
N PRO C 209 -18.51 23.62 -42.20
CA PRO C 209 -17.12 23.68 -42.64
C PRO C 209 -17.01 23.60 -44.15
N LYS C 210 -15.96 24.21 -44.69
CA LYS C 210 -15.72 24.17 -46.12
C LYS C 210 -14.80 23.03 -46.54
N VAL C 211 -14.19 22.34 -45.58
CA VAL C 211 -13.37 21.17 -45.85
C VAL C 211 -13.84 20.05 -44.92
N MET C 212 -14.00 18.85 -45.47
CA MET C 212 -14.46 17.70 -44.69
C MET C 212 -13.53 16.52 -44.94
N LEU C 213 -12.88 16.06 -43.88
CA LEU C 213 -11.99 14.91 -43.92
C LEU C 213 -12.70 13.71 -43.31
N PHE C 214 -12.89 12.66 -44.11
CA PHE C 214 -13.51 11.42 -43.64
C PHE C 214 -12.45 10.34 -43.58
N ASP C 215 -12.40 9.61 -42.47
CA ASP C 215 -11.48 8.49 -42.34
C ASP C 215 -12.25 7.19 -42.53
N GLU C 216 -11.90 6.45 -43.58
CA GLU C 216 -12.43 5.14 -43.92
C GLU C 216 -13.94 5.04 -43.68
N PRO C 217 -14.76 5.92 -44.24
CA PRO C 217 -16.20 5.89 -43.95
C PRO C 217 -16.91 4.65 -44.48
N THR C 218 -16.24 3.83 -45.28
CA THR C 218 -16.82 2.68 -45.95
C THR C 218 -16.35 1.36 -45.31
N THR C 219 -16.03 1.39 -44.01
CA THR C 219 -15.54 0.17 -43.38
C THR C 219 -16.66 -0.77 -42.95
N GLY C 220 -17.40 -0.40 -41.91
CA GLY C 220 -18.34 -1.33 -41.33
C GLY C 220 -19.71 -1.28 -41.97
N LEU C 221 -19.73 -1.14 -43.29
CA LEU C 221 -20.97 -1.03 -44.02
C LEU C 221 -20.96 -2.06 -45.16
N ASP C 222 -22.16 -2.39 -45.62
CA ASP C 222 -22.33 -3.38 -46.67
C ASP C 222 -21.92 -2.80 -48.02
N CYS C 223 -21.96 -3.64 -49.05
CA CYS C 223 -21.71 -3.15 -50.41
C CYS C 223 -22.77 -2.13 -50.83
N MET C 224 -23.96 -2.17 -50.24
CA MET C 224 -25.05 -1.29 -50.62
C MET C 224 -25.08 0.02 -49.82
N THR C 225 -25.11 -0.05 -48.49
CA THR C 225 -25.21 1.19 -47.71
C THR C 225 -23.95 2.02 -47.84
N ALA C 226 -22.78 1.38 -47.84
CA ALA C 226 -21.53 2.10 -48.03
C ALA C 226 -21.49 2.75 -49.40
N ASN C 227 -22.16 2.15 -50.38
CA ASN C 227 -22.28 2.78 -51.68
C ASN C 227 -23.18 4.01 -51.60
N GLN C 228 -24.27 3.91 -50.83
CA GLN C 228 -25.12 5.07 -50.58
C GLN C 228 -24.34 6.19 -49.90
N ILE C 229 -23.47 5.83 -48.96
CA ILE C 229 -22.71 6.84 -48.22
C ILE C 229 -21.74 7.57 -49.14
N VAL C 230 -21.10 6.84 -50.05
CA VAL C 230 -20.16 7.48 -50.99
C VAL C 230 -20.89 8.47 -51.89
N VAL C 231 -22.08 8.12 -52.36
CA VAL C 231 -22.86 9.04 -53.21
C VAL C 231 -23.12 10.35 -52.46
N LEU C 232 -23.51 10.25 -51.19
CA LEU C 232 -23.69 11.46 -50.40
C LEU C 232 -22.40 12.27 -50.34
N LEU C 233 -21.25 11.60 -50.28
CA LEU C 233 -19.98 12.30 -50.17
C LEU C 233 -19.68 13.10 -51.43
N VAL C 234 -19.99 12.57 -52.61
CA VAL C 234 -19.72 13.33 -53.83
C VAL C 234 -20.76 14.43 -53.99
N GLU C 235 -21.95 14.27 -53.40
CA GLU C 235 -22.91 15.37 -53.39
C GLU C 235 -22.44 16.50 -52.50
N LEU C 236 -21.91 16.15 -51.32
CA LEU C 236 -21.43 17.18 -50.39
C LEU C 236 -20.30 17.98 -51.02
N ALA C 237 -19.43 17.30 -51.79
CA ALA C 237 -18.32 18.00 -52.42
C ALA C 237 -18.81 18.87 -53.57
N ARG C 238 -19.80 18.38 -54.33
CA ARG C 238 -20.31 19.12 -55.48
C ARG C 238 -20.86 20.49 -55.09
N ARG C 239 -21.18 20.70 -53.82
CA ARG C 239 -21.70 21.99 -53.36
C ARG C 239 -20.56 22.83 -52.78
N ASN C 240 -19.69 23.28 -53.70
CA ASN C 240 -18.46 24.04 -53.42
C ASN C 240 -17.79 23.72 -52.08
N ARG C 241 -17.46 22.45 -51.89
CA ARG C 241 -16.86 21.93 -50.66
C ARG C 241 -15.76 20.97 -51.04
N ILE C 242 -14.77 20.84 -50.16
CA ILE C 242 -13.68 19.90 -50.36
C ILE C 242 -13.95 18.69 -49.48
N VAL C 243 -14.06 17.52 -50.10
CA VAL C 243 -14.28 16.27 -49.39
C VAL C 243 -13.12 15.35 -49.73
N VAL C 244 -12.32 15.02 -48.73
CA VAL C 244 -11.19 14.10 -48.88
C VAL C 244 -11.37 12.96 -47.91
N LEU C 245 -11.34 11.74 -48.43
CA LEU C 245 -11.58 10.55 -47.62
C LEU C 245 -10.58 9.47 -47.99
N THR C 246 -10.39 8.55 -47.07
CA THR C 246 -9.64 7.33 -47.31
C THR C 246 -10.62 6.18 -47.40
N ILE C 247 -10.29 5.17 -48.21
CA ILE C 247 -11.15 4.01 -48.39
C ILE C 247 -10.28 2.76 -48.25
N HIS C 248 -10.83 1.74 -47.60
CA HIS C 248 -10.13 0.48 -47.41
C HIS C 248 -10.22 -0.40 -48.64
N GLN C 249 -11.39 -1.01 -48.86
CA GLN C 249 -11.65 -1.94 -49.94
C GLN C 249 -12.50 -1.30 -51.05
N PRO C 250 -11.96 -0.38 -51.84
CA PRO C 250 -12.81 0.35 -52.79
C PRO C 250 -13.30 -0.60 -53.88
N ARG C 251 -14.61 -0.76 -53.94
CA ARG C 251 -15.21 -1.67 -54.89
C ARG C 251 -15.00 -1.12 -56.30
N SER C 252 -15.16 -2.00 -57.30
CA SER C 252 -14.75 -1.64 -58.66
C SER C 252 -15.43 -0.37 -59.15
N GLU C 253 -16.69 -0.19 -58.76
CA GLU C 253 -17.51 0.91 -59.28
C GLU C 253 -16.96 2.28 -58.92
N LEU C 254 -16.30 2.40 -57.76
CA LEU C 254 -15.89 3.70 -57.24
C LEU C 254 -14.84 4.41 -58.09
N PHE C 255 -14.23 3.73 -59.07
CA PHE C 255 -13.03 4.26 -59.70
C PHE C 255 -13.32 5.50 -60.53
N GLN C 256 -14.18 5.37 -61.54
CA GLN C 256 -14.47 6.46 -62.46
C GLN C 256 -15.36 7.55 -61.82
N LEU C 257 -15.42 7.56 -60.48
CA LEU C 257 -16.30 8.43 -59.74
C LEU C 257 -15.58 9.47 -58.88
N PHE C 258 -14.33 9.21 -58.50
CA PHE C 258 -13.55 10.14 -57.69
C PHE C 258 -12.77 11.11 -58.58
N ASP C 259 -12.60 12.33 -58.09
CA ASP C 259 -11.92 13.34 -58.88
C ASP C 259 -10.40 13.23 -58.79
N LYS C 260 -9.87 12.85 -57.64
CA LYS C 260 -8.44 12.64 -57.48
C LYS C 260 -8.17 11.40 -56.65
N ILE C 261 -7.26 10.57 -57.13
CA ILE C 261 -6.85 9.34 -56.45
C ILE C 261 -5.41 9.50 -56.00
N ALA C 262 -5.12 9.10 -54.77
CA ALA C 262 -3.78 9.20 -54.22
C ALA C 262 -3.44 7.92 -53.46
N ILE C 263 -2.18 7.50 -53.55
CA ILE C 263 -1.73 6.26 -52.93
C ILE C 263 -0.49 6.54 -52.09
N LEU C 264 -0.51 6.12 -50.83
CA LEU C 264 0.66 6.13 -49.97
C LEU C 264 1.11 4.71 -49.66
N SER C 265 2.43 4.51 -49.61
CA SER C 265 3.01 3.26 -49.13
C SER C 265 4.24 3.60 -48.31
N PHE C 266 4.14 3.41 -46.99
CA PHE C 266 5.20 3.78 -46.05
C PHE C 266 5.53 5.27 -46.12
N GLY C 267 4.48 6.08 -46.05
CA GLY C 267 4.56 7.52 -45.87
C GLY C 267 4.87 8.39 -47.07
N GLU C 268 5.61 7.87 -48.05
CA GLU C 268 5.87 8.65 -49.25
C GLU C 268 4.74 8.45 -50.27
N LEU C 269 4.39 9.54 -50.94
CA LEU C 269 3.29 9.55 -51.90
C LEU C 269 3.72 8.93 -53.23
N ILE C 270 3.05 7.84 -53.62
CA ILE C 270 3.40 7.16 -54.87
C ILE C 270 2.73 7.82 -56.07
N PHE C 271 1.42 8.11 -55.98
CA PHE C 271 0.72 8.70 -57.11
C PHE C 271 -0.35 9.67 -56.63
N CYS C 272 -0.70 10.60 -57.51
CA CYS C 272 -1.87 11.46 -57.36
C CYS C 272 -2.33 11.92 -58.74
N GLY C 273 -3.61 11.76 -59.02
CA GLY C 273 -4.17 12.22 -60.27
C GLY C 273 -5.62 11.82 -60.41
N THR C 274 -6.16 12.05 -61.60
CA THR C 274 -7.51 11.64 -61.90
C THR C 274 -7.52 10.18 -62.33
N PRO C 275 -8.65 9.47 -62.17
CA PRO C 275 -8.69 8.08 -62.64
C PRO C 275 -8.31 7.91 -64.10
N ALA C 276 -8.58 8.91 -64.94
CA ALA C 276 -8.05 8.88 -66.30
C ALA C 276 -6.53 9.00 -66.29
N GLU C 277 -6.01 9.97 -65.54
CA GLU C 277 -4.56 10.09 -65.39
C GLU C 277 -3.97 8.85 -64.74
N MET C 278 -4.75 8.15 -63.91
CA MET C 278 -4.24 6.96 -63.24
C MET C 278 -4.03 5.83 -64.23
N LEU C 279 -5.05 5.51 -65.03
CA LEU C 279 -4.90 4.43 -66.01
C LEU C 279 -3.76 4.70 -66.98
N ASP C 280 -3.63 5.95 -67.43
CA ASP C 280 -2.55 6.30 -68.37
C ASP C 280 -1.19 6.27 -67.68
N PHE C 281 -1.11 6.77 -66.44
CA PHE C 281 0.19 6.77 -65.74
C PHE C 281 0.73 5.37 -65.63
N PHE C 282 -0.08 4.45 -65.10
CA PHE C 282 0.34 3.06 -64.95
C PHE C 282 0.57 2.35 -66.28
N ASN C 283 0.06 2.90 -67.38
CA ASN C 283 0.40 2.32 -68.68
C ASN C 283 1.80 2.70 -69.14
N ASP C 284 2.21 3.96 -68.93
CA ASP C 284 3.56 4.36 -69.32
C ASP C 284 4.63 3.77 -68.42
N CYS C 285 4.30 3.43 -67.18
CA CYS C 285 5.26 2.74 -66.32
C CYS C 285 5.40 1.27 -66.68
N GLY C 286 4.42 0.69 -67.37
CA GLY C 286 4.48 -0.68 -67.78
C GLY C 286 3.54 -1.64 -67.06
N TYR C 287 2.47 -1.13 -66.45
CA TYR C 287 1.50 -1.97 -65.73
C TYR C 287 0.11 -1.57 -66.17
N PRO C 288 -0.41 -2.16 -67.25
CA PRO C 288 -1.80 -1.90 -67.63
C PRO C 288 -2.73 -2.55 -66.62
N CYS C 289 -3.94 -2.01 -66.53
CA CYS C 289 -4.95 -2.64 -65.69
C CYS C 289 -5.47 -3.88 -66.42
N PRO C 290 -5.37 -5.08 -65.83
CA PRO C 290 -5.98 -6.25 -66.45
C PRO C 290 -7.47 -6.04 -66.68
N GLU C 291 -8.01 -6.85 -67.57
CA GLU C 291 -9.38 -6.64 -68.06
C GLU C 291 -10.40 -6.88 -66.95
N HIS C 292 -10.36 -8.05 -66.31
CA HIS C 292 -11.25 -8.37 -65.20
C HIS C 292 -10.60 -8.09 -63.85
N SER C 293 -9.87 -6.99 -63.74
CA SER C 293 -9.28 -6.55 -62.48
C SER C 293 -9.91 -5.25 -62.02
N ASN C 294 -10.24 -5.17 -60.74
CA ASN C 294 -10.60 -3.91 -60.11
C ASN C 294 -9.36 -3.02 -60.13
N PRO C 295 -9.37 -1.90 -60.84
CA PRO C 295 -8.14 -1.09 -60.93
C PRO C 295 -7.53 -0.74 -59.58
N PHE C 296 -8.35 -0.55 -58.54
CA PHE C 296 -7.81 -0.43 -57.20
C PHE C 296 -7.12 -1.72 -56.76
N ASP C 297 -7.78 -2.87 -56.98
CA ASP C 297 -7.19 -4.14 -56.57
C ASP C 297 -5.84 -4.41 -57.22
N PHE C 298 -5.56 -3.78 -58.36
CA PHE C 298 -4.31 -4.00 -59.07
C PHE C 298 -3.24 -2.99 -58.65
N TYR C 299 -3.57 -1.70 -58.74
CA TYR C 299 -2.57 -0.67 -58.48
C TYR C 299 -2.16 -0.63 -57.02
N MET C 300 -3.06 -0.99 -56.10
CA MET C 300 -2.67 -1.10 -54.70
C MET C 300 -1.67 -2.22 -54.50
N ASP C 301 -1.96 -3.41 -55.03
CA ASP C 301 -1.05 -4.54 -54.93
C ASP C 301 0.27 -4.26 -55.64
N LEU C 302 0.23 -3.45 -56.70
CA LEU C 302 1.43 -3.14 -57.46
C LEU C 302 2.41 -2.29 -56.66
N THR C 303 1.92 -1.44 -55.76
CA THR C 303 2.78 -0.49 -55.06
C THR C 303 2.85 -0.75 -53.57
N SER C 304 2.49 -1.95 -53.12
CA SER C 304 2.71 -2.36 -51.75
C SER C 304 3.92 -3.27 -51.68
N VAL C 305 4.45 -3.45 -50.48
CA VAL C 305 5.69 -4.18 -50.26
C VAL C 305 5.35 -5.56 -49.71
N ASP C 306 5.56 -6.59 -50.53
CA ASP C 306 5.49 -7.97 -50.05
C ASP C 306 6.62 -8.20 -49.06
N THR C 307 6.29 -8.72 -47.87
CA THR C 307 7.30 -8.89 -46.83
C THR C 307 7.37 -10.29 -46.23
N GLN C 308 6.61 -11.27 -46.73
CA GLN C 308 6.72 -12.60 -46.15
C GLN C 308 8.07 -13.24 -46.45
N SER C 309 8.81 -12.70 -47.41
CA SER C 309 10.13 -13.17 -47.75
C SER C 309 11.04 -11.95 -47.88
N LYS C 310 12.31 -12.12 -47.53
CA LYS C 310 13.28 -11.03 -47.65
C LYS C 310 13.47 -10.63 -49.11
N GLU C 311 13.59 -11.60 -50.02
CA GLU C 311 13.80 -11.27 -51.43
C GLU C 311 12.56 -10.59 -52.02
N ARG C 312 11.36 -11.07 -51.67
CA ARG C 312 10.16 -10.39 -52.12
C ARG C 312 10.05 -9.01 -51.48
N GLU C 313 10.76 -8.78 -50.38
CA GLU C 313 10.79 -7.47 -49.75
C GLU C 313 11.74 -6.53 -50.49
N ILE C 314 12.94 -7.00 -50.82
CA ILE C 314 13.84 -6.24 -51.68
C ILE C 314 13.22 -6.01 -53.05
N GLU C 315 12.55 -7.05 -53.58
CA GLU C 315 11.98 -6.96 -54.92
C GLU C 315 10.86 -5.93 -54.98
N THR C 316 9.80 -6.15 -54.18
CA THR C 316 8.65 -5.25 -54.21
C THR C 316 9.02 -3.84 -53.78
N SER C 317 9.94 -3.69 -52.82
CA SER C 317 10.40 -2.34 -52.46
C SER C 317 11.17 -1.71 -53.60
N LYS C 318 11.98 -2.51 -54.31
CA LYS C 318 12.58 -2.02 -55.56
C LYS C 318 11.50 -1.58 -56.53
N ARG C 319 10.41 -2.34 -56.58
CA ARG C 319 9.28 -1.99 -57.46
C ARG C 319 8.60 -0.72 -56.98
N VAL C 320 8.46 -0.53 -55.67
CA VAL C 320 7.85 0.68 -55.15
C VAL C 320 8.72 1.89 -55.46
N GLN C 321 10.03 1.76 -55.29
CA GLN C 321 10.92 2.91 -55.49
C GLN C 321 10.96 3.37 -56.93
N MET C 322 10.78 2.47 -57.91
CA MET C 322 10.78 2.92 -59.30
C MET C 322 9.44 3.57 -59.68
N ILE C 323 8.31 3.05 -59.22
CA ILE C 323 7.04 3.69 -59.55
C ILE C 323 6.97 5.05 -58.88
N GLU C 324 7.45 5.13 -57.65
CA GLU C 324 7.50 6.40 -56.92
C GLU C 324 8.46 7.37 -57.60
N SER C 325 9.67 6.91 -57.93
CA SER C 325 10.65 7.78 -58.59
C SER C 325 10.17 8.22 -59.97
N ALA C 326 9.59 7.28 -60.74
CA ALA C 326 9.07 7.64 -62.05
C ALA C 326 7.93 8.66 -61.95
N TYR C 327 7.22 8.68 -60.83
CA TYR C 327 6.14 9.65 -60.67
C TYR C 327 6.68 11.04 -60.35
N LYS C 328 7.73 11.13 -59.52
CA LYS C 328 8.24 12.42 -59.10
C LYS C 328 8.75 13.24 -60.29
N LYS C 329 9.21 12.58 -61.35
CA LYS C 329 9.65 13.23 -62.57
C LYS C 329 8.55 13.35 -63.63
N SER C 330 7.30 13.16 -63.24
CA SER C 330 6.18 13.14 -64.19
C SER C 330 5.62 14.54 -64.43
N ALA C 331 4.86 14.65 -65.53
CA ALA C 331 4.12 15.88 -65.82
C ALA C 331 3.00 16.10 -64.82
N ILE C 332 2.39 15.02 -64.32
CA ILE C 332 1.32 15.16 -63.34
C ILE C 332 1.88 15.61 -62.00
N CYS C 333 3.09 15.18 -61.66
CA CYS C 333 3.70 15.57 -60.39
C CYS C 333 4.06 17.05 -60.38
N HIS C 334 4.71 17.52 -61.46
CA HIS C 334 5.09 18.92 -61.50
C HIS C 334 3.90 19.83 -61.76
N LYS C 335 2.81 19.31 -62.30
CA LYS C 335 1.59 20.11 -62.41
C LYS C 335 0.96 20.36 -61.04
N THR C 336 1.16 19.44 -60.09
CA THR C 336 0.64 19.64 -58.74
C THR C 336 1.42 20.75 -58.03
N LEU C 337 2.75 20.65 -58.02
CA LEU C 337 3.57 21.60 -57.28
C LEU C 337 3.50 22.99 -57.89
N LYS C 338 3.35 23.09 -59.21
CA LYS C 338 3.14 24.39 -59.84
C LYS C 338 1.80 25.00 -59.44
N ASN C 339 0.80 24.15 -59.15
CA ASN C 339 -0.48 24.68 -58.68
C ASN C 339 -0.40 25.11 -57.22
N ILE C 340 0.32 24.35 -56.39
CA ILE C 340 0.39 24.65 -54.96
C ILE C 340 1.07 26.00 -54.75
N GLU C 341 2.13 26.27 -55.50
CA GLU C 341 2.86 27.53 -55.43
C GLU C 341 2.16 28.64 -56.20
N ARG C 342 1.20 28.30 -57.07
CA ARG C 342 0.43 29.32 -57.77
C ARG C 342 -0.50 30.11 -56.85
N MET C 343 -1.03 29.49 -55.79
CA MET C 343 -2.01 30.18 -54.97
C MET C 343 -1.42 31.09 -53.88
N LYS C 344 -0.24 30.78 -53.35
CA LYS C 344 0.23 31.58 -52.21
C LYS C 344 0.56 33.00 -52.63
N HIS C 345 1.14 33.18 -53.83
CA HIS C 345 1.49 34.51 -54.31
C HIS C 345 0.46 35.06 -55.30
N LEU C 346 -0.58 34.29 -55.61
CA LEU C 346 -1.80 34.85 -56.18
C LEU C 346 -2.69 35.23 -55.01
N LYS C 347 -2.72 36.52 -54.68
CA LYS C 347 -3.62 37.04 -53.64
C LYS C 347 -4.99 37.30 -54.26
N THR C 348 -5.56 36.22 -54.81
CA THR C 348 -6.80 36.32 -55.56
C THR C 348 -8.01 36.25 -54.62
N LEU C 349 -8.02 35.31 -53.68
CA LEU C 349 -9.04 35.28 -52.64
C LEU C 349 -8.43 34.76 -51.33
N PRO C 350 -7.74 35.62 -50.57
CA PRO C 350 -7.44 35.28 -49.18
C PRO C 350 -8.69 35.40 -48.34
N MET C 351 -8.87 34.45 -47.43
CA MET C 351 -10.10 34.41 -46.65
C MET C 351 -9.79 33.93 -45.23
N VAL C 352 -10.84 33.87 -44.42
CA VAL C 352 -10.91 33.43 -43.03
C VAL C 352 -10.91 31.89 -43.00
N PRO C 353 -10.22 31.28 -42.04
CA PRO C 353 -10.44 29.86 -41.76
C PRO C 353 -11.82 29.64 -41.13
N PHE C 354 -12.33 28.43 -41.30
CA PHE C 354 -13.76 28.22 -41.15
C PHE C 354 -14.12 27.57 -39.80
N LYS C 355 -15.32 26.97 -39.73
CA LYS C 355 -15.96 26.33 -38.56
C LYS C 355 -16.63 27.23 -37.50
N THR C 356 -16.26 28.51 -37.41
CA THR C 356 -16.88 29.63 -36.66
C THR C 356 -16.56 29.62 -35.16
N LYS C 357 -15.71 30.56 -34.73
CA LYS C 357 -15.23 30.62 -33.35
C LYS C 357 -16.24 31.41 -32.51
N ASP C 358 -17.40 30.79 -32.32
CA ASP C 358 -18.42 31.27 -31.39
C ASP C 358 -18.47 30.31 -30.20
N SER C 359 -18.07 30.81 -29.04
CA SER C 359 -17.92 29.96 -27.86
C SER C 359 -18.84 30.42 -26.75
N PRO C 360 -19.87 29.63 -26.42
CA PRO C 360 -20.59 29.86 -25.17
C PRO C 360 -19.70 29.55 -23.98
N GLY C 361 -20.07 30.12 -22.84
CA GLY C 361 -19.26 30.03 -21.64
C GLY C 361 -19.17 28.60 -21.12
N VAL C 362 -18.48 28.46 -19.99
CA VAL C 362 -18.31 27.14 -19.40
C VAL C 362 -19.62 26.65 -18.79
N PHE C 363 -20.34 27.53 -18.08
CA PHE C 363 -21.60 27.09 -17.46
C PHE C 363 -22.71 26.92 -18.49
N SER C 364 -22.66 27.67 -19.60
CA SER C 364 -23.67 27.47 -20.63
C SER C 364 -23.47 26.14 -21.34
N LYS C 365 -22.22 25.69 -21.43
CA LYS C 365 -21.95 24.39 -22.03
C LYS C 365 -22.34 23.27 -21.08
N LEU C 366 -22.04 23.41 -19.79
CA LEU C 366 -22.41 22.40 -18.81
C LEU C 366 -23.92 22.17 -18.77
N GLY C 367 -24.70 23.25 -18.88
CA GLY C 367 -26.16 23.11 -18.81
C GLY C 367 -26.70 22.26 -19.94
N VAL C 368 -26.13 22.42 -21.14
CA VAL C 368 -26.42 21.49 -22.23
C VAL C 368 -26.02 20.08 -21.81
N LEU C 369 -24.74 19.92 -21.44
CA LEU C 369 -24.22 18.61 -21.12
C LEU C 369 -24.92 17.98 -19.93
N LEU C 370 -25.45 18.80 -19.02
CA LEU C 370 -26.15 18.23 -17.86
C LEU C 370 -27.51 17.67 -18.27
N ARG C 371 -28.32 18.46 -18.98
CA ARG C 371 -29.62 17.95 -19.38
C ARG C 371 -29.54 17.09 -20.63
N ARG C 372 -28.46 17.18 -21.40
CA ARG C 372 -28.26 16.18 -22.45
C ARG C 372 -28.07 14.81 -21.83
N VAL C 373 -27.32 14.75 -20.73
CA VAL C 373 -27.11 13.48 -20.07
C VAL C 373 -28.29 13.13 -19.19
N THR C 374 -28.91 14.13 -18.57
CA THR C 374 -30.08 13.86 -17.75
C THR C 374 -31.20 13.26 -18.60
N ARG C 375 -31.44 13.82 -19.79
CA ARG C 375 -32.37 13.20 -20.72
C ARG C 375 -31.83 11.89 -21.27
N ASN C 376 -30.51 11.72 -21.34
CA ASN C 376 -29.97 10.43 -21.75
C ASN C 376 -30.27 9.35 -20.72
N LEU C 377 -30.35 9.73 -19.44
CA LEU C 377 -30.70 8.74 -18.43
C LEU C 377 -32.20 8.54 -18.29
N VAL C 378 -32.98 9.61 -18.37
CA VAL C 378 -34.40 9.49 -18.02
C VAL C 378 -35.15 8.73 -19.11
N ARG C 379 -34.80 8.93 -20.38
CA ARG C 379 -35.42 8.11 -21.41
C ARG C 379 -34.94 6.67 -21.36
N ASN C 380 -33.76 6.43 -20.78
CA ASN C 380 -33.28 5.07 -20.57
C ASN C 380 -34.04 4.50 -19.39
N LYS C 381 -34.99 3.61 -19.66
CA LYS C 381 -35.91 3.14 -18.63
C LYS C 381 -35.24 2.12 -17.72
N LEU C 382 -34.39 1.26 -18.28
CA LEU C 382 -33.68 0.28 -17.46
C LEU C 382 -32.74 0.96 -16.48
N ALA C 383 -31.91 1.89 -16.98
CA ALA C 383 -30.79 2.40 -16.19
C ALA C 383 -31.26 3.14 -14.95
N VAL C 384 -32.32 3.94 -15.08
CA VAL C 384 -32.82 4.67 -13.91
C VAL C 384 -33.36 3.69 -12.88
N ILE C 385 -33.90 2.56 -13.33
CA ILE C 385 -34.41 1.56 -12.39
C ILE C 385 -33.29 1.03 -11.50
N THR C 386 -32.20 0.55 -12.12
CA THR C 386 -31.07 0.04 -11.35
C THR C 386 -30.44 1.12 -10.50
N ARG C 387 -30.24 2.32 -11.06
CA ARG C 387 -29.59 3.38 -10.29
C ARG C 387 -30.40 3.77 -9.06
N LEU C 388 -31.73 3.59 -9.09
CA LEU C 388 -32.57 4.01 -7.97
C LEU C 388 -32.83 2.92 -6.93
N LEU C 389 -32.73 1.63 -7.30
CA LEU C 389 -33.16 0.56 -6.39
C LEU C 389 -32.04 -0.36 -5.91
N GLN C 390 -30.84 -0.28 -6.47
CA GLN C 390 -29.82 -1.26 -6.10
C GLN C 390 -29.30 -1.08 -4.68
N ASN C 391 -29.46 0.10 -4.08
CA ASN C 391 -29.26 0.19 -2.65
C ASN C 391 -30.40 -0.46 -1.88
N LEU C 392 -31.63 -0.37 -2.39
CA LEU C 392 -32.76 -1.01 -1.72
C LEU C 392 -32.69 -2.53 -1.80
N ILE C 393 -32.06 -3.08 -2.84
CA ILE C 393 -31.89 -4.52 -2.90
C ILE C 393 -30.87 -4.97 -1.87
N MET C 394 -29.76 -4.23 -1.77
CA MET C 394 -28.78 -4.45 -0.70
C MET C 394 -29.45 -4.51 0.67
N GLY C 395 -30.34 -3.55 0.95
CA GLY C 395 -31.01 -3.55 2.24
C GLY C 395 -31.99 -4.69 2.40
N LEU C 396 -32.66 -5.10 1.31
CA LEU C 396 -33.53 -6.27 1.39
C LEU C 396 -32.74 -7.55 1.53
N PHE C 397 -31.54 -7.62 0.95
CA PHE C 397 -30.74 -8.84 1.01
C PHE C 397 -30.28 -9.13 2.43
N LEU C 398 -29.79 -8.11 3.15
CA LEU C 398 -29.42 -8.31 4.54
C LEU C 398 -30.63 -8.66 5.38
N LEU C 399 -31.74 -7.97 5.13
CA LEU C 399 -32.96 -8.14 5.90
C LEU C 399 -33.50 -9.56 5.82
N PHE C 400 -33.17 -10.28 4.74
CA PHE C 400 -33.57 -11.68 4.65
C PHE C 400 -32.87 -12.54 5.71
N PHE C 401 -31.60 -12.27 5.98
CA PHE C 401 -30.84 -13.19 6.82
C PHE C 401 -31.06 -12.93 8.30
N VAL C 402 -31.10 -11.67 8.71
CA VAL C 402 -31.42 -11.30 10.08
C VAL C 402 -32.69 -10.47 10.04
N LEU C 403 -33.76 -11.00 10.63
CA LEU C 403 -35.06 -10.34 10.52
C LEU C 403 -35.09 -9.07 11.35
N ARG C 404 -35.16 -9.19 12.67
CA ARG C 404 -35.09 -8.05 13.57
C ARG C 404 -33.76 -8.15 14.33
N VAL C 405 -33.48 -7.16 15.17
CA VAL C 405 -32.15 -7.06 15.78
C VAL C 405 -32.09 -7.80 17.12
N ARG C 406 -33.17 -7.77 17.90
CA ARG C 406 -33.22 -8.35 19.24
C ARG C 406 -32.28 -7.63 20.21
N SER C 407 -32.85 -7.03 21.25
CA SER C 407 -32.10 -6.24 22.23
C SER C 407 -31.43 -7.09 23.30
N ASN C 408 -31.46 -8.41 23.14
CA ASN C 408 -30.87 -9.35 24.10
C ASN C 408 -29.41 -9.60 23.76
N VAL C 409 -28.50 -9.35 24.72
CA VAL C 409 -27.07 -9.48 24.46
C VAL C 409 -26.71 -10.90 24.05
N LEU C 410 -27.42 -11.88 24.59
CA LEU C 410 -27.08 -13.27 24.37
C LEU C 410 -27.66 -13.82 23.08
N LYS C 411 -28.78 -13.27 22.61
CA LYS C 411 -29.37 -13.67 21.34
C LYS C 411 -28.92 -12.80 20.18
N GLY C 412 -27.92 -11.94 20.37
CA GLY C 412 -27.32 -11.21 19.27
C GLY C 412 -27.54 -9.71 19.25
N ALA C 413 -27.53 -9.06 20.42
CA ALA C 413 -27.88 -7.64 20.47
C ALA C 413 -26.78 -6.76 19.87
N ILE C 414 -25.52 -7.10 20.10
CA ILE C 414 -24.41 -6.29 19.62
C ILE C 414 -23.75 -6.90 18.39
N GLN C 415 -23.63 -8.23 18.39
CA GLN C 415 -23.06 -8.93 17.26
C GLN C 415 -23.79 -8.60 15.97
N ASP C 416 -25.13 -8.61 16.01
CA ASP C 416 -25.90 -8.35 14.80
C ASP C 416 -25.94 -6.87 14.42
N ARG C 417 -25.95 -5.96 15.39
CA ARG C 417 -25.95 -4.54 15.06
C ARG C 417 -24.66 -4.16 14.35
N VAL C 418 -23.52 -4.60 14.89
CA VAL C 418 -22.23 -4.29 14.29
C VAL C 418 -22.13 -4.91 12.90
N GLY C 419 -22.76 -6.08 12.69
CA GLY C 419 -22.70 -6.72 11.39
C GLY C 419 -23.45 -5.92 10.34
N LEU C 420 -24.65 -5.43 10.69
CA LEU C 420 -25.46 -4.69 9.73
C LEU C 420 -24.77 -3.39 9.32
N LEU C 421 -24.19 -2.68 10.28
CA LEU C 421 -23.52 -1.42 9.96
C LEU C 421 -22.24 -1.67 9.18
N TYR C 422 -21.59 -2.81 9.39
CA TYR C 422 -20.42 -3.18 8.60
C TYR C 422 -20.81 -3.43 7.15
N GLN C 423 -21.93 -4.14 6.93
CA GLN C 423 -22.38 -4.43 5.58
C GLN C 423 -22.73 -3.16 4.82
N PHE C 424 -23.30 -2.17 5.50
CA PHE C 424 -23.60 -0.91 4.84
C PHE C 424 -22.32 -0.13 4.55
N VAL C 425 -21.50 0.11 5.58
CA VAL C 425 -20.25 0.83 5.39
C VAL C 425 -19.37 0.12 4.36
N GLY C 426 -19.54 -1.18 4.20
CA GLY C 426 -18.76 -1.93 3.23
C GLY C 426 -19.30 -1.93 1.82
N ALA C 427 -20.59 -2.18 1.66
CA ALA C 427 -21.18 -2.37 0.34
C ALA C 427 -21.87 -1.12 -0.22
N THR C 428 -22.04 -0.08 0.56
CA THR C 428 -22.64 1.13 0.02
C THR C 428 -21.76 1.80 -1.03
N PRO C 429 -20.44 1.94 -0.80
CA PRO C 429 -19.58 2.46 -1.87
C PRO C 429 -19.46 1.52 -3.05
N TYR C 430 -19.73 0.22 -2.87
CA TYR C 430 -19.59 -0.72 -3.98
C TYR C 430 -20.73 -0.55 -4.99
N THR C 431 -21.97 -0.46 -4.51
CA THR C 431 -23.10 -0.30 -5.41
C THR C 431 -23.02 1.02 -6.16
N GLY C 432 -22.58 2.09 -5.47
CA GLY C 432 -22.35 3.35 -6.16
C GLY C 432 -21.38 3.21 -7.31
N MET C 433 -20.35 2.37 -7.13
CA MET C 433 -19.41 2.11 -8.21
C MET C 433 -20.09 1.39 -9.38
N LEU C 434 -20.95 0.41 -9.08
CA LEU C 434 -21.65 -0.31 -10.15
C LEU C 434 -22.42 0.65 -11.05
N ASN C 435 -22.95 1.74 -10.48
CA ASN C 435 -23.60 2.76 -11.29
C ASN C 435 -22.65 3.35 -12.31
N ALA C 436 -21.42 3.65 -11.90
CA ALA C 436 -20.50 4.39 -12.75
C ALA C 436 -19.90 3.51 -13.82
N VAL C 437 -19.40 2.33 -13.46
CA VAL C 437 -18.81 1.45 -14.46
C VAL C 437 -19.85 0.99 -15.48
N ASN C 438 -21.13 1.10 -15.15
CA ASN C 438 -22.18 0.72 -16.09
C ASN C 438 -22.60 1.87 -17.00
N LEU C 439 -22.71 3.09 -16.46
CA LEU C 439 -23.34 4.17 -17.18
C LEU C 439 -22.37 5.24 -17.69
N PHE C 440 -21.11 5.24 -17.24
CA PHE C 440 -20.17 6.28 -17.66
C PHE C 440 -19.33 5.97 -18.89
N PRO C 441 -18.88 4.72 -19.13
CA PRO C 441 -18.05 4.49 -20.32
C PRO C 441 -18.67 4.93 -21.64
N VAL C 442 -20.00 4.95 -21.76
CA VAL C 442 -20.61 5.42 -23.00
C VAL C 442 -20.53 6.93 -23.11
N LEU C 443 -20.78 7.64 -22.01
CA LEU C 443 -20.64 9.09 -21.95
C LEU C 443 -19.19 9.55 -22.05
N ARG C 444 -18.23 8.68 -21.72
CA ARG C 444 -16.82 9.01 -21.93
C ARG C 444 -16.47 9.03 -23.41
N ALA C 445 -16.88 8.01 -24.16
CA ALA C 445 -16.55 7.95 -25.58
C ALA C 445 -17.11 9.15 -26.34
N VAL C 446 -18.32 9.59 -25.97
CA VAL C 446 -18.84 10.83 -26.52
C VAL C 446 -17.98 12.00 -26.08
N SER C 447 -17.60 12.03 -24.80
CA SER C 447 -16.76 13.10 -24.27
C SER C 447 -15.49 13.28 -25.10
N ASP C 448 -14.85 12.18 -25.48
CA ASP C 448 -13.52 12.27 -26.06
C ASP C 448 -13.55 12.72 -27.53
N GLN C 449 -14.45 12.17 -28.35
CA GLN C 449 -14.60 12.71 -29.71
C GLN C 449 -14.97 14.18 -29.69
N GLU C 450 -15.95 14.55 -28.86
CA GLU C 450 -16.39 15.93 -28.81
C GLU C 450 -15.34 16.83 -28.17
N SER C 451 -14.41 16.27 -27.40
CA SER C 451 -13.29 17.07 -26.90
C SER C 451 -12.33 17.40 -28.03
N GLN C 452 -12.11 16.45 -28.94
CA GLN C 452 -11.26 16.69 -30.09
C GLN C 452 -11.91 17.64 -31.08
N ASP C 453 -13.22 17.52 -31.28
CA ASP C 453 -13.94 18.34 -32.24
C ASP C 453 -14.17 19.77 -31.76
N GLY C 454 -13.90 20.04 -30.48
CA GLY C 454 -13.91 21.40 -29.98
C GLY C 454 -15.23 21.92 -29.44
N LEU C 455 -16.16 21.04 -29.09
CA LEU C 455 -17.39 21.51 -28.45
C LEU C 455 -17.15 21.86 -26.99
N TYR C 456 -16.34 21.07 -26.30
CA TYR C 456 -16.08 21.24 -24.87
C TYR C 456 -14.93 20.35 -24.47
N GLN C 457 -14.39 20.59 -23.28
CA GLN C 457 -13.28 19.82 -22.74
C GLN C 457 -13.80 18.62 -21.95
N LYS C 458 -12.99 17.56 -21.90
CA LYS C 458 -13.45 16.28 -21.33
C LYS C 458 -13.98 16.46 -19.91
N TRP C 459 -13.31 17.27 -19.09
CA TRP C 459 -13.72 17.41 -17.69
C TRP C 459 -15.10 18.03 -17.57
N GLN C 460 -15.45 18.93 -18.50
CA GLN C 460 -16.81 19.48 -18.49
C GLN C 460 -17.86 18.40 -18.68
N MET C 461 -17.47 17.24 -19.20
CA MET C 461 -18.40 16.12 -19.34
C MET C 461 -18.64 15.41 -18.00
N MET C 462 -17.58 15.10 -17.27
CA MET C 462 -17.78 14.34 -16.03
C MET C 462 -18.51 15.18 -15.00
N LEU C 463 -18.35 16.50 -15.03
CA LEU C 463 -19.10 17.34 -14.10
C LEU C 463 -20.58 17.28 -14.43
N ALA C 464 -20.92 17.30 -15.72
CA ALA C 464 -22.27 16.98 -16.12
C ALA C 464 -22.68 15.64 -15.52
N TYR C 465 -21.80 14.63 -15.65
CA TYR C 465 -22.11 13.32 -15.09
C TYR C 465 -22.15 13.36 -13.56
N ALA C 466 -21.16 14.00 -12.94
CA ALA C 466 -21.15 14.14 -11.48
C ALA C 466 -22.42 14.76 -10.94
N LEU C 467 -23.00 15.72 -11.68
CA LEU C 467 -24.13 16.48 -11.15
C LEU C 467 -25.48 15.82 -11.39
N HIS C 468 -25.71 15.18 -12.54
CA HIS C 468 -27.05 14.66 -12.78
C HIS C 468 -27.32 13.38 -11.99
N VAL C 469 -26.27 12.71 -11.51
CA VAL C 469 -26.44 11.56 -10.63
C VAL C 469 -26.73 11.98 -9.21
N LEU C 470 -26.58 13.27 -8.92
CA LEU C 470 -26.82 13.76 -7.56
C LEU C 470 -28.24 13.47 -7.10
N PRO C 471 -29.30 13.80 -7.83
CA PRO C 471 -30.64 13.49 -7.33
C PRO C 471 -30.91 12.00 -7.24
N PHE C 472 -30.46 11.24 -8.25
CA PHE C 472 -30.80 9.83 -8.30
C PHE C 472 -30.18 9.07 -7.14
N SER C 473 -28.93 9.37 -6.80
CA SER C 473 -28.30 8.72 -5.65
C SER C 473 -29.00 9.13 -4.35
N VAL C 474 -29.34 10.41 -4.22
CA VAL C 474 -30.08 10.87 -3.04
C VAL C 474 -31.43 10.18 -2.96
N VAL C 475 -32.11 10.08 -4.10
CA VAL C 475 -33.38 9.37 -4.13
C VAL C 475 -33.18 7.91 -3.76
N ALA C 476 -32.05 7.32 -4.17
CA ALA C 476 -31.84 5.89 -3.96
C ALA C 476 -31.71 5.55 -2.48
N THR C 477 -30.94 6.34 -1.72
CA THR C 477 -30.76 6.03 -0.31
C THR C 477 -32.00 6.36 0.51
N MET C 478 -32.90 7.19 0.01
CA MET C 478 -34.18 7.36 0.70
C MET C 478 -35.11 6.19 0.44
N ILE C 479 -35.14 5.70 -0.80
CA ILE C 479 -35.82 4.45 -1.10
C ILE C 479 -35.24 3.33 -0.23
N PHE C 480 -33.93 3.35 -0.02
CA PHE C 480 -33.26 2.30 0.77
C PHE C 480 -33.50 2.47 2.26
N SER C 481 -33.29 3.67 2.80
CA SER C 481 -33.54 3.90 4.22
C SER C 481 -35.01 3.67 4.57
N SER C 482 -35.91 4.36 3.86
CA SER C 482 -37.33 4.35 4.23
C SER C 482 -37.91 2.95 4.29
N VAL C 483 -37.35 2.02 3.52
CA VAL C 483 -37.92 0.67 3.46
C VAL C 483 -37.40 -0.21 4.59
N CYS C 484 -36.09 -0.48 4.60
CA CYS C 484 -35.57 -1.52 5.47
C CYS C 484 -35.05 -1.00 6.81
N TYR C 485 -34.82 0.31 6.96
CA TYR C 485 -34.39 0.84 8.26
C TYR C 485 -35.39 0.49 9.35
N TRP C 486 -36.66 0.87 9.13
CA TRP C 486 -37.70 0.59 10.12
C TRP C 486 -38.00 -0.90 10.24
N THR C 487 -37.69 -1.69 9.22
CA THR C 487 -38.04 -3.11 9.27
C THR C 487 -37.09 -3.87 10.19
N LEU C 488 -35.78 -3.68 10.00
CA LEU C 488 -34.82 -4.21 10.97
C LEU C 488 -35.11 -3.68 12.37
N GLY C 489 -35.56 -2.43 12.48
CA GLY C 489 -35.88 -1.83 13.75
C GLY C 489 -34.70 -1.24 14.50
N LEU C 490 -33.97 -0.35 13.83
CA LEU C 490 -32.70 0.14 14.37
C LEU C 490 -32.91 1.08 15.55
N HIS C 491 -33.58 2.21 15.33
CA HIS C 491 -33.75 3.18 16.40
C HIS C 491 -34.94 4.10 16.15
N PRO C 492 -35.97 4.04 16.99
CA PRO C 492 -37.26 4.64 16.62
C PRO C 492 -37.27 6.16 16.66
N GLU C 493 -36.18 6.80 17.10
CA GLU C 493 -36.11 8.25 17.06
C GLU C 493 -36.01 8.73 15.61
N VAL C 494 -36.73 9.80 15.30
CA VAL C 494 -36.84 10.22 13.89
C VAL C 494 -35.51 10.73 13.37
N ALA C 495 -34.75 11.45 14.20
CA ALA C 495 -33.48 12.02 13.76
C ALA C 495 -32.45 10.95 13.42
N ARG C 496 -32.51 9.81 14.11
CA ARG C 496 -31.62 8.70 13.77
C ARG C 496 -31.79 8.31 12.30
N PHE C 497 -33.04 8.08 11.88
CA PHE C 497 -33.32 7.77 10.48
C PHE C 497 -32.80 8.88 9.57
N GLY C 498 -32.97 10.14 9.98
CA GLY C 498 -32.49 11.25 9.17
C GLY C 498 -30.99 11.25 9.06
N TYR C 499 -30.31 11.00 10.17
CA TYR C 499 -28.85 10.92 10.18
C TYR C 499 -28.36 9.70 9.39
N PHE C 500 -28.93 8.53 9.69
CA PHE C 500 -28.54 7.29 9.03
C PHE C 500 -28.56 7.44 7.51
N SER C 501 -29.65 8.01 6.98
CA SER C 501 -29.73 8.24 5.54
C SER C 501 -28.57 9.09 5.04
N ALA C 502 -28.34 10.23 5.70
CA ALA C 502 -27.22 11.09 5.31
C ALA C 502 -25.89 10.38 5.50
N ALA C 503 -25.76 9.61 6.57
CA ALA C 503 -24.52 8.88 6.84
C ALA C 503 -24.19 7.91 5.71
N LEU C 504 -25.22 7.40 5.02
CA LEU C 504 -25.03 6.39 3.98
C LEU C 504 -25.06 6.97 2.57
N LEU C 505 -25.53 8.21 2.40
CA LEU C 505 -25.52 8.83 1.09
C LEU C 505 -24.09 9.17 0.66
N ALA C 506 -23.21 9.47 1.61
CA ALA C 506 -21.85 9.85 1.26
C ALA C 506 -21.05 8.69 0.67
N PRO C 507 -20.94 7.53 1.32
CA PRO C 507 -20.22 6.42 0.68
C PRO C 507 -20.78 6.06 -0.69
N HIS C 508 -22.09 6.25 -0.87
CA HIS C 508 -22.69 5.98 -2.17
C HIS C 508 -22.27 6.98 -3.23
N LEU C 509 -22.02 8.24 -2.85
CA LEU C 509 -21.44 9.19 -3.78
C LEU C 509 -19.93 9.12 -3.83
N ILE C 510 -19.30 8.90 -2.68
CA ILE C 510 -17.84 8.80 -2.64
C ILE C 510 -17.38 7.66 -3.54
N GLY C 511 -18.06 6.52 -3.46
CA GLY C 511 -17.68 5.38 -4.28
C GLY C 511 -17.93 5.56 -5.75
N GLU C 512 -18.93 6.38 -6.12
CA GLU C 512 -19.21 6.57 -7.54
C GLU C 512 -18.32 7.65 -8.14
N PHE C 513 -18.04 8.72 -7.39
CA PHE C 513 -17.12 9.74 -7.89
C PHE C 513 -15.69 9.20 -7.96
N LEU C 514 -15.30 8.37 -7.00
CA LEU C 514 -13.99 7.73 -7.03
C LEU C 514 -13.84 6.87 -8.28
N THR C 515 -14.92 6.20 -8.69
CA THR C 515 -14.89 5.39 -9.90
C THR C 515 -14.77 6.27 -11.15
N LEU C 516 -15.22 7.53 -11.09
CA LEU C 516 -14.98 8.46 -12.19
C LEU C 516 -13.51 8.81 -12.31
N VAL C 517 -12.88 9.14 -11.19
CA VAL C 517 -11.50 9.60 -11.20
C VAL C 517 -10.58 8.53 -11.76
N LEU C 518 -10.89 7.26 -11.51
CA LEU C 518 -10.13 6.18 -12.12
C LEU C 518 -10.46 6.04 -13.60
N LEU C 519 -11.75 5.96 -13.94
CA LEU C 519 -12.16 5.82 -15.34
C LEU C 519 -11.61 6.94 -16.22
N GLY C 520 -11.17 8.05 -15.62
CA GLY C 520 -10.51 9.09 -16.38
C GLY C 520 -9.11 8.74 -16.84
N ILE C 521 -8.49 7.72 -16.23
CA ILE C 521 -7.12 7.38 -16.57
C ILE C 521 -6.89 5.89 -16.79
N VAL C 522 -7.74 5.02 -16.28
CA VAL C 522 -7.70 3.58 -16.59
C VAL C 522 -8.90 3.25 -17.45
N GLN C 523 -8.67 2.47 -18.50
CA GLN C 523 -9.68 2.32 -19.55
C GLN C 523 -10.73 1.27 -19.21
N ASN C 524 -10.31 0.07 -18.84
CA ASN C 524 -11.24 -1.04 -18.67
C ASN C 524 -12.10 -0.86 -17.42
N PRO C 525 -13.42 -0.77 -17.53
CA PRO C 525 -14.25 -0.74 -16.32
C PRO C 525 -14.32 -2.07 -15.60
N ASN C 526 -13.98 -3.19 -16.27
CA ASN C 526 -13.85 -4.46 -15.55
C ASN C 526 -12.66 -4.43 -14.58
N ILE C 527 -11.62 -3.67 -14.92
CA ILE C 527 -10.51 -3.46 -13.99
C ILE C 527 -10.97 -2.56 -12.85
N VAL C 528 -11.51 -1.39 -13.17
CA VAL C 528 -12.00 -0.48 -12.15
C VAL C 528 -13.03 -1.17 -11.26
N ASN C 529 -13.81 -2.10 -11.82
CA ASN C 529 -14.71 -2.91 -11.01
C ASN C 529 -13.92 -3.73 -9.99
N SER C 530 -12.79 -4.31 -10.41
CA SER C 530 -11.98 -5.09 -9.49
C SER C 530 -11.19 -4.22 -8.51
N VAL C 531 -10.67 -3.09 -8.98
CA VAL C 531 -9.88 -2.23 -8.09
C VAL C 531 -10.78 -1.60 -7.04
N VAL C 532 -11.84 -0.90 -7.47
CA VAL C 532 -12.72 -0.20 -6.53
C VAL C 532 -13.28 -1.17 -5.50
N ALA C 533 -13.72 -2.36 -5.95
CA ALA C 533 -14.30 -3.32 -5.03
C ALA C 533 -13.27 -3.81 -4.01
N LEU C 534 -12.01 -3.97 -4.43
CA LEU C 534 -10.97 -4.37 -3.50
C LEU C 534 -10.62 -3.26 -2.51
N LEU C 535 -10.70 -2.00 -2.95
CA LEU C 535 -10.28 -0.91 -2.07
C LEU C 535 -11.28 -0.66 -0.95
N SER C 536 -12.57 -0.92 -1.22
CA SER C 536 -13.57 -0.77 -0.17
C SER C 536 -13.49 -1.89 0.84
N ILE C 537 -13.11 -3.10 0.39
CA ILE C 537 -12.89 -4.20 1.31
C ILE C 537 -11.76 -3.88 2.28
N ALA C 538 -10.71 -3.24 1.79
CA ALA C 538 -9.65 -2.78 2.69
C ALA C 538 -10.12 -1.62 3.56
N GLY C 539 -10.94 -0.74 3.00
CA GLY C 539 -11.35 0.45 3.73
C GLY C 539 -12.20 0.12 4.95
N VAL C 540 -13.24 -0.69 4.76
CA VAL C 540 -14.11 -1.01 5.88
C VAL C 540 -13.43 -2.00 6.83
N LEU C 541 -12.54 -2.84 6.32
CA LEU C 541 -11.85 -3.80 7.16
C LEU C 541 -10.86 -3.14 8.11
N VAL C 542 -10.24 -2.04 7.69
CA VAL C 542 -9.22 -1.38 8.50
C VAL C 542 -9.77 -0.13 9.19
N GLY C 543 -10.52 0.70 8.45
CA GLY C 543 -10.91 2.00 8.96
C GLY C 543 -11.99 1.95 10.02
N SER C 544 -12.92 1.01 9.90
CA SER C 544 -13.99 0.89 10.87
C SER C 544 -13.48 0.02 12.01
N GLY C 545 -13.70 0.47 13.23
CA GLY C 545 -13.21 -0.25 14.39
C GLY C 545 -13.88 -1.59 14.63
N PHE C 546 -14.70 -2.04 13.68
CA PHE C 546 -15.54 -3.20 13.92
C PHE C 546 -14.74 -4.49 14.04
N LEU C 547 -14.06 -4.91 12.95
CA LEU C 547 -13.42 -6.22 12.95
C LEU C 547 -12.03 -6.22 13.58
N ARG C 548 -11.48 -5.05 13.92
CA ARG C 548 -10.21 -4.96 14.62
C ARG C 548 -10.23 -3.64 15.37
N ASN C 549 -10.22 -3.69 16.71
CA ASN C 549 -10.33 -2.47 17.48
C ASN C 549 -9.24 -1.50 17.07
N ILE C 550 -9.65 -0.34 16.57
CA ILE C 550 -8.78 0.60 15.90
C ILE C 550 -7.60 1.05 16.76
N GLN C 551 -7.63 0.74 18.06
CA GLN C 551 -6.62 1.26 18.97
C GLN C 551 -5.43 0.32 19.16
N GLU C 552 -5.59 -0.97 18.94
CA GLU C 552 -4.52 -1.93 19.23
C GLU C 552 -3.91 -2.54 17.97
N MET C 553 -4.25 -2.01 16.77
CA MET C 553 -3.53 -2.57 15.64
C MET C 553 -2.21 -1.85 15.40
N PRO C 554 -1.22 -2.52 14.79
CA PRO C 554 0.13 -1.93 14.68
C PRO C 554 0.16 -0.61 13.92
N ILE C 555 1.32 0.03 14.00
CA ILE C 555 1.41 1.47 13.69
C ILE C 555 0.92 1.82 12.28
N PRO C 556 1.34 1.12 11.21
CA PRO C 556 0.86 1.55 9.88
C PRO C 556 -0.65 1.60 9.74
N PHE C 557 -1.35 0.67 10.39
CA PHE C 557 -2.79 0.55 10.18
C PHE C 557 -3.60 1.65 10.87
N LYS C 558 -3.15 2.18 12.02
CA LYS C 558 -3.83 3.37 12.54
C LYS C 558 -3.66 4.54 11.58
N ILE C 559 -2.46 4.71 11.02
CA ILE C 559 -2.21 5.84 10.12
C ILE C 559 -3.14 5.74 8.91
N ILE C 560 -3.07 4.62 8.20
CA ILE C 560 -3.90 4.41 7.03
C ILE C 560 -5.39 4.31 7.35
N SER C 561 -5.74 4.23 8.64
CA SER C 561 -7.13 4.34 9.02
C SER C 561 -7.65 5.77 8.84
N TYR C 562 -6.89 6.75 9.31
CA TYR C 562 -7.33 8.15 9.36
C TYR C 562 -7.55 8.76 7.99
N PHE C 563 -7.28 7.99 6.93
CA PHE C 563 -7.53 8.45 5.57
C PHE C 563 -8.70 7.72 4.91
N THR C 564 -9.27 6.71 5.55
CA THR C 564 -10.42 6.00 5.02
C THR C 564 -11.69 6.82 5.29
N PHE C 565 -12.55 6.95 4.28
CA PHE C 565 -13.86 7.54 4.51
C PHE C 565 -14.77 6.62 5.31
N GLN C 566 -14.42 5.34 5.43
CA GLN C 566 -15.23 4.39 6.19
C GLN C 566 -15.16 4.67 7.68
N LYS C 567 -13.98 5.06 8.17
CA LYS C 567 -13.82 5.29 9.60
C LYS C 567 -14.86 6.28 10.12
N TYR C 568 -15.05 7.39 9.42
CA TYR C 568 -16.00 8.41 9.85
C TYR C 568 -17.43 8.02 9.56
N CYS C 569 -17.67 7.24 8.51
CA CYS C 569 -19.01 6.71 8.26
C CYS C 569 -19.48 5.85 9.43
N SER C 570 -18.66 4.87 9.83
CA SER C 570 -19.03 4.01 10.95
C SER C 570 -19.08 4.79 12.26
N GLU C 571 -18.07 5.64 12.52
CA GLU C 571 -18.08 6.49 13.70
C GLU C 571 -19.38 7.26 13.84
N ILE C 572 -19.97 7.66 12.71
CA ILE C 572 -21.29 8.28 12.74
C ILE C 572 -22.35 7.23 13.05
N LEU C 573 -22.36 6.14 12.27
CA LEU C 573 -23.41 5.14 12.42
C LEU C 573 -23.32 4.42 13.75
N VAL C 574 -22.10 4.27 14.30
CA VAL C 574 -21.98 3.66 15.61
C VAL C 574 -22.54 4.57 16.70
N VAL C 575 -22.65 5.87 16.44
CA VAL C 575 -23.26 6.75 17.43
C VAL C 575 -24.78 6.72 17.32
N ASN C 576 -25.31 6.91 16.11
CA ASN C 576 -26.76 6.84 15.92
C ASN C 576 -27.35 5.50 16.32
N GLU C 577 -26.58 4.41 16.25
CA GLU C 577 -27.12 3.09 16.52
C GLU C 577 -26.60 2.49 17.82
N PHE C 578 -26.15 3.32 18.77
CA PHE C 578 -25.58 2.75 19.99
C PHE C 578 -25.56 3.77 21.12
N TYR C 579 -26.16 4.94 20.90
CA TYR C 579 -26.07 6.01 21.90
C TYR C 579 -27.06 5.85 23.03
N GLY C 580 -28.34 5.67 22.70
CA GLY C 580 -29.38 5.63 23.70
C GLY C 580 -29.80 4.26 24.18
N LEU C 581 -29.00 3.22 23.94
CA LEU C 581 -29.46 1.85 24.15
C LEU C 581 -29.11 1.34 25.54
N ASN C 582 -29.92 0.38 25.99
CA ASN C 582 -29.63 -0.48 27.12
C ASN C 582 -30.24 -1.86 26.85
N PHE C 583 -29.52 -2.90 27.27
CA PHE C 583 -29.73 -4.27 26.81
C PHE C 583 -30.35 -5.15 27.91
N THR C 584 -30.51 -6.42 27.56
CA THR C 584 -31.01 -7.43 28.49
C THR C 584 -30.27 -8.74 28.29
N CYS C 585 -30.06 -9.45 29.40
CA CYS C 585 -29.51 -10.80 29.36
C CYS C 585 -30.04 -11.65 30.50
N MET C 597 -19.55 -13.73 27.95
CA MET C 597 -20.87 -13.62 28.58
C MET C 597 -21.46 -12.21 28.37
N CYS C 598 -22.43 -11.86 29.20
CA CYS C 598 -23.17 -10.59 29.07
C CYS C 598 -22.30 -9.47 29.63
N ALA C 599 -21.41 -8.96 28.77
CA ALA C 599 -20.48 -7.92 29.18
C ALA C 599 -21.16 -6.55 29.17
N PHE C 600 -21.52 -6.07 27.99
CA PHE C 600 -22.00 -4.71 27.84
C PHE C 600 -23.48 -4.63 28.18
N THR C 601 -23.85 -3.69 29.05
CA THR C 601 -25.23 -3.46 29.46
C THR C 601 -25.85 -2.21 28.85
N GLN C 602 -25.13 -1.10 28.83
CA GLN C 602 -25.62 0.15 28.23
C GLN C 602 -24.92 0.39 26.92
N GLY C 603 -25.64 0.97 25.96
CA GLY C 603 -25.11 1.11 24.61
C GLY C 603 -23.94 2.07 24.54
N ILE C 604 -23.90 3.03 25.47
CA ILE C 604 -22.82 4.02 25.49
C ILE C 604 -21.48 3.33 25.74
N GLN C 605 -21.51 2.12 26.31
CA GLN C 605 -20.29 1.39 26.59
C GLN C 605 -19.69 0.77 25.32
N PHE C 606 -20.51 0.23 24.43
CA PHE C 606 -19.93 -0.32 23.20
C PHE C 606 -19.33 0.79 22.34
N ILE C 607 -19.90 1.99 22.36
CA ILE C 607 -19.25 3.08 21.65
C ILE C 607 -17.88 3.35 22.25
N GLU C 608 -17.72 3.02 23.54
CA GLU C 608 -16.42 3.16 24.19
C GLU C 608 -15.48 2.02 23.80
N LYS C 609 -16.02 0.82 23.65
CA LYS C 609 -15.17 -0.34 23.35
C LYS C 609 -14.41 -0.16 22.04
N THR C 610 -15.04 0.48 21.04
CA THR C 610 -14.39 0.70 19.77
C THR C 610 -14.75 2.07 19.21
N CYS C 611 -13.74 2.79 18.70
CA CYS C 611 -13.81 4.19 18.28
C CYS C 611 -14.29 5.09 19.42
N PRO C 612 -13.52 5.19 20.50
CA PRO C 612 -13.96 5.97 21.66
C PRO C 612 -13.83 7.47 21.44
N GLY C 613 -14.74 8.20 22.06
CA GLY C 613 -14.83 9.63 21.87
C GLY C 613 -15.48 10.08 20.58
N ALA C 614 -15.92 9.15 19.74
CA ALA C 614 -16.61 9.53 18.50
C ALA C 614 -17.92 10.23 18.80
N THR C 615 -18.52 9.95 19.95
CA THR C 615 -19.74 10.65 20.35
C THR C 615 -19.51 12.15 20.45
N SER C 616 -18.33 12.56 20.93
CA SER C 616 -18.02 13.98 20.99
C SER C 616 -17.84 14.57 19.60
N ARG C 617 -17.30 13.79 18.67
CA ARG C 617 -16.88 14.26 17.36
C ARG C 617 -17.92 14.00 16.28
N PHE C 618 -19.17 13.76 16.68
CA PHE C 618 -20.21 13.41 15.72
C PHE C 618 -20.49 14.52 14.73
N THR C 619 -20.52 15.76 15.22
CA THR C 619 -20.72 16.90 14.33
C THR C 619 -19.60 16.99 13.30
N MET C 620 -18.36 16.82 13.72
CA MET C 620 -17.21 16.91 12.83
C MET C 620 -17.19 15.74 11.84
N ASN C 621 -17.62 14.56 12.29
CA ASN C 621 -17.50 13.36 11.48
C ASN C 621 -18.42 13.38 10.26
N PHE C 622 -19.50 14.16 10.29
CA PHE C 622 -20.28 14.31 9.07
C PHE C 622 -19.58 15.23 8.08
N LEU C 623 -18.94 16.29 8.59
CA LEU C 623 -18.15 17.15 7.71
C LEU C 623 -17.06 16.35 7.01
N ILE C 624 -16.39 15.46 7.74
CA ILE C 624 -15.39 14.60 7.13
C ILE C 624 -16.06 13.60 6.19
N LEU C 625 -16.99 12.79 6.72
CA LEU C 625 -17.62 11.70 5.99
C LEU C 625 -18.01 12.12 4.57
N TYR C 626 -18.59 13.32 4.43
CA TYR C 626 -18.92 13.83 3.10
C TYR C 626 -17.68 14.40 2.40
N SER C 627 -17.13 15.49 2.93
CA SER C 627 -15.95 16.21 2.43
C SER C 627 -15.15 15.58 1.30
N PHE C 628 -14.99 14.25 1.29
CA PHE C 628 -14.30 13.59 0.17
C PHE C 628 -15.03 13.83 -1.15
N ILE C 629 -16.34 14.05 -1.13
CA ILE C 629 -17.05 14.29 -2.39
C ILE C 629 -16.54 15.55 -3.09
N PRO C 630 -16.47 16.74 -2.48
CA PRO C 630 -15.87 17.86 -3.22
C PRO C 630 -14.40 17.66 -3.55
N ALA C 631 -13.71 16.79 -2.80
CA ALA C 631 -12.30 16.55 -3.09
C ALA C 631 -12.13 15.74 -4.36
N LEU C 632 -12.88 14.63 -4.49
CA LEU C 632 -12.76 13.77 -5.66
C LEU C 632 -13.22 14.47 -6.93
N VAL C 633 -14.36 15.19 -6.86
CA VAL C 633 -14.89 15.85 -8.05
C VAL C 633 -13.90 16.88 -8.56
N ILE C 634 -13.28 17.63 -7.67
CA ILE C 634 -12.20 18.53 -8.06
C ILE C 634 -11.02 17.74 -8.59
N LEU C 635 -10.66 16.65 -7.89
CA LEU C 635 -9.59 15.77 -8.37
C LEU C 635 -9.93 15.20 -9.74
N GLY C 636 -11.17 14.75 -9.93
CA GLY C 636 -11.56 14.21 -11.23
C GLY C 636 -11.34 15.18 -12.36
N ILE C 637 -11.67 16.46 -12.14
CA ILE C 637 -11.46 17.48 -13.17
C ILE C 637 -10.02 17.46 -13.63
N VAL C 638 -9.09 17.42 -12.67
CA VAL C 638 -7.68 17.41 -13.01
C VAL C 638 -7.26 16.10 -13.67
N VAL C 639 -7.89 14.99 -13.28
CA VAL C 639 -7.53 13.71 -13.88
C VAL C 639 -7.90 13.67 -15.36
N PHE C 640 -8.96 14.37 -15.75
CA PHE C 640 -9.39 14.39 -17.14
C PHE C 640 -8.69 15.46 -17.97
N LYS C 641 -8.03 16.43 -17.34
CA LYS C 641 -7.21 17.37 -18.10
C LYS C 641 -5.86 16.78 -18.50
N ILE C 642 -5.32 15.84 -17.72
CA ILE C 642 -4.19 15.05 -18.19
C ILE C 642 -4.64 14.06 -19.26
N ARG C 643 -5.84 13.49 -19.09
CA ARG C 643 -6.39 12.57 -20.08
C ARG C 643 -6.46 13.20 -21.45
N ASP C 644 -6.59 14.53 -21.52
CA ASP C 644 -6.61 15.23 -22.80
C ASP C 644 -5.34 14.98 -23.62
N HIS C 645 -4.26 14.53 -22.99
CA HIS C 645 -3.01 14.29 -23.69
C HIS C 645 -2.70 12.82 -23.86
N LEU C 646 -3.69 11.95 -23.62
CA LEU C 646 -3.49 10.51 -23.78
C LEU C 646 -4.52 9.92 -24.75
N PHE D 30 3.07 -8.47 -58.64
CA PHE D 30 2.46 -9.75 -58.97
C PHE D 30 2.89 -10.65 -57.83
N SER D 31 2.25 -11.80 -57.65
CA SER D 31 2.45 -12.57 -56.42
C SER D 31 3.73 -13.42 -56.41
N SER D 32 3.65 -14.63 -55.87
CA SER D 32 4.82 -15.44 -55.62
C SER D 32 4.69 -16.82 -56.25
N GLU D 33 5.80 -17.33 -56.76
CA GLU D 33 5.93 -18.71 -57.22
C GLU D 33 7.19 -19.28 -56.59
N SER D 34 7.10 -20.53 -56.15
CA SER D 34 8.17 -21.18 -55.41
C SER D 34 7.98 -22.69 -55.41
N ASP D 35 8.22 -23.33 -54.27
CA ASP D 35 7.94 -24.75 -54.15
C ASP D 35 6.46 -25.00 -54.40
N ASN D 36 6.15 -25.99 -55.23
CA ASN D 36 4.77 -26.42 -55.45
C ASN D 36 4.66 -27.94 -55.37
N SER D 37 5.49 -28.56 -54.51
CA SER D 37 5.42 -30.00 -54.30
C SER D 37 4.41 -30.35 -53.21
N LEU D 38 3.71 -31.46 -53.40
CA LEU D 38 2.78 -31.98 -52.42
C LEU D 38 3.52 -32.91 -51.46
N TYR D 39 3.23 -32.80 -50.17
CA TYR D 39 3.82 -33.66 -49.16
C TYR D 39 2.82 -34.50 -48.38
N PHE D 40 1.58 -34.04 -48.20
CA PHE D 40 0.56 -34.79 -47.47
C PHE D 40 -0.72 -34.80 -48.29
N THR D 41 -1.05 -35.96 -48.85
CA THR D 41 -2.23 -36.15 -49.68
C THR D 41 -3.19 -37.14 -49.05
N TYR D 42 -4.41 -37.17 -49.57
CA TYR D 42 -5.47 -38.04 -49.07
C TYR D 42 -5.41 -39.39 -49.79
N SER D 43 -5.10 -40.44 -49.03
CA SER D 43 -4.89 -41.77 -49.57
C SER D 43 -6.18 -42.57 -49.70
N GLY D 44 -7.35 -41.91 -49.62
CA GLY D 44 -8.63 -42.58 -49.58
C GLY D 44 -9.52 -42.20 -50.76
N GLN D 45 -10.70 -42.81 -50.76
CA GLN D 45 -11.62 -42.63 -51.86
C GLN D 45 -12.07 -41.17 -51.99
N PRO D 46 -12.32 -40.71 -53.22
CA PRO D 46 -12.81 -39.34 -53.43
C PRO D 46 -14.17 -39.08 -52.77
N ASN D 47 -14.16 -38.36 -51.64
CA ASN D 47 -15.41 -38.02 -50.97
C ASN D 47 -16.25 -37.06 -51.82
N THR D 48 -17.57 -37.29 -51.81
CA THR D 48 -18.53 -36.50 -52.56
C THR D 48 -19.37 -35.65 -51.63
N LEU D 49 -19.86 -34.52 -52.14
CA LEU D 49 -20.84 -33.72 -51.42
C LEU D 49 -21.81 -33.11 -52.42
N GLU D 50 -23.09 -33.43 -52.27
CA GLU D 50 -24.11 -32.83 -53.11
C GLU D 50 -25.32 -32.46 -52.26
N VAL D 51 -26.03 -31.41 -52.71
CA VAL D 51 -27.26 -30.95 -52.08
C VAL D 51 -28.34 -30.91 -53.14
N ARG D 52 -29.53 -31.39 -52.80
CA ARG D 52 -30.63 -31.52 -53.76
C ARG D 52 -31.77 -30.59 -53.33
N ASP D 53 -31.78 -29.37 -53.87
CA ASP D 53 -32.96 -28.51 -53.82
C ASP D 53 -33.23 -28.03 -52.40
N LEU D 54 -32.26 -27.36 -51.78
CA LEU D 54 -32.29 -27.11 -50.35
C LEU D 54 -33.27 -26.00 -49.97
N ASN D 55 -34.06 -26.24 -48.93
CA ASN D 55 -35.07 -25.31 -48.45
C ASN D 55 -34.86 -25.06 -46.96
N TYR D 56 -34.42 -23.84 -46.63
CA TYR D 56 -34.12 -23.42 -45.27
C TYR D 56 -34.64 -22.00 -45.08
N GLN D 57 -34.97 -21.64 -43.84
CA GLN D 57 -35.49 -20.29 -43.63
C GLN D 57 -34.96 -19.70 -42.33
N VAL D 58 -34.87 -18.37 -42.31
CA VAL D 58 -34.48 -17.60 -41.14
C VAL D 58 -35.70 -16.88 -40.56
N GLY D 89 -33.54 -17.93 -45.32
CA GLY D 89 -32.45 -18.84 -45.06
C GLY D 89 -31.84 -19.38 -46.34
N ILE D 90 -32.33 -20.53 -46.78
CA ILE D 90 -31.96 -21.11 -48.07
C ILE D 90 -33.23 -21.41 -48.83
N GLN D 91 -33.32 -20.90 -50.06
CA GLN D 91 -34.58 -21.01 -50.77
C GLN D 91 -34.60 -22.25 -51.65
N ASN D 92 -33.52 -22.48 -52.39
CA ASN D 92 -33.40 -23.63 -53.26
C ASN D 92 -31.96 -23.75 -53.75
N LEU D 93 -31.21 -24.72 -53.25
CA LEU D 93 -29.81 -24.87 -53.64
C LEU D 93 -29.55 -26.28 -54.16
N SER D 94 -28.68 -26.36 -55.16
CA SER D 94 -28.32 -27.64 -55.76
C SER D 94 -26.95 -27.54 -56.40
N PHE D 95 -26.08 -28.51 -56.12
CA PHE D 95 -24.74 -28.60 -56.68
C PHE D 95 -24.14 -29.92 -56.23
N LYS D 96 -23.10 -30.36 -56.94
CA LYS D 96 -22.38 -31.55 -56.54
C LYS D 96 -20.89 -31.31 -56.73
N VAL D 97 -20.13 -31.45 -55.65
CA VAL D 97 -18.68 -31.30 -55.67
C VAL D 97 -18.05 -32.60 -55.19
N ARG D 98 -16.81 -32.83 -55.62
CA ARG D 98 -16.10 -34.07 -55.37
C ARG D 98 -14.67 -33.75 -54.99
N SER D 99 -13.99 -34.73 -54.39
CA SER D 99 -12.60 -34.51 -54.01
C SER D 99 -11.76 -34.20 -55.24
N GLY D 100 -10.83 -33.27 -55.07
CA GLY D 100 -10.11 -32.67 -56.16
C GLY D 100 -10.67 -31.33 -56.59
N GLN D 101 -11.93 -31.05 -56.28
CA GLN D 101 -12.57 -29.79 -56.59
C GLN D 101 -12.36 -28.79 -55.46
N MET D 102 -12.49 -27.51 -55.79
CA MET D 102 -12.59 -26.45 -54.79
C MET D 102 -13.71 -25.51 -55.17
N LEU D 103 -14.78 -25.52 -54.39
CA LEU D 103 -15.94 -24.65 -54.61
C LEU D 103 -15.81 -23.45 -53.68
N ALA D 104 -15.72 -22.27 -54.27
CA ALA D 104 -15.63 -21.02 -53.52
C ALA D 104 -16.95 -20.27 -53.58
N ILE D 105 -17.37 -19.77 -52.43
CA ILE D 105 -18.59 -18.98 -52.31
C ILE D 105 -18.20 -17.52 -52.31
N ILE D 106 -18.97 -16.69 -53.01
CA ILE D 106 -18.72 -15.25 -52.96
C ILE D 106 -19.92 -14.52 -52.34
N GLY D 107 -21.11 -14.71 -52.92
CA GLY D 107 -22.36 -14.26 -52.35
C GLY D 107 -22.51 -12.79 -52.02
N SER D 108 -23.68 -12.41 -51.49
CA SER D 108 -24.03 -11.04 -51.18
C SER D 108 -23.90 -10.76 -49.68
N SER D 109 -24.10 -9.49 -49.33
CA SER D 109 -24.00 -9.00 -47.97
C SER D 109 -25.05 -9.54 -47.01
N GLY D 110 -24.61 -10.41 -46.10
CA GLY D 110 -25.44 -10.85 -44.97
C GLY D 110 -26.80 -11.42 -45.29
N CYS D 111 -26.88 -12.28 -46.29
CA CYS D 111 -28.11 -13.01 -46.59
C CYS D 111 -27.74 -14.49 -46.43
N GLY D 112 -27.63 -14.95 -45.19
CA GLY D 112 -26.98 -16.24 -44.95
C GLY D 112 -25.56 -16.23 -45.47
N ARG D 113 -24.87 -15.11 -45.30
CA ARG D 113 -23.46 -14.87 -45.65
C ARG D 113 -22.48 -16.00 -45.33
N ALA D 114 -21.64 -15.82 -44.29
CA ALA D 114 -20.75 -16.85 -43.76
C ALA D 114 -21.48 -17.97 -43.04
N SER D 115 -22.81 -17.92 -42.95
CA SER D 115 -23.59 -19.01 -42.36
C SER D 115 -23.92 -20.11 -43.36
N LEU D 116 -23.43 -20.02 -44.58
CA LEU D 116 -23.74 -21.02 -45.60
C LEU D 116 -23.04 -22.34 -45.28
N LEU D 117 -21.80 -22.28 -44.80
CA LEU D 117 -21.04 -23.43 -44.33
C LEU D 117 -21.55 -23.96 -43.00
N ASP D 118 -22.41 -23.24 -42.30
CA ASP D 118 -23.07 -23.74 -41.10
C ASP D 118 -24.44 -24.35 -41.37
N VAL D 119 -25.12 -23.91 -42.44
CA VAL D 119 -26.39 -24.54 -42.81
C VAL D 119 -26.16 -25.93 -43.40
N ILE D 120 -25.08 -26.09 -44.17
CA ILE D 120 -24.82 -27.37 -44.83
C ILE D 120 -24.36 -28.42 -43.83
N THR D 121 -23.50 -28.04 -42.88
CA THR D 121 -23.05 -28.96 -41.85
C THR D 121 -24.15 -29.40 -40.90
N GLY D 122 -25.34 -28.80 -40.98
CA GLY D 122 -26.41 -29.14 -40.07
C GLY D 122 -26.24 -28.60 -38.68
N ARG D 123 -25.21 -27.79 -38.44
CA ARG D 123 -24.94 -27.25 -37.12
C ARG D 123 -24.99 -25.73 -37.16
N GLY D 124 -26.08 -25.21 -37.71
CA GLY D 124 -26.36 -23.79 -37.71
C GLY D 124 -27.36 -23.42 -36.63
N HIS D 125 -27.79 -22.16 -36.68
CA HIS D 125 -28.71 -21.63 -35.69
C HIS D 125 -29.66 -20.64 -36.35
N GLY D 126 -30.82 -20.46 -35.73
CA GLY D 126 -31.82 -19.54 -36.24
C GLY D 126 -32.80 -20.07 -37.28
N GLY D 127 -32.96 -21.38 -37.40
CA GLY D 127 -33.94 -21.91 -38.34
C GLY D 127 -33.78 -23.40 -38.52
N LYS D 128 -34.64 -23.94 -39.40
CA LYS D 128 -34.59 -25.34 -39.79
C LYS D 128 -34.71 -25.48 -41.30
N ILE D 129 -33.95 -26.43 -41.85
CA ILE D 129 -34.13 -26.83 -43.23
C ILE D 129 -35.48 -27.52 -43.38
N LYS D 130 -36.30 -27.03 -44.29
CA LYS D 130 -37.64 -27.55 -44.43
C LYS D 130 -37.75 -28.58 -45.55
N SER D 131 -36.82 -28.54 -46.50
CA SER D 131 -36.65 -29.60 -47.49
C SER D 131 -35.23 -29.55 -48.03
N GLY D 132 -34.95 -30.39 -49.01
CA GLY D 132 -33.67 -30.47 -49.67
C GLY D 132 -32.81 -31.57 -49.07
N GLN D 133 -31.99 -32.18 -49.93
CA GLN D 133 -31.21 -33.35 -49.56
C GLN D 133 -29.74 -32.99 -49.55
N ILE D 134 -28.99 -33.60 -48.62
CA ILE D 134 -27.55 -33.44 -48.52
C ILE D 134 -26.94 -34.83 -48.43
N TRP D 135 -26.10 -35.18 -49.40
CA TRP D 135 -25.47 -36.50 -49.48
C TRP D 135 -23.98 -36.38 -49.24
N ILE D 136 -23.44 -37.25 -48.39
CA ILE D 136 -22.03 -37.28 -48.01
C ILE D 136 -21.51 -38.69 -48.20
N ASN D 137 -20.58 -38.88 -49.14
CA ASN D 137 -20.01 -40.18 -49.49
C ASN D 137 -21.05 -41.13 -50.10
N GLY D 138 -21.98 -40.58 -50.88
CA GLY D 138 -23.06 -41.35 -51.43
C GLY D 138 -24.12 -41.74 -50.42
N GLN D 139 -24.00 -41.26 -49.18
CA GLN D 139 -24.85 -41.54 -48.04
C GLN D 139 -25.53 -40.26 -47.56
N PRO D 140 -26.76 -40.34 -47.06
CA PRO D 140 -27.45 -39.13 -46.62
C PRO D 140 -26.72 -38.49 -45.43
N SER D 141 -26.84 -37.17 -45.34
CA SER D 141 -26.07 -36.42 -44.36
C SER D 141 -26.48 -36.81 -42.94
N SER D 142 -25.49 -36.85 -42.04
CA SER D 142 -25.71 -37.17 -40.64
C SER D 142 -24.52 -36.66 -39.86
N PRO D 143 -24.71 -36.19 -38.62
CA PRO D 143 -23.55 -35.75 -37.82
C PRO D 143 -22.48 -36.82 -37.68
N GLN D 144 -22.84 -38.09 -37.76
CA GLN D 144 -21.85 -39.17 -37.78
C GLN D 144 -20.94 -39.05 -39.00
N LEU D 145 -21.54 -39.05 -40.20
CA LEU D 145 -20.77 -38.88 -41.42
C LEU D 145 -20.10 -37.51 -41.51
N VAL D 146 -20.56 -36.53 -40.74
CA VAL D 146 -19.89 -35.23 -40.73
C VAL D 146 -18.66 -35.27 -39.82
N ARG D 147 -18.72 -36.02 -38.73
CA ARG D 147 -17.54 -36.18 -37.88
C ARG D 147 -16.50 -37.08 -38.52
N LYS D 148 -16.93 -38.03 -39.36
CA LYS D 148 -16.02 -39.00 -39.94
C LYS D 148 -15.35 -38.50 -41.22
N CYS D 149 -15.91 -37.47 -41.84
CA CYS D 149 -15.40 -36.99 -43.12
C CYS D 149 -14.95 -35.54 -43.12
N VAL D 150 -15.65 -34.66 -42.40
CA VAL D 150 -15.55 -33.21 -42.61
C VAL D 150 -14.77 -32.57 -41.47
N ALA D 151 -13.62 -31.98 -41.81
CA ALA D 151 -12.80 -31.21 -40.88
C ALA D 151 -13.06 -29.72 -41.10
N HIS D 152 -13.67 -29.07 -40.11
CA HIS D 152 -14.06 -27.67 -40.24
C HIS D 152 -13.01 -26.73 -39.66
N VAL D 153 -12.63 -25.72 -40.44
CA VAL D 153 -11.68 -24.69 -40.01
C VAL D 153 -12.48 -23.42 -39.75
N ARG D 154 -12.64 -23.08 -38.48
CA ARG D 154 -13.45 -21.92 -38.10
C ARG D 154 -12.73 -20.62 -38.44
N GLN D 155 -13.52 -19.64 -38.89
CA GLN D 155 -12.97 -18.33 -39.26
C GLN D 155 -12.06 -17.80 -38.17
N HIS D 156 -12.58 -17.72 -36.94
CA HIS D 156 -11.80 -17.30 -35.79
C HIS D 156 -11.79 -18.46 -34.81
N ASN D 157 -10.73 -19.25 -34.81
CA ASN D 157 -10.57 -20.25 -33.76
C ASN D 157 -9.31 -19.87 -33.01
N GLN D 158 -9.24 -20.29 -31.75
CA GLN D 158 -8.11 -19.97 -30.91
C GLN D 158 -7.32 -21.22 -30.59
N LEU D 159 -6.04 -21.00 -30.36
CA LEU D 159 -5.10 -22.01 -29.93
C LEU D 159 -4.60 -21.63 -28.55
N LEU D 160 -4.02 -22.59 -27.84
CA LEU D 160 -3.46 -22.27 -26.52
C LEU D 160 -2.24 -21.37 -26.72
N PRO D 161 -2.15 -20.26 -25.97
CA PRO D 161 -1.17 -19.23 -26.34
C PRO D 161 0.28 -19.64 -26.16
N ASN D 162 0.58 -20.55 -25.24
CA ASN D 162 1.99 -20.81 -24.93
C ASN D 162 2.45 -22.23 -25.31
N LEU D 163 2.18 -22.64 -26.54
CA LEU D 163 2.72 -23.86 -27.11
C LEU D 163 3.33 -23.53 -28.47
N THR D 164 4.06 -24.47 -29.04
CA THR D 164 4.58 -24.30 -30.39
C THR D 164 3.66 -25.00 -31.39
N VAL D 165 3.94 -24.78 -32.67
CA VAL D 165 3.13 -25.43 -33.71
C VAL D 165 3.32 -26.93 -33.65
N ARG D 166 4.56 -27.38 -33.49
CA ARG D 166 4.85 -28.79 -33.30
C ARG D 166 4.05 -29.35 -32.12
N GLU D 167 4.07 -28.64 -31.01
CA GLU D 167 3.47 -29.14 -29.78
C GLU D 167 1.94 -29.18 -29.89
N THR D 168 1.32 -28.07 -30.30
CA THR D 168 -0.13 -28.04 -30.42
C THR D 168 -0.64 -29.10 -31.38
N LEU D 169 0.06 -29.30 -32.51
CA LEU D 169 -0.33 -30.36 -33.42
C LEU D 169 -0.10 -31.74 -32.81
N ALA D 170 0.94 -31.88 -31.99
CA ALA D 170 1.23 -33.19 -31.41
C ALA D 170 0.16 -33.60 -30.42
N PHE D 171 -0.31 -32.65 -29.59
CA PHE D 171 -1.38 -32.96 -28.66
C PHE D 171 -2.69 -33.26 -29.38
N ILE D 172 -2.93 -32.65 -30.53
CA ILE D 172 -4.11 -32.99 -31.32
C ILE D 172 -3.96 -34.40 -31.91
N ALA D 173 -2.75 -34.73 -32.39
CA ALA D 173 -2.53 -36.03 -33.03
C ALA D 173 -2.64 -37.20 -32.06
N GLN D 174 -2.30 -36.99 -30.78
CA GLN D 174 -2.43 -38.04 -29.78
C GLN D 174 -3.85 -38.21 -29.28
N MET D 175 -4.79 -37.39 -29.77
CA MET D 175 -6.19 -37.52 -29.43
C MET D 175 -7.09 -37.69 -30.65
N ARG D 176 -6.51 -37.70 -31.86
CA ARG D 176 -7.26 -37.89 -33.09
C ARG D 176 -6.90 -39.16 -33.85
N LEU D 177 -5.62 -39.67 -33.72
CA LEU D 177 -5.16 -40.88 -34.40
C LEU D 177 -5.40 -42.11 -33.55
N PRO D 178 -5.59 -43.27 -34.19
CA PRO D 178 -5.88 -44.51 -33.45
C PRO D 178 -4.79 -44.86 -32.46
N ARG D 179 -5.20 -45.56 -31.38
CA ARG D 179 -4.25 -46.03 -30.38
C ARG D 179 -3.23 -46.99 -30.97
N THR D 180 -3.60 -47.72 -32.03
CA THR D 180 -2.71 -48.70 -32.64
C THR D 180 -1.50 -48.07 -33.32
N PHE D 181 -1.46 -46.74 -33.41
CA PHE D 181 -0.31 -46.05 -33.97
C PHE D 181 0.81 -46.02 -32.95
N SER D 182 2.02 -46.38 -33.38
CA SER D 182 3.18 -46.10 -32.57
C SER D 182 3.41 -44.59 -32.54
N GLN D 183 4.23 -44.15 -31.59
CA GLN D 183 4.56 -42.72 -31.54
C GLN D 183 5.25 -42.27 -32.82
N ALA D 184 5.99 -43.17 -33.48
CA ALA D 184 6.62 -42.83 -34.75
C ALA D 184 5.57 -42.58 -35.82
N GLN D 185 4.53 -43.41 -35.89
CA GLN D 185 3.46 -43.19 -36.86
C GLN D 185 2.77 -41.86 -36.63
N ARG D 186 2.52 -41.50 -35.37
CA ARG D 186 1.90 -40.21 -35.08
C ARG D 186 2.86 -39.07 -35.37
N ASP D 187 4.17 -39.28 -35.17
CA ASP D 187 5.14 -38.26 -35.55
C ASP D 187 5.26 -38.14 -37.05
N LYS D 188 5.08 -39.24 -37.79
CA LYS D 188 5.02 -39.14 -39.25
C LYS D 188 3.86 -38.24 -39.66
N ARG D 189 2.73 -38.35 -38.98
CA ARG D 189 1.56 -37.56 -39.33
C ARG D 189 1.77 -36.09 -38.98
N VAL D 190 2.49 -35.82 -37.88
CA VAL D 190 2.77 -34.43 -37.50
C VAL D 190 3.70 -33.78 -38.51
N GLU D 191 4.81 -34.44 -38.84
CA GLU D 191 5.79 -33.85 -39.75
C GLU D 191 5.22 -33.66 -41.15
N ASP D 192 4.43 -34.64 -41.63
CA ASP D 192 3.86 -34.54 -42.98
C ASP D 192 2.94 -33.33 -43.09
N VAL D 193 2.20 -33.01 -42.03
CA VAL D 193 1.33 -31.84 -42.05
C VAL D 193 2.15 -30.56 -42.05
N ILE D 194 3.18 -30.48 -41.19
CA ILE D 194 4.01 -29.29 -41.11
C ILE D 194 4.56 -28.92 -42.48
N ALA D 195 5.21 -29.88 -43.16
CA ALA D 195 5.87 -29.59 -44.42
C ALA D 195 4.88 -29.22 -45.52
N GLU D 196 3.65 -29.75 -45.45
CA GLU D 196 2.65 -29.42 -46.45
C GLU D 196 2.14 -27.98 -46.30
N LEU D 197 2.03 -27.50 -45.06
CA LEU D 197 1.58 -26.14 -44.81
C LEU D 197 2.74 -25.14 -44.78
N ARG D 198 3.91 -25.54 -45.27
CA ARG D 198 5.09 -24.67 -45.36
C ARG D 198 5.44 -24.05 -44.00
N LEU D 199 5.43 -24.90 -42.97
CA LEU D 199 5.87 -24.53 -41.63
C LEU D 199 7.16 -25.21 -41.22
N ARG D 200 7.87 -25.86 -42.15
CA ARG D 200 9.22 -26.34 -41.83
C ARG D 200 10.08 -25.20 -41.34
N GLN D 201 9.95 -24.03 -41.96
CA GLN D 201 10.44 -22.79 -41.38
C GLN D 201 9.55 -22.44 -40.19
N CYS D 202 10.17 -22.08 -39.07
CA CYS D 202 9.47 -21.45 -37.95
C CYS D 202 8.55 -22.43 -37.22
N ALA D 203 8.79 -23.74 -37.35
CA ALA D 203 7.94 -24.72 -36.66
C ALA D 203 8.11 -24.67 -35.16
N ASP D 204 9.25 -24.19 -34.66
CA ASP D 204 9.60 -24.25 -33.24
C ASP D 204 9.30 -22.95 -32.52
N THR D 205 8.43 -22.11 -33.06
CA THR D 205 8.07 -20.86 -32.41
C THR D 205 6.77 -21.05 -31.65
N ARG D 206 6.59 -20.22 -30.62
CA ARG D 206 5.38 -20.29 -29.81
C ARG D 206 4.21 -19.72 -30.60
N VAL D 207 3.03 -20.31 -30.39
CA VAL D 207 1.86 -19.98 -31.19
C VAL D 207 1.07 -18.88 -30.49
N GLY D 208 1.79 -17.99 -29.82
CA GLY D 208 1.15 -16.92 -29.09
C GLY D 208 0.24 -16.03 -29.92
N ASN D 209 -0.99 -15.89 -29.46
CA ASN D 209 -1.97 -14.97 -30.03
C ASN D 209 -2.18 -13.75 -29.14
N MET D 210 -2.54 -13.94 -27.88
CA MET D 210 -2.52 -12.88 -26.89
C MET D 210 -1.09 -12.56 -26.46
N TYR D 211 -0.17 -13.50 -26.65
CA TYR D 211 1.30 -13.47 -26.50
C TYR D 211 1.98 -12.63 -27.61
N VAL D 212 1.13 -11.93 -28.37
CA VAL D 212 1.51 -10.98 -29.43
C VAL D 212 2.74 -11.43 -30.21
N ARG D 213 3.94 -11.22 -29.65
CA ARG D 213 5.15 -11.63 -30.35
C ARG D 213 5.17 -13.14 -30.54
N GLY D 214 5.37 -13.58 -31.77
CA GLY D 214 5.26 -14.99 -32.07
C GLY D 214 4.94 -15.23 -33.52
N LEU D 215 4.01 -16.14 -33.78
CA LEU D 215 3.64 -16.48 -35.14
C LEU D 215 2.77 -15.41 -35.75
N SER D 216 2.85 -15.29 -37.07
CA SER D 216 2.09 -14.28 -37.81
C SER D 216 0.68 -14.78 -38.08
N GLY D 217 -0.19 -13.87 -38.52
CA GLY D 217 -1.58 -14.21 -38.72
C GLY D 217 -1.78 -15.30 -39.76
N GLY D 218 -0.95 -15.32 -40.80
CA GLY D 218 -1.04 -16.37 -41.79
C GLY D 218 -0.70 -17.74 -41.24
N GLU D 219 0.26 -17.79 -40.32
CA GLU D 219 0.59 -19.08 -39.72
C GLU D 219 -0.46 -19.52 -38.72
N ARG D 220 -1.09 -18.56 -38.03
CA ARG D 220 -2.27 -18.87 -37.22
C ARG D 220 -3.33 -19.56 -38.07
N ARG D 221 -3.63 -18.98 -39.24
CA ARG D 221 -4.60 -19.60 -40.14
C ARG D 221 -4.14 -20.98 -40.57
N ARG D 222 -2.88 -21.10 -40.98
CA ARG D 222 -2.35 -22.40 -41.39
C ARG D 222 -2.42 -23.41 -40.26
N VAL D 223 -2.10 -23.00 -39.04
CA VAL D 223 -2.17 -23.93 -37.93
C VAL D 223 -3.62 -24.21 -37.51
N SER D 224 -4.51 -23.22 -37.66
CA SER D 224 -5.92 -23.48 -37.37
C SER D 224 -6.47 -24.51 -38.34
N ILE D 225 -5.94 -24.55 -39.56
CA ILE D 225 -6.27 -25.60 -40.52
C ILE D 225 -5.54 -26.89 -40.15
N GLY D 226 -4.28 -26.77 -39.72
CA GLY D 226 -3.47 -27.94 -39.46
C GLY D 226 -4.03 -28.86 -38.39
N VAL D 227 -4.65 -28.28 -37.36
CA VAL D 227 -5.26 -29.07 -36.30
C VAL D 227 -6.41 -29.92 -36.82
N GLN D 228 -6.80 -29.72 -38.08
CA GLN D 228 -7.76 -30.58 -38.75
C GLN D 228 -7.15 -31.57 -39.73
N LEU D 229 -6.04 -31.22 -40.39
CA LEU D 229 -5.41 -32.12 -41.35
C LEU D 229 -4.74 -33.32 -40.70
N LEU D 230 -4.58 -33.34 -39.37
CA LEU D 230 -3.86 -34.44 -38.73
C LEU D 230 -4.56 -35.78 -38.89
N TRP D 231 -5.89 -35.79 -38.97
CA TRP D 231 -6.60 -37.05 -39.13
C TRP D 231 -6.98 -37.31 -40.59
N ASN D 232 -6.15 -36.83 -41.52
CA ASN D 232 -6.27 -37.02 -42.96
C ASN D 232 -7.72 -36.91 -43.42
N PRO D 233 -8.31 -35.72 -43.37
CA PRO D 233 -9.71 -35.58 -43.76
C PRO D 233 -9.86 -35.63 -45.26
N GLY D 234 -11.07 -36.01 -45.69
CA GLY D 234 -11.39 -36.03 -47.10
C GLY D 234 -12.09 -34.78 -47.58
N ILE D 235 -12.88 -34.17 -46.69
CA ILE D 235 -13.63 -32.96 -46.97
C ILE D 235 -13.20 -31.90 -45.96
N LEU D 236 -12.60 -30.83 -46.46
CA LEU D 236 -12.01 -29.79 -45.62
C LEU D 236 -12.73 -28.48 -45.89
N ILE D 237 -13.45 -27.99 -44.89
CA ILE D 237 -14.29 -26.81 -45.01
C ILE D 237 -13.67 -25.64 -44.27
N LEU D 238 -13.50 -24.52 -44.97
CA LEU D 238 -12.95 -23.29 -44.40
C LEU D 238 -13.97 -22.18 -44.56
N ASP D 239 -14.22 -21.45 -43.47
CA ASP D 239 -15.21 -20.39 -43.43
C ASP D 239 -14.47 -19.07 -43.29
N GLU D 240 -14.54 -18.24 -44.32
CA GLU D 240 -13.82 -16.97 -44.36
C GLU D 240 -12.34 -17.17 -44.03
N PRO D 241 -11.62 -18.02 -44.79
CA PRO D 241 -10.22 -18.29 -44.44
C PRO D 241 -9.32 -17.08 -44.59
N THR D 242 -9.60 -16.19 -45.54
CA THR D 242 -8.79 -14.99 -45.73
C THR D 242 -9.41 -13.78 -45.03
N SER D 243 -9.83 -13.97 -43.78
CA SER D 243 -10.36 -12.90 -42.97
C SER D 243 -9.23 -12.34 -42.10
N GLY D 244 -9.04 -11.02 -42.18
CA GLY D 244 -7.95 -10.37 -41.50
C GLY D 244 -6.57 -10.59 -42.08
N LEU D 245 -6.42 -11.52 -43.04
CA LEU D 245 -5.11 -11.83 -43.56
C LEU D 245 -4.70 -10.82 -44.63
N ASP D 246 -3.38 -10.66 -44.79
CA ASP D 246 -2.82 -9.69 -45.73
C ASP D 246 -3.10 -10.10 -47.17
N SER D 247 -3.01 -9.11 -48.08
CA SER D 247 -3.24 -9.35 -49.49
C SER D 247 -2.27 -10.38 -50.07
N PHE D 248 -0.97 -10.20 -49.83
CA PHE D 248 0.00 -11.20 -50.27
C PHE D 248 -0.19 -12.52 -49.52
N THR D 249 -0.54 -12.44 -48.24
CA THR D 249 -0.82 -13.64 -47.47
C THR D 249 -2.05 -14.35 -48.02
N ALA D 250 -3.09 -13.58 -48.37
CA ALA D 250 -4.31 -14.16 -48.95
C ALA D 250 -4.00 -14.93 -50.22
N HIS D 251 -3.01 -14.48 -50.99
CA HIS D 251 -2.67 -15.17 -52.24
C HIS D 251 -1.99 -16.49 -51.95
N ASN D 252 -1.02 -16.49 -51.04
CA ASN D 252 -0.29 -17.71 -50.70
C ASN D 252 -1.12 -18.69 -49.89
N LEU D 253 -2.20 -18.23 -49.24
CA LEU D 253 -3.05 -19.17 -48.52
C LEU D 253 -4.02 -19.89 -49.45
N VAL D 254 -4.59 -19.19 -50.44
CA VAL D 254 -5.52 -19.86 -51.34
C VAL D 254 -4.80 -20.91 -52.18
N LYS D 255 -3.60 -20.61 -52.67
CA LYS D 255 -2.83 -21.62 -53.40
C LYS D 255 -2.47 -22.78 -52.47
N THR D 256 -2.06 -22.49 -51.24
CA THR D 256 -1.84 -23.55 -50.26
C THR D 256 -3.13 -24.36 -50.04
N LEU D 257 -4.29 -23.74 -50.24
CA LEU D 257 -5.55 -24.46 -50.23
C LEU D 257 -5.83 -25.15 -51.56
N SER D 258 -5.33 -24.61 -52.67
CA SER D 258 -5.43 -25.31 -53.95
C SER D 258 -4.70 -26.64 -53.91
N ARG D 259 -3.57 -26.69 -53.19
CA ARG D 259 -2.79 -27.92 -53.10
C ARG D 259 -3.51 -29.02 -52.34
N LEU D 260 -4.41 -28.66 -51.41
CA LEU D 260 -5.11 -29.67 -50.62
C LEU D 260 -6.12 -30.44 -51.45
N ALA D 261 -6.84 -29.75 -52.33
CA ALA D 261 -7.74 -30.45 -53.25
C ALA D 261 -6.93 -31.26 -54.27
N LYS D 262 -5.77 -30.73 -54.69
CA LYS D 262 -4.86 -31.49 -55.55
C LYS D 262 -4.46 -32.81 -54.90
N GLY D 263 -4.47 -32.88 -53.57
CA GLY D 263 -4.22 -34.12 -52.86
C GLY D 263 -5.47 -34.95 -52.61
N ASN D 264 -6.41 -34.90 -53.56
CA ASN D 264 -7.62 -35.74 -53.51
C ASN D 264 -8.49 -35.40 -52.30
N ARG D 265 -8.67 -34.09 -52.05
CA ARG D 265 -9.54 -33.61 -50.99
C ARG D 265 -10.63 -32.73 -51.59
N LEU D 266 -11.68 -32.51 -50.80
CA LEU D 266 -12.85 -31.73 -51.23
C LEU D 266 -12.90 -30.46 -50.38
N VAL D 267 -12.39 -29.36 -50.92
CA VAL D 267 -12.15 -28.15 -50.16
C VAL D 267 -13.23 -27.13 -50.49
N LEU D 268 -13.93 -26.66 -49.46
CA LEU D 268 -15.00 -25.67 -49.61
C LEU D 268 -14.64 -24.40 -48.86
N ILE D 269 -14.92 -23.25 -49.47
CA ILE D 269 -14.55 -21.95 -48.93
C ILE D 269 -15.72 -20.99 -49.05
N SER D 270 -16.20 -20.48 -47.93
CA SER D 270 -17.08 -19.32 -47.92
C SER D 270 -16.21 -18.07 -47.94
N LEU D 271 -16.51 -17.17 -48.87
CA LEU D 271 -15.64 -16.01 -49.03
C LEU D 271 -16.50 -14.82 -49.40
N HIS D 272 -16.49 -13.80 -48.55
CA HIS D 272 -17.31 -12.61 -48.76
C HIS D 272 -16.48 -11.60 -49.53
N GLN D 273 -17.08 -11.04 -50.60
CA GLN D 273 -16.45 -10.12 -51.53
C GLN D 273 -14.98 -10.47 -51.79
N PRO D 274 -14.70 -11.43 -52.66
CA PRO D 274 -13.30 -11.77 -52.96
C PRO D 274 -12.63 -10.68 -53.77
N ARG D 275 -11.31 -10.59 -53.62
CA ARG D 275 -10.51 -9.66 -54.40
C ARG D 275 -10.35 -10.15 -55.84
N SER D 276 -9.76 -9.30 -56.67
CA SER D 276 -9.69 -9.59 -58.11
C SER D 276 -8.75 -10.75 -58.39
N ASP D 277 -7.56 -10.76 -57.77
CA ASP D 277 -6.65 -11.88 -57.96
C ASP D 277 -7.24 -13.17 -57.42
N ILE D 278 -8.03 -13.10 -56.35
CA ILE D 278 -8.57 -14.29 -55.73
C ILE D 278 -9.66 -14.91 -56.61
N PHE D 279 -10.37 -14.09 -57.38
CA PHE D 279 -11.30 -14.67 -58.35
C PHE D 279 -10.55 -15.44 -59.43
N ARG D 280 -9.31 -15.05 -59.72
CA ARG D 280 -8.50 -15.75 -60.71
C ARG D 280 -8.02 -17.10 -60.25
N LEU D 281 -8.17 -17.43 -58.97
CA LEU D 281 -7.74 -18.72 -58.44
C LEU D 281 -8.91 -19.62 -58.06
N PHE D 282 -10.14 -19.24 -58.39
CA PHE D 282 -11.29 -20.08 -58.08
C PHE D 282 -11.46 -21.15 -59.15
N ASP D 283 -11.85 -22.35 -58.71
CA ASP D 283 -12.17 -23.45 -59.61
C ASP D 283 -13.66 -23.41 -59.93
N LEU D 284 -14.47 -24.06 -59.10
CA LEU D 284 -15.89 -23.78 -59.09
C LEU D 284 -16.14 -22.55 -58.23
N VAL D 285 -17.22 -21.85 -58.55
CA VAL D 285 -17.59 -20.64 -57.82
C VAL D 285 -19.11 -20.54 -57.81
N LEU D 286 -19.66 -20.25 -56.64
CA LEU D 286 -21.09 -20.12 -56.45
C LEU D 286 -21.42 -18.69 -56.07
N LEU D 287 -22.21 -18.02 -56.91
CA LEU D 287 -22.62 -16.64 -56.72
C LEU D 287 -24.01 -16.60 -56.10
N MET D 288 -24.15 -15.85 -55.00
CA MET D 288 -25.38 -15.84 -54.24
C MET D 288 -25.91 -14.42 -54.07
N THR D 289 -27.16 -14.32 -53.61
CA THR D 289 -27.72 -13.03 -53.20
C THR D 289 -28.62 -13.15 -51.96
N SER D 290 -29.25 -14.31 -51.77
CA SER D 290 -30.09 -14.55 -50.61
C SER D 290 -30.08 -16.03 -50.23
N GLY D 291 -31.25 -16.62 -50.04
CA GLY D 291 -31.36 -18.06 -49.96
C GLY D 291 -31.35 -18.71 -51.33
N THR D 292 -31.24 -17.88 -52.36
CA THR D 292 -31.33 -18.21 -53.78
C THR D 292 -29.98 -18.08 -54.45
N PRO D 293 -29.56 -19.07 -55.22
CA PRO D 293 -28.29 -18.97 -55.95
C PRO D 293 -28.45 -18.23 -57.27
N ILE D 294 -27.37 -17.58 -57.69
CA ILE D 294 -27.38 -16.76 -58.90
C ILE D 294 -26.74 -17.49 -60.07
N TYR D 295 -25.59 -18.13 -59.83
CA TYR D 295 -24.83 -18.79 -60.88
C TYR D 295 -23.96 -19.86 -60.25
N LEU D 296 -23.83 -20.99 -60.94
CA LEU D 296 -22.98 -22.09 -60.47
C LEU D 296 -22.23 -22.70 -61.62
N GLY D 297 -20.93 -22.82 -61.49
CA GLY D 297 -20.13 -23.47 -62.51
C GLY D 297 -18.66 -23.14 -62.37
N ALA D 298 -17.91 -23.49 -63.42
CA ALA D 298 -16.50 -23.16 -63.46
C ALA D 298 -16.31 -21.65 -63.39
N ALA D 299 -15.32 -21.22 -62.60
CA ALA D 299 -15.14 -19.79 -62.34
C ALA D 299 -14.76 -19.04 -63.61
N GLN D 300 -13.89 -19.62 -64.42
CA GLN D 300 -13.35 -18.94 -65.60
C GLN D 300 -14.38 -18.76 -66.70
N HIS D 301 -15.63 -19.18 -66.49
CA HIS D 301 -16.68 -19.01 -67.47
C HIS D 301 -17.84 -18.18 -66.99
N MET D 302 -17.81 -17.69 -65.74
CA MET D 302 -18.89 -16.83 -65.25
C MET D 302 -19.06 -15.60 -66.13
N VAL D 303 -17.98 -15.13 -66.75
CA VAL D 303 -18.09 -14.00 -67.66
C VAL D 303 -18.85 -14.40 -68.92
N GLN D 304 -18.64 -15.62 -69.41
CA GLN D 304 -19.33 -16.10 -70.59
C GLN D 304 -20.81 -16.30 -70.32
N TYR D 305 -21.12 -16.96 -69.20
CA TYR D 305 -22.49 -17.29 -68.85
C TYR D 305 -23.39 -16.06 -68.78
N PHE D 306 -22.88 -14.95 -68.22
CA PHE D 306 -23.73 -13.78 -68.03
C PHE D 306 -23.79 -12.86 -69.24
N THR D 307 -22.72 -12.79 -70.04
CA THR D 307 -22.78 -12.00 -71.27
C THR D 307 -23.76 -12.58 -72.28
N ALA D 308 -23.89 -13.90 -72.30
CA ALA D 308 -24.72 -14.56 -73.30
C ALA D 308 -26.21 -14.48 -72.98
N ILE D 309 -26.57 -14.08 -71.76
CA ILE D 309 -27.97 -13.94 -71.37
C ILE D 309 -28.38 -12.48 -71.25
N GLY D 310 -27.52 -11.56 -71.68
CA GLY D 310 -27.91 -10.17 -71.78
C GLY D 310 -27.58 -9.31 -70.58
N TYR D 311 -26.50 -9.62 -69.85
CA TYR D 311 -25.95 -8.74 -68.81
C TYR D 311 -24.43 -8.74 -68.91
N PRO D 312 -23.87 -8.16 -69.97
CA PRO D 312 -22.43 -8.28 -70.20
C PRO D 312 -21.62 -7.48 -69.18
N CYS D 313 -20.31 -7.75 -69.17
CA CYS D 313 -19.39 -7.39 -68.08
C CYS D 313 -18.40 -6.33 -68.52
N PRO D 314 -18.30 -5.22 -67.80
CA PRO D 314 -17.48 -4.09 -68.27
C PRO D 314 -15.99 -4.36 -68.13
N ARG D 315 -15.22 -3.46 -68.74
CA ARG D 315 -13.76 -3.46 -68.60
C ARG D 315 -13.36 -2.73 -67.32
N TYR D 316 -12.20 -3.10 -66.79
CA TYR D 316 -11.66 -2.51 -65.57
C TYR D 316 -12.60 -2.74 -64.38
N SER D 317 -13.00 -3.99 -64.17
CA SER D 317 -13.88 -4.27 -63.03
C SER D 317 -13.80 -5.75 -62.66
N ASN D 318 -13.59 -6.00 -61.38
CA ASN D 318 -13.65 -7.35 -60.83
C ASN D 318 -15.03 -7.93 -61.06
N PRO D 319 -15.17 -9.06 -61.76
CA PRO D 319 -16.50 -9.65 -61.95
C PRO D 319 -17.17 -10.04 -60.64
N ALA D 320 -16.39 -10.44 -59.63
CA ALA D 320 -16.98 -10.94 -58.38
C ALA D 320 -17.75 -9.86 -57.66
N ASP D 321 -17.12 -8.70 -57.43
CA ASP D 321 -17.81 -7.58 -56.79
C ASP D 321 -18.69 -6.80 -57.77
N PHE D 322 -18.75 -7.21 -59.05
CA PHE D 322 -19.69 -6.64 -60.02
C PHE D 322 -21.06 -7.32 -60.01
N TYR D 323 -21.09 -8.66 -60.08
CA TYR D 323 -22.37 -9.37 -60.18
C TYR D 323 -23.07 -9.50 -58.83
N VAL D 324 -22.31 -9.48 -57.73
CA VAL D 324 -22.90 -9.40 -56.40
C VAL D 324 -23.68 -8.10 -56.26
N ASP D 325 -23.20 -7.05 -56.94
CA ASP D 325 -23.81 -5.73 -56.85
C ASP D 325 -25.15 -5.63 -57.59
N LEU D 326 -25.34 -6.41 -58.64
CA LEU D 326 -26.56 -6.26 -59.43
C LEU D 326 -27.79 -6.93 -58.85
N THR D 327 -27.67 -7.87 -57.90
CA THR D 327 -28.88 -8.53 -57.40
C THR D 327 -28.99 -8.63 -55.86
N SER D 328 -28.16 -7.91 -55.10
CA SER D 328 -28.21 -8.00 -53.62
C SER D 328 -29.56 -7.50 -53.10
N ILE D 329 -29.91 -7.92 -51.88
CA ILE D 329 -31.24 -7.73 -51.30
C ILE D 329 -31.24 -6.52 -50.36
N ASP D 330 -32.08 -5.53 -50.70
CA ASP D 330 -32.22 -4.24 -50.01
C ASP D 330 -33.20 -4.33 -48.83
N ARG D 331 -32.97 -3.49 -47.81
CA ARG D 331 -33.73 -3.57 -46.56
C ARG D 331 -34.37 -2.28 -46.03
N ARG D 332 -34.05 -1.08 -46.55
CA ARG D 332 -34.49 0.11 -45.80
C ARG D 332 -35.91 0.58 -46.09
N SER D 333 -36.57 0.14 -47.17
CA SER D 333 -37.94 0.61 -47.38
C SER D 333 -38.84 -0.53 -47.85
N ARG D 334 -40.12 -0.43 -47.50
CA ARG D 334 -41.08 -1.46 -47.87
C ARG D 334 -41.19 -1.61 -49.38
N GLU D 335 -41.20 -0.49 -50.09
CA GLU D 335 -41.37 -0.49 -51.54
C GLU D 335 -40.04 -0.10 -52.19
N GLN D 336 -39.05 -0.99 -52.05
CA GLN D 336 -37.78 -0.93 -52.78
C GLN D 336 -37.35 -2.30 -53.28
N GLU D 337 -37.19 -3.26 -52.36
CA GLU D 337 -36.78 -4.62 -52.74
C GLU D 337 -37.83 -5.35 -53.54
N LEU D 338 -39.04 -4.79 -53.69
CA LEU D 338 -40.06 -5.39 -54.54
C LEU D 338 -39.49 -5.64 -55.93
N ALA D 339 -38.63 -4.74 -56.42
CA ALA D 339 -38.05 -4.88 -57.75
C ALA D 339 -37.05 -6.03 -57.80
N THR D 340 -36.13 -6.08 -56.84
CA THR D 340 -34.94 -6.90 -56.98
C THR D 340 -35.12 -8.34 -56.51
N ARG D 341 -36.05 -8.60 -55.58
CA ARG D 341 -36.42 -9.99 -55.32
C ARG D 341 -37.22 -10.60 -56.48
N GLU D 342 -37.92 -9.78 -57.27
CA GLU D 342 -38.56 -10.28 -58.48
C GLU D 342 -37.54 -10.63 -59.56
N LYS D 343 -36.49 -9.83 -59.72
CA LYS D 343 -35.42 -10.20 -60.66
C LYS D 343 -34.44 -11.21 -60.08
N ALA D 344 -34.28 -11.29 -58.76
CA ALA D 344 -33.37 -12.27 -58.18
C ALA D 344 -33.86 -13.69 -58.47
N GLN D 345 -35.16 -13.93 -58.31
CA GLN D 345 -35.75 -15.22 -58.64
C GLN D 345 -35.90 -15.39 -60.15
N SER D 346 -36.03 -14.29 -60.90
CA SER D 346 -36.07 -14.39 -62.36
C SER D 346 -34.78 -14.98 -62.91
N LEU D 347 -33.62 -14.53 -62.39
CA LEU D 347 -32.35 -15.14 -62.77
C LEU D 347 -32.22 -16.54 -62.19
N ALA D 348 -32.81 -16.78 -61.01
CA ALA D 348 -32.80 -18.12 -60.43
C ALA D 348 -33.68 -19.07 -61.24
N ALA D 349 -34.82 -18.58 -61.73
CA ALA D 349 -35.73 -19.41 -62.52
C ALA D 349 -35.15 -19.80 -63.88
N LEU D 350 -34.11 -19.11 -64.36
CA LEU D 350 -33.59 -19.36 -65.70
C LEU D 350 -32.24 -20.08 -65.74
N PHE D 351 -31.51 -20.21 -64.62
CA PHE D 351 -30.36 -21.12 -64.65
C PHE D 351 -30.74 -22.55 -64.34
N LEU D 352 -31.73 -22.77 -63.47
CA LEU D 352 -32.19 -24.12 -63.20
C LEU D 352 -32.81 -24.74 -64.44
N GLU D 353 -33.15 -23.92 -65.44
CA GLU D 353 -33.70 -24.38 -66.71
C GLU D 353 -32.64 -24.67 -67.77
N LYS D 354 -31.48 -24.01 -67.73
CA LYS D 354 -30.36 -24.38 -68.61
C LYS D 354 -29.62 -25.63 -68.16
N VAL D 355 -29.96 -26.20 -67.01
CA VAL D 355 -29.30 -27.40 -66.53
C VAL D 355 -30.33 -28.33 -65.90
N ARG D 356 -31.39 -28.65 -66.65
CA ARG D 356 -32.43 -29.55 -66.15
C ARG D 356 -32.14 -31.02 -66.44
N ASP D 357 -31.82 -31.35 -67.68
CA ASP D 357 -31.29 -32.68 -68.00
C ASP D 357 -29.81 -32.79 -67.66
N LEU D 358 -29.18 -31.67 -67.30
CA LEU D 358 -27.80 -31.67 -66.83
C LEU D 358 -27.76 -32.16 -65.40
N ASP D 359 -27.07 -33.26 -65.17
CA ASP D 359 -26.99 -33.79 -63.81
C ASP D 359 -25.94 -33.00 -63.02
N ASP D 360 -26.06 -33.03 -61.70
CA ASP D 360 -25.19 -32.30 -60.76
C ASP D 360 -25.33 -30.78 -60.80
N PHE D 361 -26.02 -30.23 -61.80
CA PHE D 361 -26.22 -28.77 -61.94
C PHE D 361 -24.91 -27.99 -62.07
N LEU D 362 -23.86 -28.61 -62.61
CA LEU D 362 -22.59 -27.93 -62.83
C LEU D 362 -22.58 -27.37 -64.25
N TRP D 363 -22.67 -26.05 -64.37
CA TRP D 363 -22.60 -25.42 -65.69
C TRP D 363 -21.15 -25.33 -66.14
N LYS D 364 -20.85 -25.95 -67.28
CA LYS D 364 -19.55 -25.87 -67.95
C LYS D 364 -18.53 -26.74 -67.19
N THR D 392 -12.29 -48.15 -36.67
CA THR D 392 -10.94 -48.17 -36.10
C THR D 392 -11.01 -47.64 -34.66
N LYS D 393 -10.34 -48.32 -33.73
CA LYS D 393 -10.43 -47.92 -32.33
C LYS D 393 -9.44 -46.81 -32.02
N MET D 394 -9.95 -45.80 -31.31
CA MET D 394 -9.37 -44.48 -31.09
C MET D 394 -8.68 -44.46 -29.73
N PRO D 395 -8.01 -43.37 -29.35
CA PRO D 395 -7.54 -43.27 -27.96
C PRO D 395 -8.72 -43.39 -27.01
N GLY D 396 -8.44 -43.95 -25.82
CA GLY D 396 -9.48 -44.21 -24.84
C GLY D 396 -9.66 -43.04 -23.89
N ALA D 397 -10.57 -43.25 -22.93
CA ALA D 397 -10.90 -42.19 -21.98
C ALA D 397 -9.70 -41.80 -21.13
N VAL D 398 -8.89 -42.78 -20.72
CA VAL D 398 -7.76 -42.51 -19.86
C VAL D 398 -6.70 -41.70 -20.61
N GLN D 399 -6.27 -42.19 -21.77
CA GLN D 399 -5.24 -41.51 -22.53
C GLN D 399 -5.62 -40.07 -22.84
N GLN D 400 -6.90 -39.81 -23.13
CA GLN D 400 -7.34 -38.44 -23.40
C GLN D 400 -7.11 -37.53 -22.20
N PHE D 401 -7.47 -37.98 -21.00
CA PHE D 401 -7.12 -37.22 -19.81
C PHE D 401 -5.61 -37.00 -19.72
N THR D 402 -4.84 -38.06 -19.97
CA THR D 402 -3.39 -37.96 -19.91
C THR D 402 -2.85 -36.94 -20.91
N THR D 403 -3.49 -36.82 -22.08
CA THR D 403 -3.06 -35.82 -23.04
C THR D 403 -3.59 -34.44 -22.65
N LEU D 404 -4.82 -34.38 -22.16
CA LEU D 404 -5.41 -33.09 -21.77
C LEU D 404 -4.71 -32.52 -20.53
N ILE D 405 -4.43 -33.36 -19.54
CA ILE D 405 -3.83 -32.84 -18.31
C ILE D 405 -2.40 -32.36 -18.56
N ARG D 406 -1.67 -33.03 -19.45
CA ARG D 406 -0.37 -32.50 -19.86
C ARG D 406 -0.53 -31.20 -20.63
N ARG D 407 -1.33 -31.23 -21.70
CA ARG D 407 -1.50 -30.04 -22.54
C ARG D 407 -1.97 -28.84 -21.72
N GLN D 408 -2.89 -29.07 -20.78
CA GLN D 408 -3.34 -27.99 -19.90
C GLN D 408 -2.21 -27.48 -19.03
N ILE D 409 -1.62 -28.37 -18.23
CA ILE D 409 -0.58 -27.98 -17.28
C ILE D 409 0.67 -27.47 -18.01
N SER D 410 0.94 -27.99 -19.21
CA SER D 410 2.08 -27.48 -19.98
C SER D 410 1.85 -26.04 -20.41
N ASN D 411 0.60 -25.67 -20.68
CA ASN D 411 0.30 -24.31 -21.15
C ASN D 411 0.48 -23.28 -20.04
N ASP D 412 -0.28 -23.42 -18.94
CA ASP D 412 -0.42 -22.32 -17.99
C ASP D 412 0.76 -22.17 -17.02
N PHE D 413 1.65 -23.16 -16.89
CA PHE D 413 2.87 -22.96 -16.11
C PHE D 413 4.00 -22.41 -16.97
N ARG D 414 3.79 -22.28 -18.27
CA ARG D 414 4.64 -21.44 -19.10
C ARG D 414 4.14 -20.00 -19.14
N ASP D 415 2.91 -19.76 -18.69
CA ASP D 415 2.37 -18.40 -18.61
C ASP D 415 2.88 -17.80 -17.30
N LEU D 416 4.20 -17.62 -17.25
CA LEU D 416 4.85 -17.16 -16.03
C LEU D 416 4.31 -15.82 -15.52
N PRO D 417 3.92 -14.85 -16.37
CA PRO D 417 3.33 -13.63 -15.81
C PRO D 417 2.10 -13.89 -14.95
N THR D 418 1.18 -14.76 -15.39
CA THR D 418 -0.02 -15.03 -14.61
C THR D 418 0.28 -15.75 -13.31
N LEU D 419 1.38 -16.51 -13.25
CA LEU D 419 1.80 -17.09 -11.97
C LEU D 419 2.22 -16.01 -11.00
N LEU D 420 3.24 -15.23 -11.37
CA LEU D 420 3.81 -14.23 -10.47
C LEU D 420 2.77 -13.24 -9.97
N ILE D 421 1.77 -12.93 -10.80
CA ILE D 421 0.71 -12.04 -10.34
C ILE D 421 -0.20 -12.75 -9.34
N HIS D 422 -0.70 -13.93 -9.73
CA HIS D 422 -1.51 -14.74 -8.82
C HIS D 422 -0.71 -15.26 -7.63
N GLY D 423 0.61 -15.37 -7.77
CA GLY D 423 1.43 -15.71 -6.62
C GLY D 423 1.55 -14.54 -5.65
N ALA D 424 1.83 -13.36 -6.18
CA ALA D 424 1.90 -12.17 -5.33
C ALA D 424 0.55 -11.85 -4.73
N GLU D 425 -0.53 -12.06 -5.49
CA GLU D 425 -1.87 -11.83 -4.97
C GLU D 425 -2.16 -12.67 -3.72
N ALA D 426 -1.49 -13.82 -3.59
CA ALA D 426 -1.61 -14.59 -2.36
C ALA D 426 -0.70 -14.03 -1.27
N CYS D 427 0.56 -13.79 -1.63
CA CYS D 427 1.54 -13.25 -0.68
C CYS D 427 1.10 -11.89 -0.16
N LEU D 428 1.00 -10.90 -1.05
CA LEU D 428 0.65 -9.54 -0.67
C LEU D 428 -0.62 -9.46 0.17
N MET D 429 -1.54 -10.41 0.00
CA MET D 429 -2.76 -10.39 0.78
C MET D 429 -2.56 -11.04 2.15
N SER D 430 -2.01 -12.25 2.16
CA SER D 430 -1.84 -12.98 3.42
C SER D 430 -1.03 -12.21 4.44
N MET D 431 -0.24 -11.21 4.03
CA MET D 431 0.50 -10.42 5.01
C MET D 431 -0.26 -9.18 5.43
N THR D 432 -1.08 -8.60 4.55
CA THR D 432 -1.98 -7.55 4.99
C THR D 432 -2.92 -8.09 6.05
N ILE D 433 -3.33 -9.35 5.90
CA ILE D 433 -4.13 -10.02 6.93
C ILE D 433 -3.27 -10.25 8.17
N GLY D 434 -2.05 -10.76 7.99
CA GLY D 434 -1.22 -11.12 9.12
C GLY D 434 -0.87 -9.94 10.01
N PHE D 435 -0.50 -8.81 9.40
CA PHE D 435 -0.07 -7.67 10.21
C PHE D 435 -1.24 -6.93 10.84
N LEU D 436 -2.41 -6.95 10.22
CA LEU D 436 -3.58 -6.36 10.86
C LEU D 436 -3.83 -7.02 12.21
N TYR D 437 -3.59 -8.32 12.31
CA TYR D 437 -3.75 -9.05 13.56
C TYR D 437 -2.41 -9.50 14.14
N PHE D 438 -1.35 -8.74 13.90
CA PHE D 438 0.00 -9.10 14.32
C PHE D 438 0.05 -9.37 15.81
N GLY D 439 0.42 -10.59 16.18
CA GLY D 439 0.30 -11.03 17.57
C GLY D 439 1.57 -11.11 18.41
N HIS D 440 2.62 -10.38 18.02
CA HIS D 440 3.89 -10.44 18.75
C HIS D 440 4.21 -9.08 19.36
N GLY D 441 5.02 -8.26 18.69
CA GLY D 441 5.62 -7.06 19.26
C GLY D 441 4.74 -5.87 19.61
N SER D 442 3.77 -6.08 20.49
CA SER D 442 2.96 -5.01 21.08
C SER D 442 2.07 -5.58 22.17
N ILE D 443 0.77 -5.64 21.90
CA ILE D 443 -0.20 -6.18 22.83
C ILE D 443 -0.91 -7.34 22.14
N GLN D 444 -1.15 -8.41 22.87
CA GLN D 444 -1.65 -9.63 22.28
C GLN D 444 -3.08 -9.48 21.78
N LEU D 445 -3.43 -10.31 20.80
CA LEU D 445 -4.76 -10.29 20.19
C LEU D 445 -5.84 -10.61 21.21
N SER D 446 -6.89 -9.79 21.21
CA SER D 446 -8.07 -10.14 21.99
C SER D 446 -8.61 -11.49 21.52
N PHE D 447 -9.54 -12.05 22.30
CA PHE D 447 -10.16 -13.30 21.86
C PHE D 447 -11.02 -13.07 20.63
N MET D 448 -11.87 -12.06 20.67
CA MET D 448 -12.74 -11.77 19.53
C MET D 448 -11.94 -11.37 18.31
N ASP D 449 -10.72 -10.83 18.51
CA ASP D 449 -9.82 -10.61 17.38
C ASP D 449 -9.42 -11.92 16.71
N THR D 450 -9.36 -13.01 17.49
CA THR D 450 -8.98 -14.29 16.90
C THR D 450 -10.12 -14.88 16.08
N ALA D 451 -11.36 -14.53 16.41
CA ALA D 451 -12.51 -15.00 15.62
C ALA D 451 -12.59 -14.27 14.29
N ALA D 452 -12.37 -12.96 14.30
CA ALA D 452 -12.39 -12.21 13.04
C ALA D 452 -11.27 -12.67 12.12
N LEU D 453 -10.08 -12.89 12.67
CA LEU D 453 -8.96 -13.33 11.84
C LEU D 453 -9.26 -14.66 11.17
N LEU D 454 -9.77 -15.64 11.92
CA LEU D 454 -10.03 -16.95 11.33
C LEU D 454 -11.12 -16.88 10.26
N PHE D 455 -12.17 -16.10 10.53
CA PHE D 455 -13.24 -15.96 9.54
C PHE D 455 -12.75 -15.25 8.29
N MET D 456 -12.00 -14.16 8.47
CA MET D 456 -11.45 -13.43 7.33
C MET D 456 -10.59 -14.36 6.48
N ILE D 457 -9.78 -15.22 7.12
CA ILE D 457 -8.95 -16.16 6.38
C ILE D 457 -9.77 -16.94 5.36
N GLY D 458 -11.00 -17.31 5.74
CA GLY D 458 -11.87 -18.04 4.83
C GLY D 458 -12.62 -17.19 3.82
N ALA D 459 -13.20 -16.08 4.27
CA ALA D 459 -14.03 -15.25 3.40
C ALA D 459 -13.23 -14.33 2.48
N LEU D 460 -11.96 -14.06 2.78
CA LEU D 460 -11.20 -13.11 1.96
C LEU D 460 -10.58 -13.75 0.73
N ILE D 461 -10.54 -15.06 0.66
CA ILE D 461 -9.84 -15.73 -0.44
C ILE D 461 -10.72 -15.85 -1.70
N PRO D 462 -12.04 -16.07 -1.62
CA PRO D 462 -12.81 -16.20 -2.86
C PRO D 462 -12.76 -14.97 -3.74
N PHE D 463 -12.48 -13.80 -3.18
CA PHE D 463 -12.50 -12.56 -3.95
C PHE D 463 -11.60 -12.66 -5.16
N ASN D 464 -10.38 -13.21 -4.99
CA ASN D 464 -9.56 -13.49 -6.16
C ASN D 464 -9.94 -14.81 -6.81
N VAL D 465 -10.32 -15.82 -6.01
CA VAL D 465 -10.55 -17.14 -6.55
C VAL D 465 -11.76 -17.14 -7.48
N ILE D 466 -12.84 -16.45 -7.09
CA ILE D 466 -14.05 -16.45 -7.91
C ILE D 466 -13.79 -15.75 -9.24
N LEU D 467 -13.16 -14.58 -9.21
CA LEU D 467 -13.11 -13.74 -10.41
C LEU D 467 -12.32 -14.41 -11.52
N ASP D 468 -11.18 -15.02 -11.20
CA ASP D 468 -10.29 -15.50 -12.24
C ASP D 468 -10.65 -16.91 -12.72
N VAL D 469 -11.14 -17.78 -11.84
CA VAL D 469 -11.63 -19.08 -12.29
C VAL D 469 -12.76 -18.91 -13.30
N ILE D 470 -13.72 -18.03 -13.01
CA ILE D 470 -14.74 -17.69 -14.00
C ILE D 470 -14.10 -17.04 -15.22
N SER D 471 -13.24 -16.05 -15.00
CA SER D 471 -12.67 -15.31 -16.12
C SER D 471 -11.78 -16.20 -16.98
N LYS D 472 -11.13 -17.21 -16.39
CA LYS D 472 -10.35 -18.12 -17.21
C LYS D 472 -11.25 -18.97 -18.09
N CYS D 473 -12.36 -19.48 -17.53
CA CYS D 473 -13.26 -20.33 -18.29
C CYS D 473 -13.78 -19.64 -19.54
N TYR D 474 -14.40 -18.46 -19.38
CA TYR D 474 -14.94 -17.76 -20.53
C TYR D 474 -13.87 -17.35 -21.51
N SER D 475 -12.62 -17.20 -21.06
CA SER D 475 -11.52 -17.05 -22.00
C SER D 475 -11.21 -18.37 -22.70
N GLU D 476 -11.48 -19.50 -22.05
CA GLU D 476 -11.17 -20.81 -22.60
C GLU D 476 -12.35 -21.48 -23.27
N ARG D 477 -13.56 -20.91 -23.19
CA ARG D 477 -14.70 -21.53 -23.85
C ARG D 477 -14.57 -21.51 -25.37
N ALA D 478 -13.81 -20.55 -25.92
CA ALA D 478 -13.50 -20.58 -27.34
C ALA D 478 -12.88 -21.92 -27.75
N MET D 479 -11.98 -22.45 -26.93
CA MET D 479 -11.38 -23.76 -27.20
C MET D 479 -12.35 -24.90 -26.91
N LEU D 480 -13.04 -24.83 -25.77
CA LEU D 480 -13.85 -25.96 -25.31
C LEU D 480 -14.96 -26.31 -26.28
N TYR D 481 -15.55 -25.32 -26.95
CA TYR D 481 -16.73 -25.55 -27.78
C TYR D 481 -16.37 -26.36 -29.02
N TYR D 482 -15.40 -25.87 -29.80
CA TYR D 482 -15.03 -26.53 -31.05
C TYR D 482 -14.27 -27.83 -30.82
N GLU D 483 -13.54 -27.95 -29.72
CA GLU D 483 -12.89 -29.22 -29.41
C GLU D 483 -13.92 -30.28 -29.01
N LEU D 484 -14.94 -29.87 -28.25
CA LEU D 484 -16.03 -30.79 -27.95
C LEU D 484 -16.89 -31.02 -29.18
N GLU D 485 -16.86 -30.08 -30.13
CA GLU D 485 -17.64 -30.21 -31.35
C GLU D 485 -17.02 -31.23 -32.31
N ASP D 486 -15.75 -31.01 -32.67
CA ASP D 486 -15.04 -31.95 -33.55
C ASP D 486 -15.00 -33.37 -32.98
N GLY D 487 -15.13 -33.52 -31.67
CA GLY D 487 -15.19 -34.83 -31.08
C GLY D 487 -13.84 -35.47 -30.97
N LEU D 488 -12.92 -34.81 -30.25
CA LEU D 488 -11.66 -35.43 -29.87
C LEU D 488 -11.62 -35.82 -28.39
N TYR D 489 -12.67 -35.52 -27.63
CA TYR D 489 -12.83 -36.06 -26.28
C TYR D 489 -14.26 -35.84 -25.79
N THR D 490 -14.65 -36.67 -24.82
CA THR D 490 -15.96 -36.57 -24.19
C THR D 490 -15.87 -35.69 -22.94
N THR D 491 -17.04 -35.33 -22.40
CA THR D 491 -17.08 -34.58 -21.15
C THR D 491 -16.48 -35.37 -19.99
N GLY D 492 -16.48 -36.70 -20.06
CA GLY D 492 -15.91 -37.54 -19.03
C GLY D 492 -14.52 -37.11 -18.59
N PRO D 493 -13.52 -37.25 -19.48
CA PRO D 493 -12.14 -36.90 -19.08
C PRO D 493 -11.90 -35.41 -18.84
N TYR D 494 -12.44 -34.51 -19.68
CA TYR D 494 -12.16 -33.09 -19.47
C TYR D 494 -12.63 -32.63 -18.10
N PHE D 495 -13.69 -33.24 -17.59
CA PHE D 495 -14.14 -32.97 -16.22
C PHE D 495 -13.01 -33.14 -15.24
N PHE D 496 -12.19 -34.18 -15.42
CA PHE D 496 -11.06 -34.45 -14.55
C PHE D 496 -9.83 -33.61 -14.90
N ALA D 497 -9.61 -33.32 -16.19
CA ALA D 497 -8.46 -32.50 -16.57
C ALA D 497 -8.56 -31.08 -16.02
N LYS D 498 -9.77 -30.53 -15.98
CA LYS D 498 -9.91 -29.14 -15.54
C LYS D 498 -9.81 -29.00 -14.03
N ILE D 499 -10.27 -29.99 -13.27
CA ILE D 499 -10.25 -29.87 -11.81
C ILE D 499 -8.84 -30.08 -11.25
N LEU D 500 -8.01 -30.88 -11.93
CA LEU D 500 -6.72 -31.28 -11.39
C LEU D 500 -5.56 -30.41 -11.86
N GLY D 501 -5.62 -29.87 -13.08
CA GLY D 501 -4.53 -29.04 -13.59
C GLY D 501 -4.34 -27.73 -12.84
N GLU D 502 -5.28 -27.38 -11.96
CA GLU D 502 -5.19 -26.18 -11.16
C GLU D 502 -4.67 -26.43 -9.75
N LEU D 503 -4.76 -27.67 -9.26
CA LEU D 503 -4.23 -28.01 -7.94
C LEU D 503 -2.76 -27.62 -7.76
N PRO D 504 -1.84 -27.95 -8.67
CA PRO D 504 -0.46 -27.45 -8.51
C PRO D 504 -0.40 -25.94 -8.34
N GLU D 505 -1.16 -25.20 -9.14
CA GLU D 505 -1.33 -23.78 -8.86
C GLU D 505 -1.96 -23.58 -7.48
N HIS D 506 -3.10 -24.25 -7.26
CA HIS D 506 -3.87 -24.10 -6.04
C HIS D 506 -3.01 -24.25 -4.79
N CYS D 507 -2.17 -25.29 -4.74
CA CYS D 507 -1.44 -25.57 -3.51
C CYS D 507 -0.34 -24.55 -3.27
N ALA D 508 0.35 -24.11 -4.33
CA ALA D 508 1.27 -22.99 -4.16
C ALA D 508 0.51 -21.75 -3.72
N TYR D 509 -0.62 -21.49 -4.38
CA TYR D 509 -1.48 -20.38 -4.02
C TYR D 509 -1.91 -20.48 -2.55
N ILE D 510 -2.27 -21.68 -2.09
CA ILE D 510 -2.70 -21.84 -0.70
C ILE D 510 -1.51 -21.73 0.26
N ILE D 511 -0.40 -22.38 -0.08
CA ILE D 511 0.80 -22.29 0.75
C ILE D 511 1.20 -20.83 0.95
N ILE D 512 1.30 -20.09 -0.15
CA ILE D 512 1.71 -18.68 -0.06
C ILE D 512 0.67 -17.84 0.69
N TYR D 513 -0.61 -18.20 0.58
CA TYR D 513 -1.65 -17.45 1.28
C TYR D 513 -1.84 -17.91 2.73
N GLY D 514 -1.62 -19.19 3.02
CA GLY D 514 -2.01 -19.74 4.30
C GLY D 514 -1.00 -19.59 5.42
N MET D 515 0.27 -19.80 5.12
CA MET D 515 1.33 -19.84 6.12
C MET D 515 1.74 -18.48 6.66
N PRO D 516 1.93 -17.45 5.81
CA PRO D 516 2.38 -16.16 6.36
C PRO D 516 1.41 -15.53 7.33
N THR D 517 0.11 -15.59 7.04
CA THR D 517 -0.86 -15.09 8.01
C THR D 517 -0.82 -15.90 9.31
N TYR D 518 -0.52 -17.19 9.22
CA TYR D 518 -0.54 -18.03 10.41
C TYR D 518 0.54 -17.63 11.41
N TRP D 519 1.73 -17.27 10.93
CA TRP D 519 2.81 -16.93 11.84
C TRP D 519 2.73 -15.48 12.28
N LEU D 520 2.41 -14.57 11.35
CA LEU D 520 2.44 -13.15 11.62
C LEU D 520 1.58 -12.82 12.83
N ALA D 521 0.28 -13.03 12.71
CA ALA D 521 -0.55 -13.12 13.90
C ALA D 521 -0.14 -14.39 14.62
N ASN D 522 0.12 -14.30 15.92
CA ASN D 522 0.62 -15.47 16.62
C ASN D 522 -0.54 -16.42 16.86
N LEU D 523 -0.62 -17.46 16.03
CA LEU D 523 -1.68 -18.45 16.11
C LEU D 523 -1.18 -19.66 16.87
N ARG D 524 -2.04 -20.66 17.00
CA ARG D 524 -1.80 -21.76 17.93
C ARG D 524 -0.55 -22.54 17.56
N PRO D 525 0.46 -22.61 18.44
CA PRO D 525 1.73 -23.22 18.06
C PRO D 525 1.62 -24.74 18.03
N GLY D 526 2.52 -25.34 17.27
CA GLY D 526 2.53 -26.78 17.14
C GLY D 526 2.40 -27.25 15.71
N LEU D 527 2.91 -28.43 15.41
CA LEU D 527 2.76 -28.97 14.06
C LEU D 527 1.33 -29.39 13.80
N GLN D 528 0.67 -29.95 14.81
CA GLN D 528 -0.71 -30.40 14.65
C GLN D 528 -1.65 -29.27 14.27
N PRO D 529 -1.70 -28.12 14.98
CA PRO D 529 -2.62 -27.07 14.55
C PRO D 529 -2.27 -26.46 13.20
N PHE D 530 -0.98 -26.23 12.95
CA PHE D 530 -0.57 -25.54 11.73
C PHE D 530 -1.04 -26.28 10.48
N LEU D 531 -0.91 -27.61 10.47
CA LEU D 531 -1.36 -28.37 9.31
C LEU D 531 -2.88 -28.43 9.25
N LEU D 532 -3.53 -28.68 10.38
CA LEU D 532 -4.99 -28.66 10.43
C LEU D 532 -5.54 -27.31 9.95
N HIS D 533 -4.90 -26.21 10.35
CA HIS D 533 -5.26 -24.92 9.78
C HIS D 533 -5.07 -24.91 8.27
N PHE D 534 -3.90 -25.35 7.81
CA PHE D 534 -3.62 -25.36 6.37
C PHE D 534 -4.61 -26.23 5.62
N LEU D 535 -4.95 -27.39 6.18
CA LEU D 535 -5.69 -28.36 5.39
C LEU D 535 -7.14 -27.93 5.19
N LEU D 536 -7.78 -27.46 6.27
CA LEU D 536 -9.15 -26.96 6.13
C LEU D 536 -9.21 -25.80 5.15
N VAL D 537 -8.29 -24.83 5.28
CA VAL D 537 -8.24 -23.71 4.35
C VAL D 537 -7.93 -24.20 2.94
N TRP D 538 -7.09 -25.22 2.82
CA TRP D 538 -6.84 -25.80 1.50
C TRP D 538 -8.14 -26.37 0.93
N LEU D 539 -8.94 -27.05 1.75
CA LEU D 539 -10.19 -27.63 1.27
C LEU D 539 -11.23 -26.56 0.98
N VAL D 540 -11.33 -25.54 1.84
CA VAL D 540 -12.33 -24.50 1.63
C VAL D 540 -12.07 -23.73 0.34
N VAL D 541 -10.80 -23.39 0.08
CA VAL D 541 -10.51 -22.67 -1.17
C VAL D 541 -10.70 -23.60 -2.35
N PHE D 542 -10.39 -24.88 -2.20
CA PHE D 542 -10.64 -25.83 -3.27
C PHE D 542 -12.14 -26.00 -3.52
N CYS D 543 -12.94 -26.13 -2.45
CA CYS D 543 -14.38 -26.13 -2.60
C CYS D 543 -14.84 -24.93 -3.42
N CYS D 544 -14.22 -23.77 -3.19
CA CYS D 544 -14.60 -22.56 -3.92
C CYS D 544 -14.20 -22.64 -5.38
N ARG D 545 -13.04 -23.23 -5.68
CA ARG D 545 -12.67 -23.47 -7.08
C ARG D 545 -13.77 -24.21 -7.82
N ILE D 546 -14.33 -25.26 -7.21
CA ILE D 546 -15.36 -26.04 -7.90
C ILE D 546 -16.67 -25.29 -8.00
N MET D 547 -16.96 -24.38 -7.07
CA MET D 547 -18.24 -23.67 -7.14
C MET D 547 -18.29 -22.76 -8.36
N ALA D 548 -17.40 -21.76 -8.41
CA ALA D 548 -17.42 -20.79 -9.50
C ALA D 548 -17.18 -21.47 -10.84
N LEU D 549 -16.30 -22.48 -10.85
CA LEU D 549 -16.07 -23.28 -12.05
C LEU D 549 -17.38 -23.86 -12.56
N ALA D 550 -18.24 -24.31 -11.64
CA ALA D 550 -19.51 -24.90 -12.03
C ALA D 550 -20.52 -23.83 -12.42
N ALA D 551 -20.48 -22.67 -11.76
CA ALA D 551 -21.37 -21.56 -12.14
C ALA D 551 -21.09 -21.06 -13.55
N ALA D 552 -19.84 -21.19 -14.00
CA ALA D 552 -19.45 -20.70 -15.31
C ALA D 552 -20.05 -21.57 -16.41
N ALA D 553 -20.12 -22.89 -16.17
CA ALA D 553 -20.70 -23.79 -17.15
C ALA D 553 -22.22 -23.84 -17.11
N LEU D 554 -22.85 -23.28 -16.07
CA LEU D 554 -24.29 -23.35 -15.95
C LEU D 554 -24.96 -22.05 -16.37
N LEU D 555 -24.28 -20.89 -16.20
CA LEU D 555 -24.95 -19.73 -16.75
C LEU D 555 -24.39 -19.37 -18.13
N PRO D 556 -25.21 -18.73 -18.95
CA PRO D 556 -24.80 -18.48 -20.34
C PRO D 556 -23.61 -17.54 -20.49
N THR D 557 -23.52 -16.46 -19.72
CA THR D 557 -22.54 -15.42 -19.99
C THR D 557 -21.67 -15.14 -18.76
N PHE D 558 -20.64 -14.31 -18.99
CA PHE D 558 -19.67 -14.01 -17.94
C PHE D 558 -20.30 -13.19 -16.82
N HIS D 559 -20.96 -12.08 -17.17
CA HIS D 559 -21.51 -11.22 -16.13
C HIS D 559 -22.64 -11.87 -15.35
N MET D 560 -23.28 -12.91 -15.88
CA MET D 560 -24.26 -13.64 -15.07
C MET D 560 -23.62 -14.70 -14.19
N ALA D 561 -22.68 -15.48 -14.72
CA ALA D 561 -21.94 -16.42 -13.87
C ALA D 561 -21.17 -15.68 -12.80
N SER D 562 -20.55 -14.55 -13.16
CA SER D 562 -19.91 -13.70 -12.16
C SER D 562 -20.93 -13.24 -11.13
N PHE D 563 -22.14 -12.94 -11.59
CA PHE D 563 -23.18 -12.49 -10.67
C PHE D 563 -23.69 -13.64 -9.81
N PHE D 564 -23.68 -14.87 -10.34
CA PHE D 564 -24.17 -16.02 -9.59
C PHE D 564 -23.22 -16.41 -8.49
N SER D 565 -21.91 -16.38 -8.77
CA SER D 565 -20.92 -16.74 -7.77
C SER D 565 -20.80 -15.68 -6.70
N ASN D 566 -21.08 -14.42 -7.03
CA ASN D 566 -21.12 -13.37 -6.02
C ASN D 566 -22.42 -13.40 -5.22
N ALA D 567 -23.50 -13.90 -5.81
CA ALA D 567 -24.73 -14.11 -5.04
C ALA D 567 -24.55 -15.19 -4.00
N LEU D 568 -24.02 -16.34 -4.42
CA LEU D 568 -23.69 -17.41 -3.48
C LEU D 568 -22.73 -16.93 -2.40
N TYR D 569 -21.71 -16.15 -2.79
CA TYR D 569 -20.70 -15.75 -1.82
C TYR D 569 -21.30 -14.87 -0.72
N ASN D 570 -22.04 -13.82 -1.09
CA ASN D 570 -22.67 -12.99 -0.07
C ASN D 570 -23.61 -13.79 0.82
N SER D 571 -24.31 -14.76 0.24
CA SER D 571 -25.18 -15.61 1.05
C SER D 571 -24.37 -16.47 2.02
N PHE D 572 -23.31 -17.11 1.52
CA PHE D 572 -22.43 -17.92 2.36
C PHE D 572 -21.67 -17.08 3.38
N TYR D 573 -21.49 -15.78 3.10
CA TYR D 573 -20.77 -14.87 3.98
C TYR D 573 -21.66 -14.40 5.13
N LEU D 574 -22.88 -13.95 4.81
CA LEU D 574 -23.80 -13.48 5.85
C LEU D 574 -24.18 -14.62 6.78
N ALA D 575 -24.74 -15.67 6.23
CA ALA D 575 -25.00 -16.89 6.99
C ALA D 575 -23.71 -17.62 7.39
N GLY D 576 -22.54 -17.00 7.26
CA GLY D 576 -21.30 -17.62 7.67
C GLY D 576 -21.21 -17.89 9.15
N GLY D 577 -21.95 -17.14 9.96
CA GLY D 577 -21.95 -17.34 11.39
C GLY D 577 -21.04 -16.43 12.17
N PHE D 578 -20.43 -15.44 11.53
CA PHE D 578 -19.64 -14.43 12.24
C PHE D 578 -20.26 -13.05 12.16
N MET D 579 -20.69 -12.61 10.97
CA MET D 579 -21.27 -11.27 10.84
C MET D 579 -22.67 -11.21 11.42
N ILE D 580 -23.33 -12.35 11.55
CA ILE D 580 -24.60 -12.46 12.27
C ILE D 580 -24.55 -13.75 13.06
N ASN D 581 -25.33 -13.80 14.14
CA ASN D 581 -25.32 -14.96 15.01
C ASN D 581 -26.01 -16.14 14.35
N LEU D 582 -25.47 -17.33 14.56
CA LEU D 582 -26.08 -18.53 13.99
C LEU D 582 -27.41 -18.86 14.66
N SER D 583 -27.54 -18.59 15.97
CA SER D 583 -28.76 -18.97 16.67
C SER D 583 -29.94 -18.10 16.25
N SER D 584 -29.69 -16.84 15.88
CA SER D 584 -30.76 -15.94 15.43
C SER D 584 -30.93 -15.95 13.91
N LEU D 585 -30.93 -17.12 13.27
CA LEU D 585 -31.15 -17.21 11.83
C LEU D 585 -32.54 -17.75 11.52
N TRP D 586 -33.22 -17.05 10.60
CA TRP D 586 -34.44 -17.50 9.95
C TRP D 586 -34.32 -18.94 9.47
N THR D 587 -35.47 -19.61 9.42
CA THR D 587 -35.53 -21.04 9.09
C THR D 587 -34.72 -21.38 7.84
N VAL D 588 -34.69 -20.48 6.86
CA VAL D 588 -34.00 -20.73 5.60
C VAL D 588 -32.50 -20.43 5.62
N PRO D 589 -32.04 -19.25 6.10
CA PRO D 589 -30.59 -19.06 6.27
C PRO D 589 -29.97 -19.93 7.34
N ALA D 590 -30.75 -20.48 8.27
CA ALA D 590 -30.19 -21.45 9.19
C ALA D 590 -29.71 -22.66 8.42
N TRP D 591 -30.49 -23.10 7.43
CA TRP D 591 -30.07 -24.18 6.55
C TRP D 591 -29.00 -23.74 5.55
N ILE D 592 -28.96 -22.45 5.20
CA ILE D 592 -27.89 -21.96 4.34
C ILE D 592 -26.54 -22.12 5.04
N SER D 593 -26.50 -21.89 6.35
CA SER D 593 -25.27 -22.06 7.11
C SER D 593 -24.80 -23.51 7.12
N LYS D 594 -25.74 -24.46 7.13
CA LYS D 594 -25.40 -25.87 7.15
C LYS D 594 -24.56 -26.27 5.94
N VAL D 595 -24.66 -25.53 4.84
CA VAL D 595 -24.00 -25.87 3.59
C VAL D 595 -23.06 -24.77 3.11
N SER D 596 -22.72 -23.81 3.98
CA SER D 596 -21.80 -22.74 3.63
C SER D 596 -20.37 -23.17 3.95
N PHE D 597 -19.53 -23.33 2.91
CA PHE D 597 -18.13 -23.65 3.17
C PHE D 597 -17.39 -22.50 3.84
N LEU D 598 -17.99 -21.31 3.92
CA LEU D 598 -17.41 -20.22 4.70
C LEU D 598 -17.72 -20.34 6.19
N ARG D 599 -18.82 -21.01 6.55
CA ARG D 599 -19.06 -21.29 7.96
C ARG D 599 -18.22 -22.46 8.43
N TRP D 600 -18.06 -23.48 7.58
CA TRP D 600 -17.27 -24.64 7.96
C TRP D 600 -15.79 -24.32 8.03
N CYS D 601 -15.33 -23.33 7.25
CA CYS D 601 -13.99 -22.79 7.45
C CYS D 601 -13.91 -22.08 8.80
N PHE D 602 -14.91 -21.26 9.10
CA PHE D 602 -14.93 -20.52 10.36
C PHE D 602 -15.07 -21.44 11.56
N GLU D 603 -16.00 -22.40 11.51
CA GLU D 603 -16.18 -23.28 12.67
C GLU D 603 -15.03 -24.27 12.79
N GLY D 604 -14.45 -24.69 11.68
CA GLY D 604 -13.34 -25.62 11.74
C GLY D 604 -12.08 -25.01 12.31
N LEU D 605 -11.63 -23.91 11.71
CA LEU D 605 -10.43 -23.26 12.22
C LEU D 605 -10.62 -22.77 13.65
N MET D 606 -11.86 -22.42 14.01
CA MET D 606 -12.11 -21.95 15.36
C MET D 606 -12.00 -23.09 16.38
N LYS D 607 -12.14 -24.33 15.96
CA LYS D 607 -11.88 -25.43 16.87
C LYS D 607 -10.39 -25.80 16.89
N ILE D 608 -9.62 -25.42 15.88
CA ILE D 608 -8.20 -25.78 15.89
C ILE D 608 -7.42 -24.85 16.82
N GLN D 609 -7.83 -23.59 16.92
CA GLN D 609 -7.12 -22.64 17.76
C GLN D 609 -7.52 -22.79 19.22
N PHE D 610 -8.81 -22.97 19.48
CA PHE D 610 -9.35 -23.07 20.83
C PHE D 610 -9.87 -24.47 21.16
N SER D 611 -9.25 -25.50 20.61
CA SER D 611 -9.64 -26.88 20.91
C SER D 611 -9.50 -27.20 22.39
N ARG D 612 -8.26 -27.41 22.83
CA ARG D 612 -7.95 -27.78 24.20
C ARG D 612 -7.16 -26.72 24.95
N ARG D 613 -6.44 -25.87 24.22
CA ARG D 613 -5.69 -24.81 24.86
C ARG D 613 -6.62 -23.97 25.71
N THR D 614 -6.14 -23.53 26.88
CA THR D 614 -6.85 -22.55 27.67
C THR D 614 -6.27 -21.18 27.34
N TYR D 615 -7.16 -20.22 27.07
CA TYR D 615 -6.77 -19.00 26.40
C TYR D 615 -6.89 -17.81 27.35
N LYS D 616 -5.95 -16.88 27.23
CA LYS D 616 -5.90 -15.72 28.12
C LYS D 616 -6.94 -14.75 27.60
N MET D 617 -8.07 -14.68 28.30
CA MET D 617 -9.15 -13.76 27.98
C MET D 617 -8.90 -12.33 28.48
N ALA D 625 -6.44 -18.42 33.28
CA ALA D 625 -7.09 -18.30 31.98
C ALA D 625 -8.51 -18.84 32.01
N VAL D 626 -9.11 -18.97 30.83
CA VAL D 626 -10.44 -19.54 30.67
C VAL D 626 -10.35 -20.69 29.67
N SER D 627 -11.10 -21.76 29.93
CA SER D 627 -11.01 -22.95 29.11
C SER D 627 -11.62 -22.71 27.73
N GLY D 628 -10.95 -23.25 26.71
CA GLY D 628 -11.34 -23.03 25.34
C GLY D 628 -12.69 -23.60 24.97
N ASP D 629 -13.23 -24.52 25.77
CA ASP D 629 -14.37 -25.30 25.32
C ASP D 629 -15.69 -24.59 25.60
N LYS D 630 -15.90 -24.16 26.86
CA LYS D 630 -17.08 -23.35 27.15
C LYS D 630 -17.05 -22.05 26.36
N ILE D 631 -15.86 -21.58 25.97
CA ILE D 631 -15.76 -20.52 24.97
C ILE D 631 -16.50 -20.94 23.71
N LEU D 632 -16.15 -22.10 23.16
CA LEU D 632 -16.83 -22.59 21.96
C LEU D 632 -18.29 -22.87 22.22
N SER D 633 -18.63 -23.24 23.46
CA SER D 633 -20.03 -23.42 23.82
C SER D 633 -20.82 -22.13 23.69
N VAL D 634 -20.18 -20.98 23.97
CA VAL D 634 -20.88 -19.70 23.92
C VAL D 634 -21.28 -19.32 22.49
N MET D 635 -20.42 -19.60 21.49
CA MET D 635 -20.71 -19.20 20.11
C MET D 635 -21.21 -20.36 19.25
N GLU D 636 -21.85 -21.36 19.85
CA GLU D 636 -22.47 -22.45 19.10
C GLU D 636 -21.53 -23.07 18.08
N LEU D 637 -20.27 -23.22 18.48
CA LEU D 637 -19.28 -23.91 17.65
C LEU D 637 -18.91 -25.26 18.23
N ASP D 638 -19.70 -25.75 19.19
CA ASP D 638 -19.40 -26.94 19.96
C ASP D 638 -19.69 -28.21 19.17
N SER D 639 -20.93 -28.37 18.70
CA SER D 639 -21.33 -29.54 17.94
C SER D 639 -20.48 -29.70 16.68
N TYR D 640 -20.64 -30.87 16.04
CA TYR D 640 -19.90 -31.26 14.83
C TYR D 640 -18.41 -31.36 15.10
N PRO D 641 -17.91 -32.53 15.50
CA PRO D 641 -16.46 -32.66 15.73
C PRO D 641 -15.70 -32.46 14.43
N LEU D 642 -14.40 -32.17 14.59
CA LEU D 642 -13.60 -31.62 13.48
C LEU D 642 -13.61 -32.53 12.26
N TYR D 643 -13.43 -33.84 12.46
CA TYR D 643 -13.31 -34.73 11.30
C TYR D 643 -14.55 -34.68 10.43
N ALA D 644 -15.73 -34.50 11.03
CA ALA D 644 -16.94 -34.34 10.23
C ALA D 644 -16.89 -33.07 9.39
N ILE D 645 -16.42 -31.97 9.98
CA ILE D 645 -16.32 -30.70 9.26
C ILE D 645 -15.47 -30.86 8.00
N TYR D 646 -14.43 -31.67 8.09
CA TYR D 646 -13.59 -31.92 6.91
C TYR D 646 -14.37 -32.65 5.84
N LEU D 647 -15.17 -33.64 6.23
CA LEU D 647 -16.02 -34.32 5.26
C LEU D 647 -17.04 -33.36 4.67
N ILE D 648 -17.64 -32.50 5.49
CA ILE D 648 -18.65 -31.57 5.00
C ILE D 648 -18.08 -30.64 3.93
N VAL D 649 -16.93 -30.02 4.21
CA VAL D 649 -16.29 -29.18 3.20
C VAL D 649 -15.99 -29.99 1.95
N ILE D 650 -15.53 -31.23 2.13
CA ILE D 650 -15.37 -32.14 1.00
C ILE D 650 -16.73 -32.55 0.45
N GLY D 651 -17.73 -32.70 1.33
CA GLY D 651 -19.07 -33.01 0.86
C GLY D 651 -19.72 -31.85 0.12
N LEU D 652 -19.46 -30.62 0.56
CA LEU D 652 -20.06 -29.47 -0.12
C LEU D 652 -19.44 -29.24 -1.49
N SER D 653 -18.12 -29.35 -1.60
CA SER D 653 -17.50 -29.33 -2.92
C SER D 653 -17.98 -30.52 -3.76
N GLY D 654 -18.37 -31.61 -3.10
CA GLY D 654 -18.92 -32.74 -3.83
C GLY D 654 -20.15 -32.38 -4.64
N GLY D 655 -21.15 -31.77 -3.99
CA GLY D 655 -22.36 -31.41 -4.69
C GLY D 655 -22.11 -30.50 -5.90
N PHE D 656 -21.25 -29.51 -5.72
CA PHE D 656 -20.93 -28.61 -6.82
C PHE D 656 -20.38 -29.37 -8.03
N MET D 657 -19.51 -30.36 -7.79
CA MET D 657 -19.02 -31.16 -8.90
C MET D 657 -20.17 -31.81 -9.65
N VAL D 658 -21.15 -32.34 -8.92
CA VAL D 658 -22.33 -32.92 -9.55
C VAL D 658 -23.00 -31.88 -10.45
N LEU D 659 -23.12 -30.65 -9.97
CA LEU D 659 -23.59 -29.59 -10.85
C LEU D 659 -22.67 -29.42 -12.05
N TYR D 660 -21.35 -29.47 -11.81
CA TYR D 660 -20.40 -29.14 -12.85
C TYR D 660 -20.40 -30.20 -13.95
N TYR D 661 -20.43 -31.49 -13.58
CA TYR D 661 -20.52 -32.53 -14.61
C TYR D 661 -21.88 -32.54 -15.28
N VAL D 662 -22.96 -32.38 -14.51
CA VAL D 662 -24.31 -32.37 -15.10
C VAL D 662 -24.49 -31.14 -15.98
N SER D 663 -23.92 -29.99 -15.56
CA SER D 663 -23.95 -28.82 -16.41
C SER D 663 -23.18 -29.06 -17.70
N LEU D 664 -21.96 -29.59 -17.59
CA LEU D 664 -21.12 -29.79 -18.77
C LEU D 664 -21.77 -30.75 -19.76
N ARG D 665 -22.25 -31.91 -19.28
CA ARG D 665 -22.68 -32.95 -20.21
C ARG D 665 -23.95 -32.54 -20.96
N PHE D 666 -24.77 -31.66 -20.38
CA PHE D 666 -26.07 -31.35 -20.95
C PHE D 666 -26.23 -29.90 -21.39
N ILE D 667 -25.72 -28.92 -20.64
CA ILE D 667 -25.82 -27.52 -21.05
C ILE D 667 -24.59 -27.16 -21.89
N LYS D 668 -24.83 -26.73 -23.12
CA LYS D 668 -23.75 -26.44 -24.07
C LYS D 668 -23.06 -25.12 -23.73
N GLN D 669 -21.76 -25.05 -24.05
CA GLN D 669 -20.90 -23.91 -23.74
C GLN D 669 -20.57 -23.08 -24.99
N LYS D 670 -21.52 -22.25 -25.41
CA LYS D 670 -21.30 -21.32 -26.52
C LYS D 670 -20.27 -20.25 -26.12
N PRO D 671 -19.27 -19.97 -26.95
CA PRO D 671 -18.32 -18.89 -26.63
C PRO D 671 -18.97 -17.51 -26.64
N SER D 672 -18.40 -16.62 -25.83
CA SER D 672 -18.83 -15.23 -25.64
C SER D 672 -20.34 -14.98 -25.81
#